data_5HJR
#
_entry.id   5HJR
#
_cell.length_a   103.512
_cell.length_b   174.664
_cell.length_c   63.714
_cell.angle_alpha   90.00
_cell.angle_beta   91.31
_cell.angle_gamma   90.00
#
_symmetry.space_group_name_H-M   'P 1 21 1'
#
loop_
_entity.id
_entity.type
_entity.pdbx_description
1 polymer 'Neutral alpha-glucosidase AB'
2 polymer 'Glucosidase 2 subunit beta'
3 branched alpha-D-mannopyranose-(1-3)-beta-D-mannopyranose-(1-4)-2-acetamido-2-deoxy-beta-D-glucopyranose-(1-4)-2-acetamido-2-deoxy-beta-D-glucopyranose
4 branched alpha-D-mannopyranose-(1-3)-[alpha-D-mannopyranose-(1-6)]beta-D-mannopyranose-(1-4)-2-acetamido-2-deoxy-beta-D-glucopyranose-(1-4)-2-acetamido-2-deoxy-beta-D-glucopyranose
5 non-polymer 1,2-ETHANEDIOL
6 non-polymer 'FORMIC ACID'
7 non-polymer 5-fluoro-beta-D-glucopyranose
8 non-polymer 'HEXAETHYLENE GLYCOL'
9 non-polymer 'OXAMIC ACID'
10 non-polymer 'D(-)-TARTARIC ACID'
11 non-polymer 'CALCIUM ION'
12 water water
#
loop_
_entity_poly.entity_id
_entity_poly.type
_entity_poly.pdbx_seq_one_letter_code
_entity_poly.pdbx_strand_id
1 'polypeptide(L)'
;VDRSNFKTCDESSFCKRQRSIRPGLSPYRALLDTLQLGPDALTVHLIHEVTKVLLVLELQGLQKNMTRIRIDELEPRRPR
YRVPDVLVADPPTARLSVSGRDDNSVELTVAEGPYKIILTAQPFRLDLLEDRSLLLSVNARGLMAFEHQRAPREPGAWEE
TFKTHSDSKPYGPTSVGLDFSLPGMEHVYGIPEHADSLRLKVTEGGEPYRLYNLDVFQYELNNPMALYGSVPVLLAHSFH
RDLGIFWLNAAETWVDISSNTPQTDIRWMSESGIIDVFLMLGPSVFDVFRQYASLTGTQALPPLFSLGYHQSRWNYRDEA
DVLEVDQGFDDHNMPCDVIWLDIEHADGKRYFTWDPTRFPQPLNMLEHLASKRRKLVAIVDPHIKVDSGYRVHEELRNHG
LYVKTRDGSDYEGWCWPGSASYPDFTNPRMRAWWSNMFSFDNYEGSAPNLYVWNDMNEPSVFNGPEVTMLKDAVHYGGWE
HRDIHNIYGLYVHMATADGLIQRSGGIERPFVLSRAFFSGSQRFGAVWTGDNTAEWDHLKISIPMCLSLALVGLSFCGAD
VGGFFKNPEPELLVRWYQMGAYQPFFRAHAHLDTGRREPWLLASQYQDAIRDALFQRYSLLPFWYTLFYQAHKEGFPVMR
PLWVQYPEDMSTFSIEDQFMLGDALLIHPVSDAGAHGVQVYLPGQEEVWYDIQSYQKHHGPQTLYLPVTLSSIPVFQRGG
TIVPRWMRVRRSSDCMKDDPITLFVALSPQGTAQGELFLDDGHTFNYQTRHEFLLRRFSFSGSTLVSSSADPKGHLETPI
WIERVVIMGAGKPAAVVLQTKGSPESRLSFQHDPETSVLILRKPGVSVASDWSIHLR
;
A,C
2 'polypeptide(L)'
;KPFTCLDGTATIPFDQVNDDYCDCKDGSDEPGTAACPNGSFHCTNTGYKPLYILSSRVNDGVCDCCDGTDEYNSGTVCEN
TCR
;
B,D
#
# COMPACT_ATOMS: atom_id res chain seq x y z
N VAL A 1 7.61 25.50 2.01
CA VAL A 1 7.70 25.74 3.45
C VAL A 1 6.65 26.65 4.02
N ASP A 2 6.31 26.38 5.28
CA ASP A 2 5.53 27.29 6.11
C ASP A 2 6.61 27.92 7.01
N ARG A 3 7.10 29.11 6.61
CA ARG A 3 8.17 29.79 7.35
C ARG A 3 7.76 30.20 8.77
N SER A 4 6.45 30.38 9.05
CA SER A 4 5.99 30.75 10.38
C SER A 4 6.23 29.66 11.42
N ASN A 5 6.47 28.39 11.00
CA ASN A 5 6.75 27.27 11.90
C ASN A 5 8.21 27.28 12.39
N PHE A 6 9.09 28.10 11.79
CA PHE A 6 10.52 28.13 12.10
C PHE A 6 10.94 29.52 12.49
N LYS A 7 11.73 29.63 13.55
CA LYS A 7 12.20 30.91 14.05
C LYS A 7 13.20 31.62 13.14
N THR A 8 13.02 32.92 12.98
CA THR A 8 13.97 33.81 12.34
C THR A 8 14.87 34.26 13.50
N CYS A 9 15.99 34.92 13.22
CA CYS A 9 16.89 35.37 14.28
C CYS A 9 16.18 36.25 15.31
N ASP A 10 15.30 37.15 14.86
CA ASP A 10 14.55 38.01 15.79
C ASP A 10 13.62 37.21 16.74
N GLU A 11 13.18 36.00 16.34
CA GLU A 11 12.31 35.12 17.14
C GLU A 11 13.05 34.18 18.08
N SER A 12 14.38 34.13 17.98
CA SER A 12 15.25 33.34 18.85
C SER A 12 15.91 34.37 19.76
N SER A 13 15.49 34.48 21.04
CA SER A 13 15.99 35.55 21.89
C SER A 13 17.49 35.65 21.98
N PHE A 14 18.20 34.52 22.08
CA PHE A 14 19.65 34.59 22.16
C PHE A 14 20.27 35.11 20.87
N CYS A 15 19.68 34.81 19.70
CA CYS A 15 20.22 35.32 18.44
C CYS A 15 20.01 36.82 18.39
N LYS A 16 18.81 37.26 18.74
CA LYS A 16 18.51 38.69 18.76
C LYS A 16 19.44 39.46 19.72
N ARG A 17 19.69 38.92 20.92
CA ARG A 17 20.60 39.56 21.88
C ARG A 17 22.01 39.65 21.32
N GLN A 18 22.55 38.52 20.81
CA GLN A 18 23.92 38.50 20.27
C GLN A 18 24.03 39.40 19.06
N ARG A 19 23.10 39.27 18.11
CA ARG A 19 23.18 40.03 16.86
C ARG A 19 23.02 41.55 17.05
N SER A 20 22.38 41.99 18.16
CA SER A 20 22.23 43.42 18.47
C SER A 20 23.58 44.07 18.82
N ILE A 21 24.58 43.28 19.20
CA ILE A 21 25.92 43.81 19.48
C ILE A 21 26.55 44.12 18.11
N ARG A 22 26.94 45.37 17.92
CA ARG A 22 27.52 45.82 16.65
C ARG A 22 29.01 46.10 16.85
N PRO A 23 29.80 46.14 15.76
CA PRO A 23 31.24 46.36 15.90
C PRO A 23 31.62 47.54 16.76
N GLY A 24 32.68 47.39 17.54
CA GLY A 24 33.12 48.42 18.47
C GLY A 24 34.28 47.94 19.32
N LEU A 25 34.58 48.69 20.37
CA LEU A 25 35.67 48.36 21.29
C LEU A 25 35.14 47.28 22.23
N SER A 26 35.83 46.14 22.29
CA SER A 26 35.36 45.05 23.12
C SER A 26 35.48 45.40 24.62
N PRO A 27 34.47 45.07 25.45
CA PRO A 27 34.65 45.27 26.91
C PRO A 27 35.55 44.20 27.54
N TYR A 28 35.97 43.17 26.79
CA TYR A 28 36.84 42.13 27.31
C TYR A 28 38.30 42.54 27.24
N ARG A 29 39.04 42.25 28.32
CA ARG A 29 40.48 42.43 28.35
C ARG A 29 41.16 41.25 29.04
N ALA A 30 42.36 40.88 28.59
CA ALA A 30 43.14 39.80 29.19
C ALA A 30 43.94 40.39 30.36
N LEU A 31 43.99 39.68 31.48
CA LEU A 31 44.73 40.09 32.66
C LEU A 31 46.07 39.36 32.58
N LEU A 32 47.08 40.01 31.98
CA LEU A 32 48.37 39.37 31.71
C LEU A 32 49.15 38.91 32.94
N ASP A 33 48.86 39.46 34.14
CA ASP A 33 49.49 38.96 35.37
C ASP A 33 49.05 37.52 35.66
N THR A 34 47.85 37.10 35.17
CA THR A 34 47.33 35.74 35.36
C THR A 34 47.79 34.75 34.29
N LEU A 35 48.60 35.20 33.32
CA LEU A 35 49.08 34.34 32.24
C LEU A 35 49.94 33.22 32.77
N GLN A 36 49.64 31.98 32.35
CA GLN A 36 50.41 30.79 32.70
C GLN A 36 50.71 30.05 31.41
N LEU A 37 51.96 29.63 31.21
CA LEU A 37 52.37 28.92 30.03
C LEU A 37 52.99 27.57 30.38
N GLY A 38 52.44 26.51 29.78
CA GLY A 38 52.92 25.15 29.93
C GLY A 38 53.27 24.57 28.58
N PRO A 39 53.77 23.32 28.53
CA PRO A 39 54.11 22.72 27.24
C PRO A 39 52.92 22.46 26.30
N ASP A 40 51.70 22.26 26.86
CA ASP A 40 50.49 21.98 26.08
C ASP A 40 49.57 23.18 25.86
N ALA A 41 49.58 24.19 26.74
CA ALA A 41 48.68 25.33 26.61
C ALA A 41 49.17 26.58 27.27
N LEU A 42 48.57 27.70 26.88
CA LEU A 42 48.72 28.99 27.53
C LEU A 42 47.34 29.25 28.11
N THR A 43 47.24 29.68 29.38
CA THR A 43 45.96 30.06 29.99
C THR A 43 46.08 31.46 30.51
N VAL A 44 44.99 32.22 30.45
CA VAL A 44 44.97 33.58 30.95
C VAL A 44 43.54 33.96 31.27
N HIS A 45 43.34 34.77 32.29
CA HIS A 45 42.00 35.20 32.67
C HIS A 45 41.62 36.40 31.80
N LEU A 46 40.33 36.47 31.42
CA LEU A 46 39.75 37.60 30.70
C LEU A 46 38.71 38.17 31.63
N ILE A 47 38.48 39.48 31.58
CA ILE A 47 37.45 40.11 32.39
C ILE A 47 36.57 41.01 31.53
N HIS A 48 35.26 41.04 31.80
CA HIS A 48 34.33 41.96 31.15
C HIS A 48 34.44 43.24 32.00
N GLU A 49 34.82 44.36 31.37
CA GLU A 49 35.04 45.62 32.10
C GLU A 49 33.85 46.17 32.88
N VAL A 50 32.61 45.92 32.44
CA VAL A 50 31.43 46.45 33.10
C VAL A 50 30.91 45.47 34.17
N THR A 51 30.67 44.20 33.80
CA THR A 51 30.08 43.24 34.73
C THR A 51 31.11 42.63 35.68
N LYS A 52 32.40 42.71 35.34
CA LYS A 52 33.51 42.15 36.12
C LYS A 52 33.52 40.62 36.13
N VAL A 53 32.78 39.96 35.21
CA VAL A 53 32.75 38.50 35.07
C VAL A 53 34.11 38.05 34.59
N LEU A 54 34.64 36.98 35.19
CA LEU A 54 35.94 36.42 34.83
C LEU A 54 35.77 35.16 34.00
N LEU A 55 36.51 35.09 32.90
CA LEU A 55 36.52 33.96 32.00
C LEU A 55 37.95 33.48 31.95
N VAL A 56 38.13 32.26 31.45
CA VAL A 56 39.45 31.67 31.27
C VAL A 56 39.61 31.35 29.80
N LEU A 57 40.69 31.82 29.19
CA LEU A 57 41.10 31.50 27.83
C LEU A 57 42.17 30.40 27.91
N GLU A 58 41.95 29.27 27.22
CA GLU A 58 42.95 28.22 27.06
C GLU A 58 43.32 28.23 25.59
N LEU A 59 44.54 28.69 25.29
CA LEU A 59 45.06 28.87 23.95
C LEU A 59 46.09 27.80 23.68
N GLN A 60 45.96 27.07 22.57
CA GLN A 60 46.89 25.99 22.25
C GLN A 60 47.32 25.96 20.83
N GLY A 61 48.61 25.78 20.65
CA GLY A 61 49.21 25.49 19.36
C GLY A 61 49.03 24.00 19.20
N LEU A 62 48.76 23.54 18.00
CA LEU A 62 48.59 22.12 17.74
C LEU A 62 49.45 21.69 16.59
N GLN A 63 49.78 20.40 16.56
CA GLN A 63 50.51 19.82 15.45
C GLN A 63 49.64 19.94 14.21
N LYS A 64 50.28 19.95 13.04
CA LYS A 64 49.63 20.03 11.73
C LYS A 64 49.01 21.41 11.49
N ASN A 65 49.66 22.49 11.92
CA ASN A 65 49.21 23.85 11.62
C ASN A 65 47.80 24.21 12.08
N MET A 66 47.49 23.90 13.33
CA MET A 66 46.20 24.29 13.87
C MET A 66 46.39 25.01 15.19
N THR A 67 45.35 25.72 15.63
CA THR A 67 45.30 26.40 16.90
C THR A 67 43.95 26.13 17.49
N ARG A 68 43.88 25.89 18.79
CA ARG A 68 42.62 25.71 19.50
C ARG A 68 42.43 26.83 20.51
N ILE A 69 41.23 27.38 20.53
CA ILE A 69 40.85 28.43 21.46
C ILE A 69 39.64 27.93 22.23
N ARG A 70 39.73 27.90 23.56
CA ARG A 70 38.62 27.53 24.42
C ARG A 70 38.43 28.61 25.46
N ILE A 71 37.20 29.11 25.62
CA ILE A 71 36.86 30.12 26.61
C ILE A 71 35.68 29.61 27.43
N ASP A 72 35.80 29.67 28.76
CA ASP A 72 34.76 29.22 29.69
C ASP A 72 34.79 30.17 30.89
N GLU A 73 33.74 30.15 31.70
CA GLU A 73 33.69 30.95 32.91
C GLU A 73 34.75 30.46 33.91
N LEU A 74 35.38 31.36 34.66
CA LEU A 74 36.38 30.96 35.64
C LEU A 74 35.72 30.26 36.83
N GLU A 75 34.57 30.79 37.33
CA GLU A 75 33.86 30.22 38.46
C GLU A 75 32.36 30.10 38.12
N PRO A 76 31.99 29.08 37.33
CA PRO A 76 30.58 28.96 36.94
C PRO A 76 29.67 28.42 38.05
N ARG A 77 28.40 28.83 38.02
CA ARG A 77 27.37 28.31 38.93
C ARG A 77 27.20 26.82 38.71
N ARG A 78 27.28 26.39 37.42
CA ARG A 78 27.23 24.98 37.04
C ARG A 78 28.05 24.76 35.78
N PRO A 79 28.64 23.57 35.60
CA PRO A 79 29.46 23.37 34.40
C PRO A 79 28.71 23.59 33.08
N ARG A 80 29.43 24.10 32.08
CA ARG A 80 28.90 24.31 30.74
C ARG A 80 29.20 23.09 29.89
N TYR A 81 28.34 22.84 28.90
CA TYR A 81 28.50 21.68 28.02
C TYR A 81 29.75 21.79 27.14
N ARG A 82 30.44 20.67 26.97
CA ARG A 82 31.61 20.51 26.10
C ARG A 82 31.28 19.28 25.23
N VAL A 83 31.35 19.42 23.91
CA VAL A 83 30.86 18.37 23.02
C VAL A 83 31.66 17.08 23.11
N PRO A 84 31.01 15.96 23.50
CA PRO A 84 31.72 14.66 23.53
C PRO A 84 31.57 13.89 22.23
N ASP A 85 32.40 12.84 22.08
CA ASP A 85 32.34 11.81 21.03
C ASP A 85 32.51 12.27 19.57
N VAL A 86 32.78 13.55 19.33
CA VAL A 86 32.98 14.08 17.97
C VAL A 86 34.47 14.01 17.65
N LEU A 87 35.31 14.47 18.57
CA LEU A 87 36.76 14.40 18.39
C LEU A 87 37.22 12.94 18.55
N VAL A 88 38.05 12.44 17.61
CA VAL A 88 38.54 11.06 17.62
C VAL A 88 39.74 10.83 18.50
N ALA A 89 40.41 11.90 18.91
CA ALA A 89 41.57 11.82 19.78
C ALA A 89 41.77 13.13 20.47
N ASP A 90 42.64 13.15 21.48
CA ASP A 90 43.04 14.41 22.13
C ASP A 90 44.11 14.94 21.13
N PRO A 91 43.84 16.05 20.44
CA PRO A 91 44.79 16.49 19.40
C PRO A 91 46.23 16.72 19.88
N PRO A 92 47.26 16.17 19.21
CA PRO A 92 48.65 16.44 19.63
C PRO A 92 48.99 17.93 19.61
N THR A 93 49.56 18.43 20.71
CA THR A 93 49.88 19.86 20.83
C THR A 93 51.26 20.22 20.30
N ALA A 94 51.48 21.53 20.13
CA ALA A 94 52.76 22.13 19.75
C ALA A 94 53.02 23.21 20.81
N ARG A 95 54.28 23.34 21.25
CA ARG A 95 54.62 24.25 22.34
C ARG A 95 54.60 25.71 21.92
N LEU A 96 54.03 26.57 22.77
CA LEU A 96 54.03 28.02 22.57
C LEU A 96 55.18 28.61 23.39
N SER A 97 56.02 29.45 22.76
CA SER A 97 57.15 30.13 23.41
C SER A 97 56.94 31.63 23.32
N VAL A 98 57.20 32.37 24.40
CA VAL A 98 57.07 33.81 24.38
C VAL A 98 58.28 34.38 23.61
N SER A 99 58.04 35.02 22.44
CA SER A 99 59.10 35.65 21.64
C SER A 99 59.07 37.19 21.71
N GLY A 100 58.08 37.73 22.41
CA GLY A 100 57.92 39.17 22.60
C GLY A 100 56.89 39.46 23.68
N ARG A 101 57.09 40.52 24.47
CA ARG A 101 56.15 40.82 25.55
C ARG A 101 56.28 42.27 26.01
N ASP A 102 55.15 42.98 26.16
CA ASP A 102 55.11 44.34 26.69
C ASP A 102 53.91 44.44 27.64
N ASP A 103 53.53 45.66 28.06
CA ASP A 103 52.41 45.81 28.99
C ASP A 103 51.06 45.48 28.40
N ASN A 104 50.89 45.53 27.06
CA ASN A 104 49.60 45.24 26.44
C ASN A 104 49.62 44.11 25.42
N SER A 105 50.73 43.37 25.26
CA SER A 105 50.79 42.35 24.23
C SER A 105 51.79 41.27 24.54
N VAL A 106 51.53 40.06 24.03
CA VAL A 106 52.42 38.91 24.14
C VAL A 106 52.47 38.27 22.77
N GLU A 107 53.68 38.02 22.24
CA GLU A 107 53.87 37.37 20.96
C GLU A 107 54.34 35.96 21.27
N LEU A 108 53.68 34.95 20.69
CA LEU A 108 53.99 33.55 20.94
C LEU A 108 54.41 32.90 19.65
N THR A 109 55.43 32.06 19.71
CA THR A 109 55.90 31.31 18.55
C THR A 109 55.41 29.89 18.76
N VAL A 110 54.92 29.25 17.67
CA VAL A 110 54.44 27.88 17.74
C VAL A 110 55.61 27.02 17.36
N ALA A 111 56.00 26.10 18.26
CA ALA A 111 57.15 25.21 18.06
C ALA A 111 58.40 26.05 17.63
N GLU A 112 59.07 25.73 16.50
CA GLU A 112 60.22 26.51 16.03
C GLU A 112 59.83 27.45 14.86
N GLY A 113 58.56 27.86 14.80
CA GLY A 113 58.07 28.72 13.73
C GLY A 113 57.68 27.90 12.52
N PRO A 114 57.12 28.55 11.48
CA PRO A 114 56.93 29.99 11.29
C PRO A 114 55.65 30.59 11.86
N TYR A 115 54.76 29.78 12.44
CA TYR A 115 53.50 30.32 12.95
C TYR A 115 53.69 31.05 14.26
N LYS A 116 52.97 32.16 14.40
CA LYS A 116 53.02 32.99 15.58
C LYS A 116 51.62 33.44 15.95
N ILE A 117 51.40 33.69 17.25
CA ILE A 117 50.14 34.19 17.75
C ILE A 117 50.42 35.45 18.57
N ILE A 118 49.72 36.54 18.28
CA ILE A 118 49.84 37.77 19.08
C ILE A 118 48.58 37.90 19.92
N LEU A 119 48.75 37.90 21.23
CA LEU A 119 47.68 38.15 22.19
C LEU A 119 47.75 39.61 22.62
N THR A 120 46.72 40.41 22.32
CA THR A 120 46.63 41.79 22.77
C THR A 120 45.72 41.78 23.99
N ALA A 121 46.14 42.41 25.07
CA ALA A 121 45.37 42.43 26.32
C ALA A 121 44.15 43.33 26.27
N GLN A 122 44.30 44.59 25.84
CA GLN A 122 43.21 45.54 25.87
C GLN A 122 43.08 46.33 24.58
N PRO A 123 41.96 46.19 23.84
CA PRO A 123 40.87 45.20 24.02
C PRO A 123 41.41 43.81 23.67
N PHE A 124 40.82 42.76 24.26
CA PHE A 124 41.23 41.38 24.00
C PHE A 124 41.17 41.06 22.49
N ARG A 125 42.27 40.55 21.95
CA ARG A 125 42.37 40.18 20.54
C ARG A 125 43.42 39.09 20.36
N LEU A 126 43.25 38.23 19.36
CA LEU A 126 44.26 37.27 18.96
C LEU A 126 44.51 37.45 17.48
N ASP A 127 45.78 37.47 17.07
CA ASP A 127 46.18 37.55 15.67
C ASP A 127 47.01 36.33 15.38
N LEU A 128 46.70 35.62 14.29
CA LEU A 128 47.43 34.42 13.89
C LEU A 128 48.18 34.73 12.63
N LEU A 129 49.50 34.55 12.63
CA LEU A 129 50.35 34.84 11.46
C LEU A 129 51.23 33.67 11.09
N GLU A 130 51.69 33.66 9.84
CA GLU A 130 52.74 32.77 9.36
C GLU A 130 53.82 33.77 9.01
N ASP A 131 54.92 33.79 9.78
CA ASP A 131 56.00 34.76 9.61
C ASP A 131 55.41 36.18 9.73
N ARG A 132 55.41 36.99 8.66
CA ARG A 132 54.86 38.35 8.68
C ARG A 132 53.49 38.43 8.00
N SER A 133 52.90 37.27 7.57
CA SER A 133 51.61 37.23 6.89
C SER A 133 50.50 37.02 7.89
N LEU A 134 49.61 38.01 8.06
CA LEU A 134 48.48 37.89 8.99
C LEU A 134 47.44 36.99 8.32
N LEU A 135 47.09 35.87 8.96
CA LEU A 135 46.12 34.91 8.43
C LEU A 135 44.71 35.19 8.92
N LEU A 136 44.57 35.42 10.22
CA LEU A 136 43.27 35.60 10.83
C LEU A 136 43.38 36.37 12.15
N SER A 137 42.33 37.12 12.47
CA SER A 137 42.22 37.81 13.74
C SER A 137 40.96 37.34 14.43
N VAL A 138 40.97 37.34 15.74
CA VAL A 138 39.88 36.89 16.59
C VAL A 138 39.46 38.09 17.44
N ASN A 139 38.16 38.39 17.46
CA ASN A 139 37.58 39.52 18.19
C ASN A 139 38.03 40.89 17.62
N ALA A 140 38.38 40.94 16.34
CA ALA A 140 38.80 42.19 15.70
C ALA A 140 37.70 43.25 15.67
N ARG A 141 36.43 42.83 15.52
CA ARG A 141 35.29 43.75 15.50
C ARG A 141 34.63 43.88 16.90
N GLY A 142 35.26 43.32 17.92
CA GLY A 142 34.79 43.36 19.30
C GLY A 142 33.41 42.77 19.51
N LEU A 143 33.10 41.68 18.79
CA LEU A 143 31.79 41.02 18.89
C LEU A 143 31.77 39.82 19.83
N MET A 144 32.89 39.54 20.54
CA MET A 144 32.88 38.49 21.54
C MET A 144 31.78 38.78 22.56
N ALA A 145 31.00 37.77 22.92
CA ALA A 145 29.92 37.92 23.89
C ALA A 145 29.75 36.62 24.62
N PHE A 146 29.90 36.64 25.93
CA PHE A 146 29.79 35.44 26.74
C PHE A 146 28.82 35.72 27.86
N GLU A 147 27.57 35.27 27.69
CA GLU A 147 26.55 35.51 28.70
C GLU A 147 26.81 34.58 29.87
N HIS A 148 27.27 35.11 31.02
CA HIS A 148 27.54 34.28 32.20
C HIS A 148 26.26 33.70 32.80
N GLN A 149 26.35 32.56 33.48
CA GLN A 149 25.18 31.94 34.10
C GLN A 149 24.75 32.77 35.34
N ARG A 150 23.54 33.34 35.28
CA ARG A 150 22.95 34.14 36.36
C ARG A 150 22.20 33.21 37.33
N ALA A 151 21.77 33.71 38.51
CA ALA A 151 21.03 32.89 39.50
C ALA A 151 19.78 32.23 38.87
N PRO A 152 19.69 30.86 38.81
CA PRO A 152 18.50 30.23 38.18
C PRO A 152 17.17 30.60 38.84
N GLU A 154 14.78 42.80 28.91
CA GLU A 154 15.22 41.44 28.62
C GLU A 154 14.04 40.48 28.18
N PRO A 155 13.23 40.88 27.16
CA PRO A 155 12.16 39.98 26.67
C PRO A 155 12.68 38.64 26.14
N GLY A 156 12.16 37.55 26.68
CA GLY A 156 12.55 36.21 26.26
C GLY A 156 13.90 35.73 26.77
N ALA A 157 14.59 36.50 27.65
CA ALA A 157 15.89 36.07 28.21
C ALA A 157 15.73 34.85 29.12
N TRP A 158 14.63 34.78 29.89
CA TRP A 158 14.28 33.66 30.75
C TRP A 158 13.16 32.88 30.03
N GLU A 159 11.96 32.70 30.63
CA GLU A 159 10.85 31.96 29.99
C GLU A 159 10.56 32.58 28.63
N GLU A 160 10.32 31.73 27.61
CA GLU A 160 10.18 32.20 26.24
C GLU A 160 9.20 31.30 25.51
N THR A 161 8.23 31.88 24.80
CA THR A 161 7.23 31.08 24.07
C THR A 161 7.40 31.26 22.57
N PHE A 162 7.22 30.17 21.84
CA PHE A 162 7.23 30.15 20.38
C PHE A 162 5.96 29.42 20.01
N LYS A 163 5.02 30.15 19.41
CA LYS A 163 3.69 29.64 19.06
C LYS A 163 2.98 29.29 20.40
N THR A 164 2.69 28.01 20.65
CA THR A 164 2.05 27.59 21.90
C THR A 164 3.05 26.89 22.83
N HIS A 165 4.34 26.82 22.44
CA HIS A 165 5.34 26.09 23.21
C HIS A 165 6.16 26.99 24.11
N SER A 166 6.07 26.76 25.42
CA SER A 166 6.77 27.54 26.41
C SER A 166 8.07 26.86 26.81
N ASP A 167 9.20 27.51 26.58
CA ASP A 167 10.50 27.04 27.03
C ASP A 167 10.67 27.65 28.41
N SER A 168 10.73 26.80 29.45
CA SER A 168 10.87 27.28 30.83
C SER A 168 12.24 27.90 31.13
N LYS A 169 13.24 27.61 30.29
CA LYS A 169 14.57 28.22 30.35
C LYS A 169 15.09 28.39 31.79
N PRO A 170 15.32 27.28 32.51
CA PRO A 170 15.73 27.41 33.91
C PRO A 170 17.04 28.13 34.18
N TYR A 171 17.96 28.10 33.20
CA TYR A 171 19.27 28.70 33.38
C TYR A 171 19.42 30.08 32.75
N GLY A 172 18.35 30.60 32.15
CA GLY A 172 18.34 31.92 31.56
C GLY A 172 19.29 32.12 30.40
N PRO A 173 19.73 33.38 30.17
CA PRO A 173 20.64 33.66 29.03
C PRO A 173 22.07 33.17 29.25
N THR A 174 22.55 32.28 28.38
CA THR A 174 23.89 31.68 28.48
C THR A 174 24.60 31.60 27.13
N SER A 175 24.20 32.42 26.14
CA SER A 175 24.78 32.32 24.82
C SER A 175 26.21 32.82 24.75
N VAL A 176 26.94 32.26 23.78
CA VAL A 176 28.34 32.58 23.54
C VAL A 176 28.50 32.91 22.09
N GLY A 177 29.43 33.80 21.79
CA GLY A 177 29.67 34.17 20.41
C GLY A 177 31.00 34.86 20.25
N LEU A 178 31.57 34.74 19.06
CA LEU A 178 32.88 35.30 18.77
C LEU A 178 33.02 35.53 17.27
N ASP A 179 33.80 36.55 16.89
CA ASP A 179 34.02 36.88 15.49
C ASP A 179 35.45 36.62 15.04
N PHE A 180 35.59 36.35 13.74
CA PHE A 180 36.85 36.02 13.10
C PHE A 180 36.96 36.88 11.84
N SER A 181 38.18 37.38 11.55
CA SER A 181 38.46 38.20 10.37
C SER A 181 39.46 37.46 9.51
N LEU A 182 39.17 37.39 8.21
CA LEU A 182 39.95 36.64 7.25
C LEU A 182 40.45 37.59 6.14
N PRO A 183 41.54 38.32 6.41
CA PRO A 183 42.08 39.23 5.37
C PRO A 183 42.51 38.48 4.11
N GLY A 184 42.16 39.03 2.95
CA GLY A 184 42.47 38.45 1.65
C GLY A 184 41.46 37.43 1.17
N MET A 185 40.45 37.06 2.01
CA MET A 185 39.44 36.06 1.65
C MET A 185 38.16 36.75 1.24
N GLU A 186 37.63 36.37 0.06
CA GLU A 186 36.34 36.83 -0.47
C GLU A 186 35.35 35.68 -0.68
N HIS A 187 35.80 34.41 -0.56
CA HIS A 187 34.97 33.23 -0.85
C HIS A 187 35.00 32.30 0.32
N VAL A 188 33.82 31.98 0.89
CA VAL A 188 33.69 31.05 2.00
C VAL A 188 32.62 30.01 1.68
N TYR A 189 32.79 28.80 2.25
CA TYR A 189 31.97 27.63 1.95
C TYR A 189 31.70 26.81 3.20
N GLY A 190 30.75 25.88 3.11
CA GLY A 190 30.49 24.91 4.16
C GLY A 190 29.26 25.19 4.95
N ILE A 191 29.38 25.04 6.27
CA ILE A 191 28.29 25.10 7.23
C ILE A 191 26.98 24.49 6.66
N PRO A 192 27.00 23.24 6.14
CA PRO A 192 25.72 22.61 5.75
C PRO A 192 24.88 22.32 6.98
N GLU A 193 23.57 22.11 6.86
CA GLU A 193 22.83 21.91 5.61
C GLU A 193 21.87 23.01 5.29
N HIS A 194 22.05 23.62 4.11
CA HIS A 194 21.17 24.66 3.57
C HIS A 194 20.92 24.36 2.10
N ALA A 195 19.71 24.63 1.61
CA ALA A 195 19.37 24.48 0.19
C ALA A 195 19.77 25.82 -0.43
N ASP A 196 21.07 25.97 -0.66
CA ASP A 196 21.64 27.22 -1.12
C ASP A 196 22.91 27.00 -1.91
N SER A 197 23.48 28.10 -2.38
CA SER A 197 24.69 28.12 -3.18
C SER A 197 25.90 27.59 -2.44
N LEU A 198 26.81 27.00 -3.19
CA LEU A 198 28.08 26.49 -2.68
C LEU A 198 28.90 27.62 -2.05
N ARG A 199 29.10 28.72 -2.80
CA ARG A 199 29.78 29.89 -2.24
C ARG A 199 28.75 30.56 -1.36
N LEU A 200 29.07 30.73 -0.08
CA LEU A 200 28.11 31.30 0.86
C LEU A 200 27.91 32.79 0.63
N LYS A 201 26.68 33.25 0.90
CA LYS A 201 26.31 34.63 0.73
C LYS A 201 26.56 35.44 1.98
N VAL A 202 26.74 36.75 1.78
CA VAL A 202 26.86 37.72 2.86
C VAL A 202 25.47 37.77 3.47
N THR A 203 25.39 37.87 4.80
CA THR A 203 24.14 37.78 5.52
C THR A 203 23.70 39.13 6.13
N GLU A 204 24.52 40.18 5.93
CA GLU A 204 24.39 41.57 6.40
C GLU A 204 22.97 42.16 6.37
N GLY A 205 22.33 42.13 5.21
CA GLY A 205 20.99 42.67 5.07
C GLY A 205 19.83 41.71 5.27
N GLY A 206 20.11 40.48 5.73
CA GLY A 206 19.08 39.47 5.92
C GLY A 206 19.30 38.62 7.14
N GLU A 207 19.03 37.32 7.00
CA GLU A 207 19.15 36.37 8.10
C GLU A 207 20.53 35.77 8.16
N PRO A 208 21.08 35.45 9.35
CA PRO A 208 22.32 34.65 9.36
C PRO A 208 22.01 33.22 8.91
N TYR A 209 23.06 32.45 8.62
CA TYR A 209 22.86 31.02 8.33
C TYR A 209 22.56 30.35 9.66
N ARG A 210 21.62 29.41 9.68
CA ARG A 210 21.23 28.73 10.91
C ARG A 210 21.64 27.25 10.89
N LEU A 211 22.19 26.78 12.00
CA LEU A 211 22.60 25.38 12.17
C LEU A 211 21.79 24.82 13.33
N TYR A 212 20.69 24.14 13.01
CA TYR A 212 19.80 23.55 14.00
C TYR A 212 19.06 22.43 13.26
N ASN A 213 19.37 21.16 13.57
CA ASN A 213 18.79 20.03 12.85
C ASN A 213 17.27 20.05 12.94
N LEU A 214 16.60 20.30 11.80
CA LEU A 214 15.14 20.44 11.76
C LEU A 214 14.53 19.71 10.57
N ASP A 215 13.33 19.19 10.76
CA ASP A 215 12.54 18.51 9.73
C ASP A 215 11.66 19.62 9.09
N VAL A 216 12.05 20.09 7.90
CA VAL A 216 11.39 21.18 7.18
C VAL A 216 10.60 20.61 6.01
N PHE A 217 9.28 20.51 6.17
CA PHE A 217 8.34 19.95 5.16
C PHE A 217 8.29 20.85 3.93
N GLN A 218 8.52 20.27 2.73
CA GLN A 218 8.53 20.96 1.44
C GLN A 218 9.48 22.15 1.47
N TYR A 219 10.73 21.87 1.85
CA TYR A 219 11.72 22.94 1.93
C TYR A 219 11.93 23.59 0.56
N GLU A 220 12.23 24.89 0.60
CA GLU A 220 12.45 25.72 -0.58
C GLU A 220 13.91 26.02 -0.81
N LEU A 221 14.23 26.55 -1.99
CA LEU A 221 15.61 26.78 -2.39
C LEU A 221 16.10 28.20 -2.24
N ASN A 222 17.42 28.33 -2.20
CA ASN A 222 18.19 29.57 -2.10
C ASN A 222 17.79 30.41 -0.91
N ASN A 223 17.88 29.81 0.28
CA ASN A 223 17.63 30.53 1.52
C ASN A 223 18.46 29.91 2.67
N PRO A 224 18.64 30.69 3.78
CA PRO A 224 19.52 30.24 4.87
C PRO A 224 18.83 29.47 6.01
N MET A 225 17.58 28.96 5.79
CA MET A 225 16.87 28.22 6.82
C MET A 225 17.60 26.92 7.14
N ALA A 226 17.63 26.56 8.43
CA ALA A 226 18.27 25.34 8.86
C ALA A 226 17.55 24.12 8.33
N LEU A 227 18.31 23.15 7.77
CA LEU A 227 17.73 21.88 7.33
C LEU A 227 18.11 20.76 8.33
N TYR A 228 18.17 19.52 7.88
CA TYR A 228 18.21 18.34 8.75
C TYR A 228 19.50 18.09 9.50
N GLY A 229 20.62 18.54 8.95
CA GLY A 229 21.93 18.35 9.53
C GLY A 229 22.69 19.65 9.68
N SER A 230 23.75 19.61 10.51
CA SER A 230 24.56 20.78 10.85
C SER A 230 25.99 20.38 10.99
N VAL A 231 26.89 20.92 10.18
CA VAL A 231 28.33 20.68 10.34
C VAL A 231 28.96 22.07 10.53
N PRO A 232 29.35 22.43 11.77
CA PRO A 232 29.85 23.80 12.02
C PRO A 232 31.29 24.00 11.61
N VAL A 233 31.54 23.88 10.31
CA VAL A 233 32.86 24.00 9.72
C VAL A 233 32.75 24.92 8.52
N LEU A 234 33.61 25.94 8.46
CA LEU A 234 33.62 26.92 7.38
C LEU A 234 34.99 26.92 6.76
N LEU A 235 35.05 26.84 5.42
CA LEU A 235 36.28 26.90 4.66
C LEU A 235 36.36 28.25 3.96
N ALA A 236 37.58 28.79 3.85
CA ALA A 236 37.84 30.06 3.16
C ALA A 236 38.91 29.82 2.13
N HIS A 237 38.68 30.22 0.88
CA HIS A 237 39.61 30.02 -0.22
C HIS A 237 39.98 31.33 -0.91
N SER A 238 41.26 31.49 -1.23
CA SER A 238 41.77 32.55 -2.08
C SER A 238 42.82 31.92 -2.98
N PHE A 239 43.31 32.71 -3.92
CA PHE A 239 44.38 32.34 -4.81
C PHE A 239 45.63 31.95 -3.98
N HIS A 240 45.88 32.66 -2.86
CA HIS A 240 47.07 32.48 -2.04
C HIS A 240 46.99 31.43 -0.93
N ARG A 241 45.81 31.18 -0.37
CA ARG A 241 45.74 30.28 0.79
C ARG A 241 44.35 29.75 1.03
N ASP A 242 44.30 28.67 1.81
CA ASP A 242 43.08 28.06 2.32
C ASP A 242 43.14 28.03 3.84
N LEU A 243 42.00 28.25 4.47
CA LEU A 243 41.85 28.25 5.93
C LEU A 243 40.54 27.58 6.27
N GLY A 244 40.45 27.05 7.47
CA GLY A 244 39.21 26.45 7.98
C GLY A 244 38.93 26.84 9.42
N ILE A 245 37.65 26.96 9.77
CA ILE A 245 37.22 27.29 11.14
C ILE A 245 36.23 26.20 11.53
N PHE A 246 36.50 25.47 12.64
CA PHE A 246 35.62 24.43 13.14
C PHE A 246 35.15 24.86 14.54
N TRP A 247 33.88 25.23 14.64
CA TRP A 247 33.26 25.74 15.88
C TRP A 247 32.56 24.56 16.57
N LEU A 248 33.27 23.93 17.54
CA LEU A 248 32.77 22.73 18.20
C LEU A 248 31.75 23.07 19.28
N ASN A 249 30.49 23.18 18.86
CA ASN A 249 29.36 23.50 19.73
C ASN A 249 28.16 22.75 19.17
N ALA A 250 27.42 22.06 20.04
CA ALA A 250 26.24 21.24 19.65
C ALA A 250 24.89 21.93 19.83
N ALA A 251 24.89 23.20 20.30
CA ALA A 251 23.68 23.99 20.50
C ALA A 251 23.31 24.73 19.20
N GLU A 252 22.07 25.24 19.14
CA GLU A 252 21.59 26.05 18.03
C GLU A 252 22.62 27.13 17.78
N THR A 253 23.07 27.25 16.54
CA THR A 253 24.11 28.18 16.16
C THR A 253 23.70 28.98 14.93
N TRP A 254 23.98 30.29 14.98
CA TRP A 254 23.72 31.20 13.88
C TRP A 254 25.07 31.73 13.42
N VAL A 255 25.24 31.84 12.10
CA VAL A 255 26.50 32.30 11.51
C VAL A 255 26.27 33.50 10.62
N ASP A 256 26.93 34.63 10.94
CA ASP A 256 26.86 35.87 10.14
C ASP A 256 28.12 36.01 9.32
N ILE A 257 27.98 36.36 8.04
CA ILE A 257 29.07 36.49 7.09
C ILE A 257 29.00 37.90 6.50
N SER A 258 30.11 38.61 6.51
CA SER A 258 30.14 39.96 5.96
C SER A 258 31.42 40.18 5.20
N SER A 259 31.37 41.07 4.20
CA SER A 259 32.51 41.39 3.36
C SER A 259 32.92 42.85 3.50
N ASN A 260 34.15 43.16 3.11
CA ASN A 260 34.77 44.49 3.16
C ASN A 260 35.62 44.69 1.91
N PRO A 262 40.56 43.17 0.35
CA PRO A 262 39.41 42.25 0.45
C PRO A 262 39.46 41.44 1.74
N GLN A 263 38.32 41.30 2.42
CA GLN A 263 38.25 40.63 3.71
C GLN A 263 36.85 40.13 4.00
N THR A 264 36.76 38.93 4.60
CA THR A 264 35.49 38.35 5.02
C THR A 264 35.55 38.17 6.53
N ASP A 265 34.50 38.59 7.22
CA ASP A 265 34.37 38.44 8.66
C ASP A 265 33.26 37.44 8.93
N ILE A 266 33.48 36.55 9.92
CA ILE A 266 32.55 35.47 10.28
C ILE A 266 32.26 35.59 11.74
N ARG A 267 31.01 35.50 12.11
CA ARG A 267 30.60 35.55 13.49
C ARG A 267 29.75 34.31 13.80
N TRP A 268 30.09 33.60 14.88
CA TRP A 268 29.35 32.42 15.32
C TRP A 268 28.65 32.76 16.63
N MET A 269 27.38 32.40 16.75
CA MET A 269 26.58 32.71 17.95
C MET A 269 25.84 31.46 18.34
N SER A 270 26.16 30.88 19.53
CA SER A 270 25.58 29.62 19.99
C SER A 270 24.77 29.79 21.26
N GLU A 271 23.71 29.00 21.43
CA GLU A 271 22.82 29.17 22.58
C GLU A 271 23.43 28.89 23.94
N SER A 272 24.31 27.89 24.02
CA SER A 272 24.90 27.45 25.28
C SER A 272 26.26 26.81 25.02
N GLY A 273 26.82 26.14 26.02
CA GLY A 273 28.13 25.52 25.94
C GLY A 273 29.25 26.53 26.08
N ILE A 274 30.45 26.14 25.73
CA ILE A 274 31.65 26.99 25.81
C ILE A 274 32.00 27.46 24.42
N ILE A 275 33.00 28.33 24.33
CA ILE A 275 33.58 28.69 23.05
C ILE A 275 34.68 27.66 22.91
N ASP A 276 34.61 26.83 21.85
CA ASP A 276 35.64 25.84 21.54
C ASP A 276 35.78 25.88 20.02
N VAL A 277 36.90 26.41 19.54
CA VAL A 277 37.10 26.62 18.12
C VAL A 277 38.48 26.18 17.67
N PHE A 278 38.53 25.50 16.53
CA PHE A 278 39.79 25.09 15.92
C PHE A 278 40.01 25.92 14.66
N LEU A 279 41.21 26.47 14.53
CA LEU A 279 41.62 27.25 13.38
C LEU A 279 42.59 26.37 12.65
N MET A 280 42.23 26.02 11.42
CA MET A 280 42.97 25.09 10.57
C MET A 280 43.64 25.96 9.53
N LEU A 281 44.96 26.11 9.64
CA LEU A 281 45.69 27.11 8.86
C LEU A 281 46.23 26.68 7.51
N GLY A 282 45.88 25.48 7.06
CA GLY A 282 46.28 25.05 5.75
C GLY A 282 47.79 24.87 5.64
N PRO A 283 48.47 25.47 4.65
CA PRO A 283 48.02 26.48 3.67
C PRO A 283 47.20 26.03 2.46
N SER A 284 47.26 24.75 2.04
CA SER A 284 46.47 24.29 0.89
C SER A 284 45.14 23.74 1.38
N VAL A 285 44.18 23.58 0.45
CA VAL A 285 42.88 23.04 0.86
C VAL A 285 43.02 21.58 1.30
N PHE A 286 43.94 20.83 0.69
CA PHE A 286 44.23 19.46 1.10
C PHE A 286 44.81 19.40 2.51
N ASP A 287 45.61 20.41 2.90
CA ASP A 287 46.13 20.50 4.25
C ASP A 287 44.97 20.72 5.22
N VAL A 288 44.00 21.58 4.84
CA VAL A 288 42.80 21.79 5.67
C VAL A 288 41.99 20.49 5.80
N PHE A 289 41.84 19.73 4.70
CA PHE A 289 41.11 18.46 4.81
C PHE A 289 41.79 17.51 5.79
N ARG A 290 43.14 17.39 5.71
CA ARG A 290 43.91 16.52 6.60
C ARG A 290 43.78 16.98 8.04
N GLN A 291 43.85 18.28 8.26
CA GLN A 291 43.71 18.88 9.57
C GLN A 291 42.37 18.54 10.21
N TYR A 292 41.28 18.79 9.49
CA TYR A 292 39.94 18.47 10.00
C TYR A 292 39.75 16.96 10.22
N ALA A 293 40.28 16.13 9.32
CA ALA A 293 40.21 14.68 9.45
C ALA A 293 40.97 14.18 10.69
N SER A 294 42.07 14.86 11.06
CA SER A 294 42.83 14.52 12.28
C SER A 294 41.95 14.73 13.52
N LEU A 295 41.02 15.69 13.45
CA LEU A 295 40.15 15.99 14.58
C LEU A 295 38.93 15.09 14.65
N THR A 296 38.17 14.95 13.56
CA THR A 296 36.89 14.23 13.59
C THR A 296 36.84 12.89 12.84
N GLY A 297 37.97 12.46 12.29
CA GLY A 297 38.05 11.20 11.57
C GLY A 297 37.73 11.32 10.10
N THR A 298 37.73 10.20 9.41
CA THR A 298 37.53 10.13 7.97
C THR A 298 36.30 9.32 7.64
N GLN A 299 35.90 9.42 6.39
CA GLN A 299 34.78 8.71 5.85
C GLN A 299 34.94 7.18 6.06
N ALA A 300 33.94 6.55 6.65
CA ALA A 300 33.93 5.10 6.79
C ALA A 300 33.95 4.50 5.38
N LEU A 301 34.74 3.43 5.16
CA LEU A 301 34.85 2.80 3.84
C LEU A 301 33.54 2.07 3.55
N PRO A 302 32.73 2.55 2.56
CA PRO A 302 31.46 1.88 2.33
C PRO A 302 31.67 0.48 1.84
N PRO A 303 30.80 -0.48 2.23
CA PRO A 303 30.84 -1.78 1.55
C PRO A 303 30.53 -1.50 0.07
N LEU A 304 31.13 -2.27 -0.81
CA LEU A 304 31.01 -2.00 -2.24
C LEU A 304 29.56 -1.92 -2.74
N PHE A 305 28.69 -2.78 -2.25
CA PHE A 305 27.30 -2.80 -2.74
C PHE A 305 26.59 -1.46 -2.54
N SER A 306 26.95 -0.73 -1.47
CA SER A 306 26.30 0.55 -1.14
C SER A 306 26.63 1.66 -2.12
N LEU A 307 27.64 1.46 -2.94
CA LEU A 307 28.04 2.38 -4.00
C LEU A 307 27.35 2.04 -5.32
N GLY A 308 26.56 0.96 -5.35
CA GLY A 308 25.72 0.62 -6.50
C GLY A 308 24.44 1.45 -6.49
N TYR A 309 23.44 0.99 -7.21
CA TYR A 309 22.15 1.69 -7.33
C TYR A 309 21.17 1.09 -6.35
N HIS A 310 20.43 2.00 -5.66
CA HIS A 310 19.44 1.69 -4.65
C HIS A 310 18.04 2.09 -5.17
N GLN A 311 17.08 1.17 -5.09
CA GLN A 311 15.71 1.40 -5.51
C GLN A 311 14.82 1.47 -4.26
N SER A 312 14.15 2.59 -4.11
CA SER A 312 13.28 2.82 -2.97
C SER A 312 12.01 3.56 -3.38
N ARG A 313 11.03 3.50 -2.50
CA ARG A 313 9.85 4.32 -2.44
C ARG A 313 9.14 4.13 -1.12
N TRP A 314 8.24 5.03 -0.80
CA TRP A 314 7.35 4.94 0.33
C TRP A 314 6.05 4.53 -0.36
N ASN A 315 5.64 3.25 -0.44
CA ASN A 315 6.27 2.05 0.05
C ASN A 315 6.04 0.94 -0.95
N TYR A 316 6.92 -0.05 -0.98
CA TYR A 316 6.66 -1.29 -1.68
C TYR A 316 5.59 -2.00 -0.81
N ARG A 317 4.58 -2.57 -1.47
CA ARG A 317 3.40 -3.10 -0.82
CA ARG A 317 3.38 -3.12 -0.82
C ARG A 317 3.60 -4.30 0.09
N ASP A 318 4.32 -5.29 -0.37
CA ASP A 318 4.50 -6.55 0.32
C ASP A 318 5.69 -7.31 -0.28
N GLU A 319 5.89 -8.56 0.17
CA GLU A 319 6.98 -9.40 -0.33
C GLU A 319 6.87 -9.65 -1.82
N ALA A 320 5.66 -9.88 -2.32
CA ALA A 320 5.47 -10.10 -3.76
C ALA A 320 5.88 -8.85 -4.55
N ASP A 321 5.58 -7.64 -4.05
CA ASP A 321 5.97 -6.41 -4.76
C ASP A 321 7.51 -6.30 -4.78
N VAL A 322 8.16 -6.56 -3.66
CA VAL A 322 9.64 -6.52 -3.59
C VAL A 322 10.24 -7.49 -4.60
N LEU A 323 9.73 -8.74 -4.63
CA LEU A 323 10.21 -9.73 -5.56
C LEU A 323 9.90 -9.37 -7.00
N GLU A 324 8.77 -8.70 -7.29
CA GLU A 324 8.46 -8.27 -8.65
C GLU A 324 9.40 -7.16 -9.10
N VAL A 325 9.74 -6.25 -8.18
CA VAL A 325 10.68 -5.15 -8.47
C VAL A 325 12.07 -5.76 -8.77
N ASP A 326 12.51 -6.69 -7.94
CA ASP A 326 13.76 -7.41 -8.17
C ASP A 326 13.78 -8.06 -9.57
N GLN A 327 12.71 -8.77 -9.91
CA GLN A 327 12.61 -9.44 -11.19
C GLN A 327 12.52 -8.46 -12.37
N GLY A 328 11.93 -7.29 -12.14
CA GLY A 328 11.82 -6.22 -13.13
C GLY A 328 13.17 -5.73 -13.56
N PHE A 329 14.11 -5.55 -12.62
CA PHE A 329 15.48 -5.11 -12.98
C PHE A 329 16.15 -6.15 -13.89
N ASP A 330 15.99 -7.43 -13.58
CA ASP A 330 16.57 -8.49 -14.38
C ASP A 330 15.88 -8.66 -15.71
N ASP A 331 14.55 -8.56 -15.79
CA ASP A 331 13.84 -8.67 -17.07
C ASP A 331 14.12 -7.52 -17.99
N HIS A 332 14.53 -6.36 -17.48
CA HIS A 332 14.84 -5.18 -18.27
C HIS A 332 16.34 -4.87 -18.33
N ASN A 333 17.19 -5.81 -17.91
CA ASN A 333 18.65 -5.68 -17.93
C ASN A 333 19.11 -4.33 -17.36
N MET A 334 18.71 -4.05 -16.13
CA MET A 334 19.07 -2.83 -15.42
C MET A 334 19.70 -3.26 -14.10
N PRO A 335 20.95 -2.87 -13.80
CA PRO A 335 21.55 -3.31 -12.55
C PRO A 335 20.98 -2.58 -11.34
N CYS A 336 21.00 -3.26 -10.19
CA CYS A 336 20.50 -2.71 -8.94
C CYS A 336 21.06 -3.55 -7.79
N ASP A 337 21.61 -2.90 -6.75
CA ASP A 337 22.15 -3.67 -5.62
C ASP A 337 21.20 -3.83 -4.45
N VAL A 338 20.34 -2.84 -4.20
CA VAL A 338 19.52 -2.83 -3.01
C VAL A 338 18.09 -2.37 -3.26
N ILE A 339 17.13 -3.02 -2.59
CA ILE A 339 15.72 -2.63 -2.58
C ILE A 339 15.39 -2.19 -1.14
N TRP A 340 14.70 -1.06 -0.99
CA TRP A 340 14.44 -0.44 0.30
C TRP A 340 13.01 -0.57 0.77
N LEU A 341 12.81 -0.73 2.10
CA LEU A 341 11.51 -0.87 2.75
C LEU A 341 11.29 0.29 3.71
N ASP A 342 10.34 1.16 3.37
CA ASP A 342 9.99 2.33 4.18
C ASP A 342 9.04 1.91 5.31
N ILE A 343 8.50 2.87 6.04
CA ILE A 343 7.77 2.67 7.29
C ILE A 343 6.56 1.75 7.20
N GLU A 344 5.98 1.53 6.03
CA GLU A 344 4.84 0.61 5.94
C GLU A 344 5.22 -0.86 6.02
N HIS A 345 6.52 -1.21 6.04
CA HIS A 345 6.86 -2.62 6.19
C HIS A 345 6.66 -3.16 7.60
N ALA A 346 6.69 -2.24 8.59
CA ALA A 346 6.61 -2.60 10.00
C ALA A 346 5.19 -2.86 10.43
N ASP A 347 5.00 -3.36 11.63
CA ASP A 347 3.66 -3.51 12.19
C ASP A 347 3.23 -2.14 12.78
N GLY A 348 2.45 -1.36 12.05
CA GLY A 348 1.97 -0.06 12.53
C GLY A 348 3.05 0.90 13.05
N LYS A 349 4.19 0.91 12.37
CA LYS A 349 5.34 1.78 12.67
C LYS A 349 5.94 1.52 14.03
N ARG A 350 5.90 0.25 14.42
CA ARG A 350 6.63 -0.26 15.57
C ARG A 350 7.93 -0.73 14.93
N TYR A 351 9.06 -0.05 15.14
CA TYR A 351 10.29 -0.47 14.46
C TYR A 351 10.81 -1.79 15.01
N PHE A 352 11.58 -2.49 14.19
CA PHE A 352 12.11 -3.84 14.46
C PHE A 352 11.02 -4.92 14.34
N THR A 353 9.88 -4.61 13.69
CA THR A 353 8.78 -5.58 13.49
C THR A 353 8.44 -5.63 12.02
N TRP A 354 7.58 -6.58 11.66
CA TRP A 354 7.15 -6.78 10.28
C TRP A 354 5.63 -6.86 10.20
N ASP A 355 5.00 -6.19 9.23
CA ASP A 355 3.56 -6.32 9.07
C ASP A 355 3.25 -7.83 8.79
N PRO A 356 2.38 -8.47 9.59
CA PRO A 356 2.16 -9.91 9.44
C PRO A 356 1.39 -10.36 8.22
N THR A 357 0.74 -9.44 7.50
CA THR A 357 0.07 -9.79 6.24
C THR A 357 1.00 -9.51 5.05
N ARG A 358 1.67 -8.35 5.04
CA ARG A 358 2.51 -7.89 3.92
C ARG A 358 3.92 -8.51 3.90
N PHE A 359 4.51 -8.70 5.09
CA PHE A 359 5.82 -9.33 5.27
C PHE A 359 5.76 -10.46 6.30
N PRO A 360 5.01 -11.54 6.02
CA PRO A 360 4.94 -12.68 6.96
C PRO A 360 6.21 -13.52 7.10
N GLN A 361 7.05 -13.55 6.04
CA GLN A 361 8.23 -14.41 5.98
C GLN A 361 9.45 -13.59 5.53
N PRO A 362 9.89 -12.61 6.34
CA PRO A 362 11.03 -11.77 5.93
C PRO A 362 12.30 -12.55 5.63
N LEU A 363 12.60 -13.62 6.37
CA LEU A 363 13.83 -14.40 6.08
C LEU A 363 13.78 -15.03 4.70
N ASN A 364 12.61 -15.45 4.25
CA ASN A 364 12.43 -16.04 2.92
C ASN A 364 12.60 -14.98 1.84
N MET A 365 12.10 -13.76 2.10
CA MET A 365 12.28 -12.65 1.16
C MET A 365 13.78 -12.32 1.05
N LEU A 366 14.47 -12.25 2.19
CA LEU A 366 15.90 -11.97 2.22
C LEU A 366 16.73 -13.07 1.55
N GLU A 367 16.31 -14.33 1.70
CA GLU A 367 17.00 -15.45 1.04
C GLU A 367 16.84 -15.33 -0.51
N HIS A 368 15.63 -15.00 -1.01
CA HIS A 368 15.44 -14.81 -2.45
CA HIS A 368 15.41 -14.80 -2.44
C HIS A 368 16.33 -13.67 -2.93
N LEU A 369 16.39 -12.53 -2.21
CA LEU A 369 17.26 -11.45 -2.65
C LEU A 369 18.73 -11.88 -2.64
N ALA A 370 19.12 -12.67 -1.62
CA ALA A 370 20.49 -13.20 -1.56
C ALA A 370 20.82 -14.13 -2.72
N SER A 371 19.83 -14.88 -3.23
CA SER A 371 20.06 -15.75 -4.40
C SER A 371 20.34 -14.94 -5.68
N LYS A 372 19.88 -13.69 -5.72
CA LYS A 372 20.11 -12.72 -6.82
C LYS A 372 21.34 -11.83 -6.51
N ARG A 373 22.02 -12.07 -5.38
CA ARG A 373 23.19 -11.33 -4.92
C ARG A 373 22.83 -9.85 -4.71
N ARG A 374 21.66 -9.63 -4.07
CA ARG A 374 21.13 -8.31 -3.73
C ARG A 374 20.87 -8.22 -2.24
N LYS A 375 20.72 -6.98 -1.78
CA LYS A 375 20.52 -6.63 -0.38
C LYS A 375 19.18 -5.91 -0.23
N LEU A 376 18.75 -5.74 1.01
CA LEU A 376 17.57 -4.98 1.34
C LEU A 376 17.95 -4.00 2.42
N VAL A 377 17.28 -2.85 2.48
CA VAL A 377 17.47 -1.86 3.55
C VAL A 377 16.11 -1.68 4.20
N ALA A 378 16.03 -1.74 5.53
CA ALA A 378 14.79 -1.49 6.28
C ALA A 378 14.94 -0.23 7.10
N ILE A 379 13.87 0.58 7.17
CA ILE A 379 13.87 1.79 7.97
C ILE A 379 13.69 1.46 9.46
N VAL A 380 14.46 2.16 10.30
CA VAL A 380 14.40 2.08 11.76
C VAL A 380 14.59 3.50 12.26
N ASP A 381 13.53 4.14 12.74
CA ASP A 381 13.59 5.52 13.23
C ASP A 381 13.73 5.53 14.75
N PRO A 382 14.25 6.65 15.32
CA PRO A 382 14.42 6.75 16.79
C PRO A 382 13.21 7.24 17.60
N HIS A 383 12.01 6.87 17.21
CA HIS A 383 10.82 7.20 17.98
C HIS A 383 10.11 5.88 18.15
N ILE A 384 9.64 5.63 19.36
CA ILE A 384 9.10 4.34 19.76
C ILE A 384 7.65 4.48 20.14
N LYS A 385 6.77 3.74 19.45
CA LYS A 385 5.35 3.80 19.73
C LYS A 385 5.08 3.53 21.22
N VAL A 386 4.23 4.37 21.85
CA VAL A 386 3.82 4.16 23.23
C VAL A 386 2.73 3.06 23.14
N ASP A 387 3.11 1.84 23.46
CA ASP A 387 2.23 0.68 23.38
C ASP A 387 2.73 -0.38 24.37
N SER A 388 1.90 -0.75 25.33
CA SER A 388 2.30 -1.75 26.35
C SER A 388 2.52 -3.16 25.79
N GLY A 389 1.99 -3.43 24.60
CA GLY A 389 2.22 -4.71 23.93
C GLY A 389 3.48 -4.75 23.06
N TYR A 390 4.19 -3.61 22.93
CA TYR A 390 5.40 -3.49 22.11
C TYR A 390 6.64 -3.61 23.00
N ARG A 391 7.39 -4.72 22.82
CA ARG A 391 8.53 -5.06 23.64
C ARG A 391 9.59 -4.01 23.72
N VAL A 392 9.87 -3.34 22.63
CA VAL A 392 10.88 -2.29 22.59
C VAL A 392 10.46 -1.15 23.55
N HIS A 393 9.20 -0.72 23.48
CA HIS A 393 8.67 0.33 24.36
C HIS A 393 8.73 -0.10 25.82
N GLU A 394 8.27 -1.31 26.11
CA GLU A 394 8.28 -1.83 27.46
C GLU A 394 9.67 -1.88 28.06
N GLU A 395 10.66 -2.33 27.30
CA GLU A 395 12.03 -2.39 27.78
C GLU A 395 12.60 -1.00 28.02
N LEU A 396 12.44 -0.08 27.08
CA LEU A 396 12.97 1.29 27.28
C LEU A 396 12.29 2.02 28.42
N ARG A 397 10.99 1.83 28.58
CA ARG A 397 10.23 2.45 29.66
C ARG A 397 10.71 1.87 31.00
N ASN A 398 10.85 0.53 31.08
CA ASN A 398 11.26 -0.16 32.31
C ASN A 398 12.68 0.15 32.74
N HIS A 399 13.58 0.45 31.79
CA HIS A 399 14.96 0.80 32.09
C HIS A 399 15.22 2.31 32.15
N GLY A 400 14.17 3.14 32.08
CA GLY A 400 14.28 4.60 32.15
C GLY A 400 15.16 5.21 31.08
N LEU A 401 15.16 4.64 29.88
CA LEU A 401 16.08 5.09 28.80
C LEU A 401 15.50 6.14 27.84
N TYR A 402 14.33 6.70 28.14
CA TYR A 402 13.73 7.75 27.32
C TYR A 402 14.15 9.13 27.77
N VAL A 403 14.08 10.07 26.85
CA VAL A 403 14.29 11.49 27.15
C VAL A 403 13.12 11.88 28.06
N LYS A 404 13.40 12.71 29.07
CA LYS A 404 12.40 13.13 30.04
C LYS A 404 12.05 14.64 29.94
N THR A 405 10.89 15.01 30.48
CA THR A 405 10.55 16.42 30.60
C THR A 405 11.11 16.85 31.96
N ARG A 406 11.08 18.15 32.29
CA ARG A 406 11.56 18.63 33.60
C ARG A 406 10.90 17.98 34.82
N ASP A 407 9.60 17.67 34.71
CA ASP A 407 8.89 17.00 35.80
C ASP A 407 9.30 15.54 36.02
N GLY A 408 10.24 15.01 35.21
CA GLY A 408 10.74 13.64 35.33
C GLY A 408 9.96 12.59 34.57
N SER A 409 8.86 12.94 33.89
CA SER A 409 8.08 11.95 33.15
C SER A 409 8.71 11.76 31.77
N ASP A 410 8.51 10.57 31.17
CA ASP A 410 9.02 10.27 29.83
C ASP A 410 8.33 11.19 28.84
N TYR A 411 9.11 11.89 27.99
CA TYR A 411 8.53 12.81 27.02
C TYR A 411 7.73 11.98 26.02
N GLU A 412 6.52 12.43 25.71
CA GLU A 412 5.68 11.82 24.69
C GLU A 412 5.30 12.88 23.67
N GLY A 413 5.54 12.59 22.42
CA GLY A 413 5.14 13.46 21.33
C GLY A 413 4.40 12.69 20.26
N TRP A 414 4.05 13.36 19.17
CA TRP A 414 3.37 12.78 18.04
C TRP A 414 4.32 12.52 16.90
N CYS A 415 4.35 11.28 16.32
CA CYS A 415 5.18 11.00 15.13
C CYS A 415 4.47 9.92 14.28
N TRP A 416 5.17 9.15 13.42
CA TRP A 416 4.48 8.16 12.56
C TRP A 416 3.59 7.15 13.28
N PRO A 417 4.02 6.57 14.41
CA PRO A 417 3.15 5.61 15.10
C PRO A 417 2.07 6.25 15.98
N GLY A 418 1.89 7.57 15.91
CA GLY A 418 1.01 8.32 16.78
C GLY A 418 1.80 8.74 18.01
N SER A 419 1.29 8.40 19.21
CA SER A 419 2.03 8.75 20.42
C SER A 419 3.31 7.94 20.50
N ALA A 420 4.44 8.64 20.71
CA ALA A 420 5.75 8.02 20.71
C ALA A 420 6.69 8.67 21.68
N SER A 421 7.66 7.88 22.19
CA SER A 421 8.70 8.37 23.09
C SER A 421 10.02 8.31 22.38
N TYR A 422 10.98 9.08 22.88
CA TYR A 422 12.26 9.32 22.26
C TYR A 422 13.39 8.78 23.10
N PRO A 423 14.04 7.68 22.67
CA PRO A 423 15.16 7.16 23.44
C PRO A 423 16.26 8.21 23.59
N ASP A 424 16.92 8.22 24.74
CA ASP A 424 17.97 9.20 24.96
C ASP A 424 19.27 8.65 24.40
N PHE A 425 19.52 8.89 23.10
CA PHE A 425 20.73 8.42 22.45
C PHE A 425 22.00 9.07 22.97
N THR A 426 21.92 10.15 23.80
CA THR A 426 23.14 10.73 24.39
C THR A 426 23.64 9.86 25.56
N ASN A 427 22.79 8.97 26.08
CA ASN A 427 23.14 8.04 27.16
C ASN A 427 23.89 6.84 26.56
N PRO A 428 25.14 6.59 26.97
CA PRO A 428 25.89 5.44 26.40
C PRO A 428 25.25 4.07 26.61
N ARG A 429 24.45 3.90 27.67
CA ARG A 429 23.73 2.65 27.91
C ARG A 429 22.57 2.48 26.92
N MET A 430 21.90 3.58 26.54
CA MET A 430 20.83 3.53 25.53
C MET A 430 21.45 3.11 24.17
N ARG A 431 22.61 3.67 23.82
CA ARG A 431 23.31 3.29 22.58
C ARG A 431 23.68 1.82 22.57
N ALA A 432 24.16 1.28 23.73
CA ALA A 432 24.52 -0.14 23.86
C ALA A 432 23.28 -1.03 23.68
N TRP A 433 22.17 -0.63 24.27
CA TRP A 433 20.91 -1.35 24.14
C TRP A 433 20.47 -1.39 22.66
N TRP A 434 20.57 -0.22 21.99
CA TRP A 434 20.18 -0.06 20.58
C TRP A 434 21.03 -0.95 19.69
N SER A 435 22.36 -0.93 19.87
CA SER A 435 23.26 -1.79 19.09
C SER A 435 22.89 -3.24 19.26
N ASN A 436 22.61 -3.64 20.51
CA ASN A 436 22.29 -5.01 20.79
C ASN A 436 20.97 -5.46 20.18
N MET A 437 20.03 -4.53 19.95
CA MET A 437 18.73 -4.82 19.31
C MET A 437 18.90 -5.26 17.86
N PHE A 438 20.06 -4.98 17.22
CA PHE A 438 20.32 -5.41 15.85
C PHE A 438 20.90 -6.84 15.78
N SER A 439 21.08 -7.55 16.91
CA SER A 439 21.54 -8.95 16.82
C SER A 439 20.48 -9.74 16.07
N PHE A 440 20.89 -10.80 15.39
CA PHE A 440 19.92 -11.62 14.64
C PHE A 440 18.89 -12.29 15.55
N ASP A 441 19.24 -12.51 16.83
CA ASP A 441 18.33 -13.08 17.83
C ASP A 441 17.27 -12.09 18.31
N ASN A 442 17.64 -10.79 18.45
CA ASN A 442 16.71 -9.75 18.88
C ASN A 442 15.86 -9.19 17.74
N TYR A 443 16.47 -8.89 16.61
CA TYR A 443 15.74 -8.36 15.47
C TYR A 443 15.32 -9.56 14.63
N GLU A 444 14.23 -10.20 15.03
CA GLU A 444 13.72 -11.40 14.35
C GLU A 444 13.31 -11.06 12.93
N GLY A 445 13.74 -11.88 11.98
CA GLY A 445 13.47 -11.67 10.57
C GLY A 445 14.58 -10.96 9.84
N SER A 446 15.62 -10.47 10.55
CA SER A 446 16.78 -9.84 9.91
C SER A 446 17.81 -10.89 9.53
N ALA A 447 18.68 -10.53 8.58
CA ALA A 447 19.71 -11.41 8.07
C ALA A 447 20.90 -10.56 7.62
N PRO A 448 22.06 -11.18 7.30
CA PRO A 448 23.25 -10.38 6.94
C PRO A 448 23.12 -9.48 5.72
N ASN A 449 22.14 -9.72 4.83
CA ASN A 449 21.93 -8.86 3.65
C ASN A 449 20.86 -7.80 3.91
N LEU A 450 20.49 -7.55 5.21
CA LEU A 450 19.57 -6.51 5.61
C LEU A 450 20.37 -5.37 6.23
N TYR A 451 20.28 -4.16 5.67
CA TYR A 451 20.98 -2.97 6.19
C TYR A 451 19.91 -1.96 6.62
N VAL A 452 20.32 -0.78 7.13
CA VAL A 452 19.41 0.09 7.85
C VAL A 452 19.45 1.53 7.40
N TRP A 453 18.28 2.17 7.55
CA TRP A 453 18.06 3.56 7.25
C TRP A 453 17.50 4.22 8.52
N ASN A 454 18.18 5.26 9.03
CA ASN A 454 17.72 6.06 10.17
C ASN A 454 17.16 7.37 9.64
N ASP A 455 15.85 7.55 9.75
CA ASP A 455 15.20 8.78 9.32
C ASP A 455 14.63 9.45 10.57
N MET A 456 14.22 10.71 10.44
CA MET A 456 13.51 11.46 11.51
C MET A 456 14.34 11.62 12.78
N ASN A 457 15.66 11.60 12.67
CA ASN A 457 16.56 11.60 13.82
C ASN A 457 17.10 12.99 14.19
N GLU A 458 16.36 14.06 13.88
CA GLU A 458 16.73 15.44 14.26
C GLU A 458 16.69 15.66 15.79
N PRO A 459 15.68 15.19 16.57
CA PRO A 459 14.53 14.33 16.24
C PRO A 459 13.32 15.08 15.73
N SER A 460 12.57 14.44 14.84
CA SER A 460 11.32 15.01 14.35
C SER A 460 10.21 14.68 15.37
N VAL A 461 9.45 15.71 15.79
CA VAL A 461 8.36 15.61 16.76
C VAL A 461 7.22 16.44 16.12
N PHE A 462 6.16 15.79 15.60
CA PHE A 462 5.15 16.51 14.82
C PHE A 462 4.44 17.63 15.57
N ASN A 463 4.25 17.51 16.87
CA ASN A 463 3.59 18.54 17.69
C ASN A 463 4.59 19.38 18.52
N GLY A 464 5.86 19.32 18.19
CA GLY A 464 6.86 20.05 18.93
C GLY A 464 7.15 21.41 18.35
N PRO A 465 7.87 22.30 19.09
CA PRO A 465 8.25 23.60 18.53
C PRO A 465 9.24 23.40 17.39
N GLU A 466 8.92 23.96 16.22
CA GLU A 466 9.72 23.80 15.01
C GLU A 466 9.82 22.32 14.61
N VAL A 467 8.78 21.52 14.97
CA VAL A 467 8.70 20.09 14.64
C VAL A 467 9.86 19.29 15.28
N THR A 468 10.39 19.76 16.43
CA THR A 468 11.43 19.04 17.14
C THR A 468 11.13 19.03 18.63
N MET A 469 12.06 18.50 19.40
CA MET A 469 11.90 18.39 20.84
C MET A 469 12.00 19.71 21.59
N LEU A 470 11.29 19.78 22.72
CA LEU A 470 11.28 20.94 23.61
C LEU A 470 12.71 21.27 24.01
N LYS A 471 13.02 22.55 24.09
CA LYS A 471 14.36 23.00 24.48
C LYS A 471 14.74 22.56 25.89
N ASP A 472 13.75 22.50 26.77
CA ASP A 472 13.95 22.20 28.18
C ASP A 472 13.70 20.71 28.55
N ALA A 473 13.63 19.81 27.53
CA ALA A 473 13.62 18.37 27.83
C ALA A 473 15.01 18.05 28.43
N VAL A 474 15.09 16.94 29.19
CA VAL A 474 16.28 16.57 29.95
C VAL A 474 16.88 15.26 29.50
N HIS A 475 18.20 15.29 29.29
CA HIS A 475 18.97 14.17 28.82
C HIS A 475 19.97 13.69 29.89
N TYR A 476 20.66 12.58 29.56
CA TYR A 476 21.71 11.97 30.35
C TYR A 476 22.64 13.03 30.95
N GLY A 477 22.89 12.92 32.25
CA GLY A 477 23.73 13.84 32.99
C GLY A 477 23.08 15.13 33.39
N GLY A 478 21.77 15.28 33.12
CA GLY A 478 21.02 16.50 33.45
C GLY A 478 21.12 17.60 32.42
N TRP A 479 21.78 17.36 31.28
CA TRP A 479 21.90 18.36 30.22
C TRP A 479 20.53 18.56 29.57
N GLU A 480 20.26 19.80 29.15
CA GLU A 480 18.98 20.10 28.50
C GLU A 480 19.09 19.77 27.04
N HIS A 481 17.93 19.57 26.40
CA HIS A 481 17.90 19.33 24.96
C HIS A 481 18.62 20.46 24.19
N ARG A 482 18.49 21.73 24.64
CA ARG A 482 19.17 22.84 23.97
C ARG A 482 20.69 22.66 23.92
N ASP A 483 21.28 21.97 24.89
CA ASP A 483 22.73 21.81 24.94
C ASP A 483 23.26 20.82 23.93
N ILE A 484 22.46 19.78 23.61
CA ILE A 484 22.90 18.62 22.83
C ILE A 484 22.24 18.45 21.48
N HIS A 485 21.22 19.26 21.14
CA HIS A 485 20.39 19.04 19.97
C HIS A 485 21.09 18.50 18.72
N ASN A 486 22.13 19.19 18.25
CA ASN A 486 22.74 18.86 16.97
C ASN A 486 23.55 17.57 16.93
N ILE A 487 23.79 16.89 18.07
CA ILE A 487 24.46 15.57 18.07
C ILE A 487 23.48 14.41 18.34
N TYR A 488 22.18 14.68 18.55
CA TYR A 488 21.22 13.61 18.78
C TYR A 488 21.19 12.63 17.57
N GLY A 489 21.07 13.17 16.36
CA GLY A 489 21.03 12.36 15.14
C GLY A 489 22.30 11.56 14.90
N LEU A 490 23.44 12.19 15.13
CA LEU A 490 24.76 11.51 15.02
C LEU A 490 24.82 10.27 15.95
N TYR A 491 24.30 10.38 17.18
CA TYR A 491 24.28 9.26 18.11
C TYR A 491 23.41 8.13 17.64
N VAL A 492 22.28 8.44 17.00
CA VAL A 492 21.39 7.41 16.43
C VAL A 492 22.15 6.67 15.34
N HIS A 493 22.83 7.46 14.47
CA HIS A 493 23.61 6.92 13.33
C HIS A 493 24.73 6.00 13.82
N MET A 494 25.48 6.48 14.81
CA MET A 494 26.57 5.76 15.45
C MET A 494 26.11 4.46 16.09
N ALA A 495 25.04 4.52 16.89
CA ALA A 495 24.54 3.31 17.58
C ALA A 495 24.04 2.25 16.57
N THR A 496 23.37 2.67 15.49
CA THR A 496 22.93 1.76 14.44
C THR A 496 24.12 1.12 13.73
N ALA A 497 25.13 1.93 13.33
CA ALA A 497 26.32 1.38 12.65
C ALA A 497 27.04 0.36 13.53
N ASP A 498 27.19 0.66 14.82
CA ASP A 498 27.79 -0.28 15.78
C ASP A 498 26.95 -1.56 15.88
N GLY A 499 25.61 -1.44 15.83
CA GLY A 499 24.72 -2.59 15.84
C GLY A 499 25.00 -3.54 14.68
N LEU A 500 25.20 -3.01 13.49
CA LEU A 500 25.47 -3.84 12.32
C LEU A 500 26.85 -4.47 12.34
N ILE A 501 27.82 -3.78 12.94
CA ILE A 501 29.17 -4.34 13.07
C ILE A 501 29.12 -5.50 14.11
N GLN A 502 28.52 -5.25 15.27
CA GLN A 502 28.49 -6.22 16.34
C GLN A 502 27.67 -7.47 16.00
N ARG A 503 26.55 -7.36 15.26
CA ARG A 503 25.72 -8.53 14.95
C ARG A 503 26.50 -9.59 14.16
N SER A 504 27.54 -9.15 13.41
CA SER A 504 28.40 -9.99 12.58
C SER A 504 29.68 -10.48 13.32
N GLY A 505 29.80 -10.14 14.60
CA GLY A 505 31.00 -10.44 15.37
C GLY A 505 32.17 -9.55 15.01
N GLY A 506 31.89 -8.33 14.56
CA GLY A 506 32.91 -7.35 14.22
C GLY A 506 33.56 -7.49 12.86
N ILE A 507 33.05 -8.35 12.01
CA ILE A 507 33.66 -8.65 10.71
C ILE A 507 33.14 -7.81 9.57
N GLU A 508 31.81 -7.61 9.49
CA GLU A 508 31.16 -6.94 8.37
C GLU A 508 31.13 -5.42 8.53
N ARG A 509 31.42 -4.68 7.43
CA ARG A 509 31.34 -3.22 7.45
C ARG A 509 29.85 -2.84 7.40
N PRO A 510 29.46 -1.82 8.15
CA PRO A 510 28.04 -1.42 8.15
C PRO A 510 27.61 -0.62 6.91
N PHE A 511 26.30 -0.50 6.73
CA PHE A 511 25.73 0.45 5.79
C PHE A 511 24.52 1.03 6.50
N VAL A 512 24.61 2.32 6.84
CA VAL A 512 23.53 3.06 7.47
C VAL A 512 23.41 4.43 6.81
N LEU A 513 22.20 4.77 6.36
CA LEU A 513 21.87 6.09 5.82
C LEU A 513 21.19 6.88 6.94
N SER A 514 21.62 8.13 7.16
CA SER A 514 21.03 8.99 8.18
C SER A 514 20.57 10.32 7.61
N ARG A 515 19.46 10.88 8.13
CA ARG A 515 18.99 12.20 7.65
C ARG A 515 19.72 13.31 8.42
N ALA A 516 19.73 13.23 9.77
CA ALA A 516 20.40 14.20 10.61
C ALA A 516 21.86 13.83 10.79
N PHE A 517 22.68 14.84 11.00
CA PHE A 517 24.12 14.67 11.11
C PHE A 517 24.80 15.86 11.74
N PHE A 518 26.06 15.65 12.08
CA PHE A 518 26.95 16.64 12.69
C PHE A 518 28.37 16.32 12.27
N SER A 519 29.33 17.16 12.71
CA SER A 519 30.75 16.86 12.54
C SER A 519 31.00 15.43 13.13
N GLY A 520 31.70 14.60 12.38
CA GLY A 520 31.98 13.23 12.80
C GLY A 520 31.04 12.21 12.18
N SER A 521 29.88 12.65 11.61
CA SER A 521 28.94 11.71 11.00
C SER A 521 29.51 10.89 9.85
N GLN A 522 30.59 11.40 9.20
CA GLN A 522 31.26 10.67 8.12
C GLN A 522 31.77 9.28 8.57
N ARG A 523 32.03 9.12 9.87
CA ARG A 523 32.53 7.87 10.42
C ARG A 523 31.47 6.75 10.47
N PHE A 524 30.16 7.07 10.25
CA PHE A 524 29.10 6.10 10.42
C PHE A 524 28.35 5.67 9.18
N GLY A 525 28.59 6.26 8.00
CA GLY A 525 27.86 5.87 6.83
C GLY A 525 27.54 7.00 5.87
N ALA A 526 26.32 6.96 5.30
CA ALA A 526 25.87 7.92 4.30
C ALA A 526 24.88 8.90 4.85
N VAL A 527 24.71 10.01 4.14
CA VAL A 527 23.65 11.00 4.43
C VAL A 527 23.00 11.37 3.09
N TRP A 528 21.81 11.95 3.12
CA TRP A 528 21.16 12.46 1.92
C TRP A 528 20.45 13.74 2.27
N THR A 529 20.10 14.53 1.24
CA THR A 529 19.52 15.87 1.44
C THR A 529 18.01 15.90 1.77
N GLY A 530 17.46 14.79 2.23
CA GLY A 530 16.09 14.75 2.69
C GLY A 530 15.00 14.84 1.65
N ASP A 531 13.87 15.43 2.06
CA ASP A 531 12.65 15.47 1.24
C ASP A 531 12.64 16.62 0.25
N ASN A 532 13.30 16.35 -0.87
CA ASN A 532 13.38 17.29 -1.98
C ASN A 532 12.10 17.13 -2.85
N THR A 533 12.03 17.87 -3.96
CA THR A 533 10.86 17.90 -4.83
C THR A 533 11.23 17.61 -6.28
N ALA A 534 10.32 16.96 -7.00
CA ALA A 534 10.46 16.60 -8.40
C ALA A 534 10.35 17.81 -9.32
N GLU A 535 11.39 18.69 -9.27
CA GLU A 535 11.49 19.91 -10.05
C GLU A 535 12.94 20.14 -10.49
N TRP A 536 13.12 20.79 -11.64
CA TRP A 536 14.44 21.04 -12.25
C TRP A 536 15.40 21.80 -11.35
N ASP A 537 14.88 22.76 -10.56
CA ASP A 537 15.73 23.52 -9.65
C ASP A 537 16.24 22.69 -8.48
N HIS A 538 15.49 21.66 -8.09
CA HIS A 538 15.94 20.75 -7.03
C HIS A 538 17.00 19.79 -7.60
N LEU A 539 16.87 19.40 -8.89
CA LEU A 539 17.90 18.61 -9.55
C LEU A 539 19.23 19.42 -9.54
N LYS A 540 19.17 20.70 -9.93
CA LYS A 540 20.35 21.56 -9.95
C LYS A 540 21.00 21.71 -8.59
N ILE A 541 20.20 21.90 -7.53
CA ILE A 541 20.74 22.19 -6.21
C ILE A 541 21.42 20.98 -5.52
N SER A 542 21.22 19.76 -6.05
CA SER A 542 21.88 18.56 -5.52
C SER A 542 23.42 18.71 -5.61
N ILE A 543 23.94 19.43 -6.63
CA ILE A 543 25.40 19.63 -6.74
C ILE A 543 25.93 20.54 -5.58
N PRO A 544 25.51 21.80 -5.42
CA PRO A 544 26.07 22.60 -4.32
C PRO A 544 25.80 22.01 -2.94
N MET A 545 24.66 21.32 -2.74
CA MET A 545 24.37 20.72 -1.44
C MET A 545 25.35 19.60 -1.14
N CYS A 546 25.58 18.66 -2.07
CA CYS A 546 26.53 17.59 -1.80
C CYS A 546 27.98 18.07 -1.84
N LEU A 547 28.31 19.13 -2.58
CA LEU A 547 29.65 19.71 -2.51
C LEU A 547 29.90 20.41 -1.17
N SER A 548 28.91 21.10 -0.60
CA SER A 548 29.07 21.75 0.69
C SER A 548 29.34 20.67 1.76
N LEU A 549 28.69 19.49 1.62
CA LEU A 549 28.92 18.36 2.53
C LEU A 549 30.29 17.72 2.35
N ALA A 550 30.71 17.51 1.10
CA ALA A 550 32.02 16.97 0.76
C ALA A 550 33.15 17.80 1.36
N LEU A 551 33.04 19.13 1.29
CA LEU A 551 34.09 20.01 1.81
C LEU A 551 34.30 19.86 3.30
N VAL A 552 33.25 19.48 4.05
CA VAL A 552 33.32 19.33 5.51
C VAL A 552 33.35 17.84 5.95
N GLY A 553 33.83 16.98 5.08
CA GLY A 553 34.10 15.59 5.40
C GLY A 553 33.04 14.56 5.11
N LEU A 554 31.83 14.96 4.75
CA LEU A 554 30.73 14.02 4.52
C LEU A 554 30.67 13.70 3.02
N SER A 555 31.56 12.79 2.59
CA SER A 555 31.73 12.39 1.19
C SER A 555 30.63 11.50 0.66
N PHE A 556 29.90 10.78 1.53
CA PHE A 556 28.90 9.83 1.05
C PHE A 556 27.51 10.46 1.12
N CYS A 557 27.24 11.32 0.14
CA CYS A 557 26.08 12.23 0.03
C CYS A 557 25.31 11.97 -1.26
N GLY A 558 24.02 12.27 -1.23
CA GLY A 558 23.20 12.22 -2.42
C GLY A 558 21.86 12.89 -2.19
N ALA A 559 21.04 12.94 -3.24
CA ALA A 559 19.67 13.49 -3.20
C ALA A 559 18.75 12.46 -3.87
N ASP A 560 17.49 12.42 -3.46
CA ASP A 560 16.54 11.44 -4.01
C ASP A 560 16.37 11.58 -5.50
N VAL A 561 16.69 10.54 -6.24
CA VAL A 561 16.61 10.54 -7.69
C VAL A 561 15.14 10.55 -8.10
N GLY A 562 14.76 11.58 -8.87
CA GLY A 562 13.40 11.84 -9.30
C GLY A 562 12.69 12.87 -8.44
N GLY A 563 13.23 13.17 -7.26
CA GLY A 563 12.62 14.06 -6.30
C GLY A 563 11.64 13.30 -5.43
N PHE A 564 11.57 13.61 -4.13
CA PHE A 564 10.69 12.89 -3.21
C PHE A 564 9.22 13.28 -3.44
N PHE A 565 8.93 14.57 -3.31
CA PHE A 565 7.57 15.07 -3.52
C PHE A 565 7.25 15.25 -4.99
N LYS A 566 5.99 14.95 -5.37
CA LYS A 566 5.43 15.17 -6.71
C LYS A 566 5.92 14.16 -7.74
N ASN A 567 5.38 14.26 -8.96
CA ASN A 567 5.65 13.37 -10.07
C ASN A 567 6.54 14.03 -11.12
N PRO A 568 7.77 13.53 -11.34
CA PRO A 568 8.64 14.12 -12.35
C PRO A 568 8.17 13.72 -13.76
N GLU A 569 8.35 14.62 -14.74
CA GLU A 569 8.09 14.24 -16.12
C GLU A 569 9.22 13.23 -16.52
N PRO A 570 9.01 12.30 -17.48
CA PRO A 570 10.07 11.34 -17.85
C PRO A 570 11.45 11.95 -18.18
N GLU A 571 11.48 13.09 -18.86
CA GLU A 571 12.74 13.74 -19.20
C GLU A 571 13.49 14.14 -17.93
N LEU A 572 12.78 14.69 -16.94
CA LEU A 572 13.40 15.08 -15.68
C LEU A 572 13.90 13.82 -14.93
N LEU A 573 13.11 12.71 -14.92
CA LEU A 573 13.56 11.47 -14.29
C LEU A 573 14.85 10.95 -14.94
N VAL A 574 14.96 10.99 -16.28
CA VAL A 574 16.18 10.59 -17.00
C VAL A 574 17.35 11.47 -16.56
N ARG A 575 17.20 12.79 -16.60
CA ARG A 575 18.30 13.67 -16.22
C ARG A 575 18.68 13.48 -14.77
N TRP A 576 17.72 13.13 -13.91
CA TRP A 576 18.01 12.87 -12.51
C TRP A 576 18.80 11.55 -12.33
N TYR A 577 18.49 10.51 -13.10
CA TYR A 577 19.28 9.28 -13.07
C TYR A 577 20.72 9.55 -13.50
N GLN A 578 20.90 10.39 -14.51
CA GLN A 578 22.24 10.73 -15.01
C GLN A 578 23.05 11.51 -13.98
N MET A 579 22.44 12.47 -13.30
CA MET A 579 23.06 13.27 -12.22
C MET A 579 23.40 12.34 -11.06
N GLY A 580 22.43 11.54 -10.63
CA GLY A 580 22.60 10.62 -9.51
C GLY A 580 23.65 9.56 -9.77
N ALA A 581 23.77 9.12 -11.04
CA ALA A 581 24.77 8.14 -11.43
C ALA A 581 26.19 8.63 -11.20
N TYR A 582 26.41 9.97 -11.12
CA TYR A 582 27.73 10.57 -10.88
C TYR A 582 27.83 11.26 -9.50
N GLN A 583 26.93 10.92 -8.57
CA GLN A 583 26.96 11.41 -7.20
C GLN A 583 27.20 10.23 -6.24
N PRO A 584 27.84 10.45 -5.07
CA PRO A 584 28.27 9.32 -4.23
C PRO A 584 27.18 8.35 -3.76
N PHE A 585 26.06 8.85 -3.20
CA PHE A 585 24.96 7.99 -2.75
C PHE A 585 23.84 8.07 -3.80
N PHE A 586 23.55 6.95 -4.46
CA PHE A 586 22.65 6.88 -5.61
C PHE A 586 21.40 6.09 -5.33
N ARG A 587 20.34 6.79 -4.92
CA ARG A 587 19.07 6.17 -4.59
C ARG A 587 17.90 6.94 -5.19
N ALA A 588 16.98 6.19 -5.83
CA ALA A 588 15.70 6.70 -6.28
C ALA A 588 14.76 6.49 -5.12
N HIS A 589 14.01 7.51 -4.75
CA HIS A 589 13.02 7.41 -3.66
C HIS A 589 11.85 8.37 -4.00
N ALA A 590 10.68 8.10 -3.44
CA ALA A 590 9.47 8.82 -3.80
C ALA A 590 8.46 8.78 -2.67
N HIS A 591 7.67 9.84 -2.55
CA HIS A 591 6.64 9.99 -1.52
C HIS A 591 5.42 9.07 -1.75
N LEU A 592 4.71 8.80 -0.67
CA LEU A 592 3.51 7.92 -0.62
C LEU A 592 2.47 8.18 -1.71
N ASP A 593 2.22 9.45 -2.03
CA ASP A 593 1.14 9.81 -2.98
C ASP A 593 1.61 9.95 -4.42
N THR A 594 2.85 9.58 -4.73
CA THR A 594 3.38 9.67 -6.09
C THR A 594 3.06 8.41 -6.89
N GLY A 595 3.05 8.55 -8.18
CA GLY A 595 2.88 7.40 -9.05
C GLY A 595 4.17 6.56 -9.01
N ARG A 596 4.06 5.28 -9.34
CA ARG A 596 5.20 4.38 -9.39
C ARG A 596 6.19 4.84 -10.43
N ARG A 597 7.50 4.81 -10.13
CA ARG A 597 8.47 5.27 -11.10
C ARG A 597 9.70 4.36 -11.21
N GLU A 598 9.45 3.04 -11.14
CA GLU A 598 10.52 2.05 -11.43
C GLU A 598 10.87 2.32 -12.90
N PRO A 599 12.18 2.27 -13.25
CA PRO A 599 12.60 2.82 -14.54
C PRO A 599 12.09 2.09 -15.77
N TRP A 600 11.66 0.84 -15.66
CA TRP A 600 11.06 0.12 -16.78
C TRP A 600 9.59 0.48 -17.04
N LEU A 601 8.98 1.39 -16.27
CA LEU A 601 7.59 1.80 -16.50
C LEU A 601 7.48 2.95 -17.52
N LEU A 602 8.63 3.49 -17.95
CA LEU A 602 8.70 4.57 -18.92
C LEU A 602 8.78 4.02 -20.31
N ALA A 603 8.58 4.90 -21.30
CA ALA A 603 8.69 4.54 -22.71
C ALA A 603 10.16 4.15 -23.01
N SER A 604 10.35 3.24 -23.97
CA SER A 604 11.65 2.70 -24.37
C SER A 604 12.81 3.72 -24.48
N GLN A 605 12.59 4.92 -25.07
CA GLN A 605 13.67 5.92 -25.20
C GLN A 605 14.25 6.31 -23.81
N TYR A 606 13.36 6.45 -22.82
CA TYR A 606 13.71 6.86 -21.46
C TYR A 606 14.34 5.70 -20.72
N GLN A 607 13.80 4.46 -20.86
CA GLN A 607 14.39 3.26 -20.26
C GLN A 607 15.82 3.08 -20.73
N ASP A 608 16.05 3.29 -22.01
CA ASP A 608 17.38 3.09 -22.60
C ASP A 608 18.40 4.10 -22.08
N ALA A 609 17.99 5.38 -21.92
CA ALA A 609 18.88 6.42 -21.37
C ALA A 609 19.18 6.10 -19.91
N ILE A 610 18.17 5.59 -19.15
CA ILE A 610 18.38 5.23 -17.74
C ILE A 610 19.31 4.02 -17.63
N ARG A 611 19.11 2.99 -18.46
CA ARG A 611 19.98 1.83 -18.45
C ARG A 611 21.43 2.25 -18.75
N ASP A 612 21.63 3.15 -19.70
CA ASP A 612 22.96 3.69 -20.05
C ASP A 612 23.62 4.35 -18.82
N ALA A 613 22.88 5.18 -18.09
CA ALA A 613 23.40 5.84 -16.89
C ALA A 613 23.78 4.79 -15.81
N LEU A 614 22.95 3.75 -15.62
CA LEU A 614 23.22 2.69 -14.66
C LEU A 614 24.47 1.90 -15.06
N PHE A 615 24.60 1.56 -16.33
CA PHE A 615 25.78 0.88 -16.83
C PHE A 615 27.06 1.74 -16.62
N GLN A 616 27.00 3.06 -16.83
CA GLN A 616 28.15 3.93 -16.56
C GLN A 616 28.60 3.86 -15.12
N ARG A 617 27.64 3.96 -14.23
CA ARG A 617 27.92 3.90 -12.78
C ARG A 617 28.53 2.55 -12.37
N TYR A 618 27.92 1.44 -12.81
CA TYR A 618 28.42 0.12 -12.46
C TYR A 618 29.83 -0.11 -13.00
N SER A 619 30.09 0.31 -14.24
CA SER A 619 31.44 0.17 -14.81
C SER A 619 32.47 0.99 -14.08
N LEU A 620 32.08 2.14 -13.51
CA LEU A 620 33.01 2.96 -12.73
C LEU A 620 33.17 2.53 -11.27
N LEU A 621 32.54 1.45 -10.80
CA LEU A 621 32.67 1.07 -9.40
C LEU A 621 34.12 0.94 -8.89
N PRO A 622 35.07 0.35 -9.66
CA PRO A 622 36.46 0.28 -9.16
C PRO A 622 37.06 1.68 -8.88
N PHE A 623 36.68 2.68 -9.71
CA PHE A 623 37.11 4.08 -9.55
C PHE A 623 36.46 4.69 -8.31
N TRP A 624 35.15 4.55 -8.16
CA TRP A 624 34.43 5.04 -6.99
C TRP A 624 34.99 4.44 -5.69
N TYR A 625 35.22 3.13 -5.70
CA TYR A 625 35.74 2.41 -4.52
C TYR A 625 37.13 2.92 -4.12
N THR A 626 37.98 3.16 -5.11
CA THR A 626 39.31 3.74 -4.91
C THR A 626 39.21 5.16 -4.33
N LEU A 627 38.31 6.01 -4.87
CA LEU A 627 38.15 7.37 -4.32
C LEU A 627 37.69 7.30 -2.87
N PHE A 628 36.80 6.36 -2.54
CA PHE A 628 36.34 6.21 -1.14
C PHE A 628 37.47 5.69 -0.26
N TYR A 629 38.33 4.80 -0.78
CA TYR A 629 39.49 4.35 -0.02
C TYR A 629 40.42 5.53 0.27
N GLN A 630 40.66 6.40 -0.72
CA GLN A 630 41.44 7.62 -0.51
C GLN A 630 40.76 8.58 0.49
N ALA A 631 39.42 8.64 0.50
CA ALA A 631 38.70 9.45 1.50
C ALA A 631 38.89 8.86 2.89
N HIS A 632 38.81 7.54 3.00
CA HIS A 632 38.95 6.82 4.26
C HIS A 632 40.36 6.95 4.83
N LYS A 633 41.38 6.91 3.98
CA LYS A 633 42.76 7.00 4.43
C LYS A 633 43.27 8.40 4.66
N GLU A 634 42.88 9.35 3.81
CA GLU A 634 43.40 10.73 3.85
C GLU A 634 42.41 11.80 4.29
N GLY A 635 41.10 11.56 4.20
CA GLY A 635 40.08 12.56 4.50
C GLY A 635 39.83 13.53 3.36
N PHE A 636 40.21 13.15 2.12
CA PHE A 636 39.99 13.95 0.92
C PHE A 636 38.62 13.66 0.34
N PRO A 637 37.91 14.71 -0.10
CA PRO A 637 36.54 14.50 -0.62
C PRO A 637 36.49 13.71 -1.91
N VAL A 638 35.41 12.95 -2.10
CA VAL A 638 35.22 12.13 -3.30
C VAL A 638 34.73 13.07 -4.46
N MET A 639 33.61 13.76 -4.20
CA MET A 639 33.01 14.74 -5.11
C MET A 639 33.63 16.08 -4.74
N ARG A 640 34.20 16.80 -5.71
CA ARG A 640 34.93 18.03 -5.43
C ARG A 640 34.53 19.22 -6.27
N PRO A 641 34.53 20.43 -5.68
CA PRO A 641 34.38 21.62 -6.51
C PRO A 641 35.61 21.78 -7.42
N LEU A 642 35.45 22.44 -8.57
CA LEU A 642 36.59 22.65 -9.47
C LEU A 642 37.73 23.45 -8.81
N TRP A 643 37.42 24.41 -7.92
CA TRP A 643 38.45 25.22 -7.24
C TRP A 643 39.39 24.39 -6.36
N VAL A 644 38.97 23.21 -5.88
CA VAL A 644 39.89 22.38 -5.09
C VAL A 644 41.03 21.85 -5.98
N GLN A 645 40.71 21.54 -7.24
CA GLN A 645 41.69 21.08 -8.22
C GLN A 645 42.41 22.22 -8.94
N TYR A 646 41.76 23.40 -9.07
CA TYR A 646 42.32 24.60 -9.74
C TYR A 646 42.26 25.77 -8.78
N PRO A 647 43.05 25.73 -7.68
CA PRO A 647 42.95 26.79 -6.66
C PRO A 647 43.36 28.19 -7.10
N GLU A 648 44.15 28.33 -8.16
CA GLU A 648 44.56 29.65 -8.63
C GLU A 648 43.66 30.16 -9.78
N ASP A 649 42.67 29.36 -10.23
CA ASP A 649 41.75 29.80 -11.26
C ASP A 649 40.54 30.42 -10.61
N MET A 650 40.55 31.76 -10.52
CA MET A 650 39.50 32.51 -9.85
C MET A 650 38.14 32.37 -10.52
N SER A 651 38.08 31.98 -11.80
CA SER A 651 36.80 31.74 -12.48
C SER A 651 36.10 30.45 -11.98
N THR A 652 36.80 29.56 -11.26
CA THR A 652 36.18 28.34 -10.73
C THR A 652 35.59 28.49 -9.32
N PHE A 653 35.85 29.61 -8.62
CA PHE A 653 35.54 29.72 -7.20
C PHE A 653 34.09 29.62 -6.83
N SER A 654 33.16 29.95 -7.73
CA SER A 654 31.73 29.85 -7.43
C SER A 654 30.98 28.80 -8.30
N ILE A 655 31.68 28.04 -9.14
CA ILE A 655 31.02 27.06 -10.01
C ILE A 655 30.32 25.99 -9.21
N GLU A 656 29.03 25.77 -9.53
CA GLU A 656 28.20 24.74 -8.90
C GLU A 656 27.28 23.98 -9.90
N ASP A 657 27.52 24.08 -11.22
CA ASP A 657 26.77 23.32 -12.22
C ASP A 657 27.68 22.22 -12.81
N GLN A 658 28.87 22.08 -12.22
CA GLN A 658 29.90 21.15 -12.64
C GLN A 658 30.66 20.69 -11.41
N PHE A 659 31.30 19.54 -11.47
CA PHE A 659 32.11 19.06 -10.35
C PHE A 659 33.09 18.03 -10.85
N MET A 660 34.05 17.70 -9.99
CA MET A 660 35.00 16.65 -10.30
C MET A 660 34.86 15.47 -9.35
N LEU A 661 35.22 14.30 -9.85
CA LEU A 661 35.32 13.08 -9.06
C LEU A 661 36.82 12.81 -9.01
N GLY A 662 37.40 12.97 -7.81
CA GLY A 662 38.83 12.87 -7.65
C GLY A 662 39.52 13.93 -8.49
N ASP A 663 40.64 13.60 -9.10
CA ASP A 663 41.36 14.48 -10.01
C ASP A 663 41.15 14.05 -11.45
N ALA A 664 40.35 12.99 -11.72
CA ALA A 664 40.29 12.40 -13.04
C ALA A 664 39.06 12.70 -13.89
N LEU A 665 37.86 12.85 -13.33
CA LEU A 665 36.67 13.06 -14.16
C LEU A 665 36.01 14.39 -13.83
N LEU A 666 35.58 15.12 -14.88
CA LEU A 666 34.85 16.40 -14.75
C LEU A 666 33.47 16.12 -15.32
N ILE A 667 32.43 16.42 -14.53
CA ILE A 667 31.06 16.08 -14.87
C ILE A 667 30.24 17.37 -14.98
N HIS A 668 29.44 17.53 -16.06
CA HIS A 668 28.51 18.67 -16.21
C HIS A 668 27.16 18.07 -16.64
N PRO A 669 26.37 17.54 -15.68
CA PRO A 669 25.07 16.92 -16.03
C PRO A 669 24.09 17.91 -16.67
N VAL A 670 23.25 17.43 -17.58
CA VAL A 670 22.24 18.30 -18.21
C VAL A 670 21.18 18.53 -17.14
N SER A 671 20.80 19.79 -16.88
CA SER A 671 19.84 20.07 -15.83
C SER A 671 18.77 21.10 -16.22
N ASP A 672 18.37 21.12 -17.49
CA ASP A 672 17.29 21.99 -18.00
C ASP A 672 16.47 21.19 -19.01
N ALA A 673 15.13 21.34 -18.95
CA ALA A 673 14.24 20.65 -19.89
C ALA A 673 14.52 21.19 -21.30
N GLY A 674 14.52 20.32 -22.31
CA GLY A 674 14.72 20.71 -23.71
C GLY A 674 16.09 21.25 -24.07
N ALA A 675 17.11 20.95 -23.26
CA ALA A 675 18.46 21.40 -23.54
C ALA A 675 19.01 20.65 -24.75
N HIS A 676 19.65 21.38 -25.68
CA HIS A 676 20.33 20.75 -26.83
C HIS A 676 21.83 20.88 -26.72
N GLY A 677 22.32 21.60 -25.71
CA GLY A 677 23.74 21.69 -25.44
C GLY A 677 23.99 22.23 -24.05
N VAL A 678 25.24 22.11 -23.58
CA VAL A 678 25.67 22.65 -22.29
C VAL A 678 26.98 23.41 -22.50
N GLN A 679 27.19 24.46 -21.70
CA GLN A 679 28.43 25.21 -21.66
C GLN A 679 29.32 24.57 -20.59
N VAL A 680 30.35 23.86 -21.01
CA VAL A 680 31.26 23.16 -20.09
C VAL A 680 32.55 23.96 -19.89
N TYR A 681 32.88 24.39 -18.67
CA TYR A 681 34.18 25.03 -18.43
C TYR A 681 35.24 23.95 -18.15
N LEU A 682 36.27 23.87 -19.02
CA LEU A 682 37.37 22.93 -18.92
C LEU A 682 38.57 23.74 -18.49
N PRO A 683 38.94 23.66 -17.21
CA PRO A 683 40.04 24.50 -16.73
C PRO A 683 41.41 23.92 -17.01
N GLY A 684 42.42 24.70 -16.67
CA GLY A 684 43.80 24.25 -16.70
C GLY A 684 44.68 24.75 -17.83
N GLN A 685 45.67 25.58 -17.49
CA GLN A 685 46.68 26.02 -18.47
C GLN A 685 47.50 24.77 -18.81
N GLU A 686 47.72 24.47 -20.09
CA GLU A 686 48.47 23.27 -20.49
C GLU A 686 47.82 21.91 -20.07
N GLU A 687 46.51 21.91 -19.83
CA GLU A 687 45.75 20.71 -19.46
C GLU A 687 44.98 20.27 -20.68
N VAL A 688 44.71 18.98 -20.81
CA VAL A 688 43.90 18.46 -21.88
C VAL A 688 42.80 17.60 -21.24
N TRP A 689 41.67 17.55 -21.90
CA TRP A 689 40.47 16.85 -21.44
C TRP A 689 39.95 15.99 -22.56
N TYR A 690 39.54 14.75 -22.25
CA TYR A 690 38.99 13.85 -23.28
C TYR A 690 37.51 13.61 -23.03
N ASP A 691 36.67 13.84 -24.03
CA ASP A 691 35.25 13.55 -23.95
C ASP A 691 35.20 12.02 -23.89
N ILE A 692 34.69 11.44 -22.80
CA ILE A 692 34.79 9.99 -22.61
C ILE A 692 33.94 9.18 -23.58
N GLN A 693 32.97 9.78 -24.26
CA GLN A 693 32.17 9.07 -25.25
C GLN A 693 32.75 9.10 -26.64
N SER A 694 33.17 10.28 -27.10
CA SER A 694 33.72 10.48 -28.43
C SER A 694 35.23 10.34 -28.52
N TYR A 695 35.95 10.48 -27.37
CA TYR A 695 37.40 10.51 -27.30
C TYR A 695 38.00 11.79 -27.89
N GLN A 696 37.17 12.82 -28.18
CA GLN A 696 37.68 14.08 -28.69
C GLN A 696 38.47 14.78 -27.57
N LYS A 697 39.67 15.26 -27.91
CA LYS A 697 40.55 15.95 -26.99
C LYS A 697 40.28 17.45 -27.04
N HIS A 698 40.25 18.11 -25.86
CA HIS A 698 40.02 19.54 -25.73
C HIS A 698 41.09 20.14 -24.84
N HIS A 699 41.65 21.27 -25.24
CA HIS A 699 42.67 21.97 -24.48
C HIS A 699 42.06 23.01 -23.54
N GLY A 700 42.51 23.04 -22.29
CA GLY A 700 42.06 24.04 -21.34
C GLY A 700 42.95 25.27 -21.42
N PRO A 701 42.56 26.39 -20.81
CA PRO A 701 41.24 26.66 -20.24
C PRO A 701 40.29 27.13 -21.35
N GLN A 702 39.06 26.63 -21.35
CA GLN A 702 38.05 27.05 -22.31
C GLN A 702 36.67 26.72 -21.84
N THR A 703 35.65 27.42 -22.40
CA THR A 703 34.26 27.10 -22.21
C THR A 703 33.84 26.46 -23.54
N LEU A 704 33.47 25.18 -23.49
CA LEU A 704 33.10 24.40 -24.66
C LEU A 704 31.57 24.32 -24.74
N TYR A 705 30.97 24.60 -25.89
CA TYR A 705 29.53 24.38 -26.01
C TYR A 705 29.35 22.98 -26.58
N LEU A 706 28.93 22.02 -25.73
CA LEU A 706 28.83 20.62 -26.11
C LEU A 706 27.39 20.29 -26.49
N PRO A 707 27.12 19.77 -27.69
CA PRO A 707 25.75 19.29 -27.99
C PRO A 707 25.37 18.06 -27.17
N VAL A 708 24.10 17.96 -26.79
CA VAL A 708 23.60 16.83 -26.01
C VAL A 708 22.27 16.32 -26.56
N THR A 709 22.02 15.03 -26.33
CA THR A 709 20.80 14.32 -26.59
C THR A 709 20.29 13.77 -25.25
N LEU A 710 19.14 13.06 -25.24
CA LEU A 710 18.54 12.51 -24.00
C LEU A 710 19.48 11.54 -23.26
N SER A 711 20.30 10.79 -24.00
CA SER A 711 21.21 9.81 -23.40
C SER A 711 22.58 10.41 -23.04
N SER A 712 22.82 11.70 -23.30
CA SER A 712 24.09 12.33 -22.98
C SER A 712 24.29 12.60 -21.52
N ILE A 713 25.50 12.31 -21.02
CA ILE A 713 25.99 12.65 -19.69
C ILE A 713 27.37 13.29 -19.96
N PRO A 714 27.48 14.62 -19.99
CA PRO A 714 28.77 15.27 -20.30
C PRO A 714 29.85 14.97 -19.25
N VAL A 715 30.79 14.10 -19.62
CA VAL A 715 31.87 13.66 -18.73
C VAL A 715 33.17 13.71 -19.49
N PHE A 716 34.19 14.28 -18.86
CA PHE A 716 35.51 14.41 -19.45
C PHE A 716 36.57 13.83 -18.53
N GLN A 717 37.54 13.10 -19.11
CA GLN A 717 38.67 12.55 -18.34
C GLN A 717 39.87 13.47 -18.51
N ARG A 718 40.52 13.83 -17.40
CA ARG A 718 41.66 14.74 -17.43
C ARG A 718 42.88 14.03 -17.96
N GLY A 719 43.62 14.68 -18.82
CA GLY A 719 44.89 14.14 -19.29
C GLY A 719 45.82 13.99 -18.09
N GLY A 720 46.57 12.90 -18.06
CA GLY A 720 47.43 12.60 -16.93
C GLY A 720 46.84 11.61 -15.94
N THR A 721 45.68 11.01 -16.25
CA THR A 721 45.02 10.09 -15.32
C THR A 721 44.73 8.74 -15.90
N ILE A 722 44.57 7.76 -15.02
CA ILE A 722 44.27 6.38 -15.39
C ILE A 722 43.07 5.98 -14.55
N VAL A 723 41.97 5.69 -15.22
CA VAL A 723 40.72 5.32 -14.56
C VAL A 723 40.44 3.80 -14.76
N PRO A 724 40.25 3.04 -13.69
CA PRO A 724 39.92 1.61 -13.85
C PRO A 724 38.40 1.39 -13.96
N ARG A 725 37.96 0.44 -14.81
CA ARG A 725 36.54 0.13 -14.97
C ARG A 725 36.30 -1.36 -15.05
N TRP A 726 35.10 -1.80 -14.68
CA TRP A 726 34.62 -3.17 -14.90
C TRP A 726 33.68 -3.05 -16.10
N MET A 727 34.13 -3.45 -17.30
CA MET A 727 33.31 -3.29 -18.49
C MET A 727 32.23 -4.34 -18.66
N ARG A 728 32.26 -5.43 -17.88
CA ARG A 728 31.25 -6.50 -17.92
C ARG A 728 30.19 -6.17 -16.88
N VAL A 729 29.21 -5.37 -17.26
CA VAL A 729 28.14 -4.96 -16.36
C VAL A 729 27.19 -6.13 -16.12
N ARG A 730 27.01 -6.48 -14.85
CA ARG A 730 26.14 -7.58 -14.45
C ARG A 730 25.00 -7.03 -13.60
N ARG A 731 24.18 -7.87 -12.98
CA ARG A 731 22.97 -7.39 -12.31
C ARG A 731 23.17 -6.67 -10.98
N SER A 732 24.31 -6.87 -10.33
CA SER A 732 24.63 -6.24 -9.06
C SER A 732 26.14 -6.23 -8.91
N SER A 733 26.64 -5.42 -7.97
CA SER A 733 28.07 -5.31 -7.73
C SER A 733 28.69 -6.62 -7.24
N ASP A 734 27.97 -7.43 -6.41
CA ASP A 734 28.53 -8.70 -5.93
C ASP A 734 28.88 -9.61 -7.09
N CYS A 735 28.09 -9.57 -8.14
CA CYS A 735 28.32 -10.38 -9.33
C CYS A 735 29.62 -9.99 -10.04
N MET A 736 29.99 -8.70 -9.96
CA MET A 736 31.11 -8.08 -10.69
C MET A 736 32.42 -7.96 -9.94
N LYS A 737 32.39 -8.11 -8.62
CA LYS A 737 33.52 -7.76 -7.79
C LYS A 737 34.78 -8.64 -7.97
N ASP A 738 34.71 -9.75 -8.74
CA ASP A 738 35.87 -10.60 -9.07
C ASP A 738 36.24 -10.55 -10.57
N ASP A 739 35.63 -9.63 -11.33
CA ASP A 739 35.82 -9.54 -12.78
C ASP A 739 37.04 -8.77 -13.21
N PRO A 740 37.47 -8.98 -14.48
CA PRO A 740 38.62 -8.26 -14.99
C PRO A 740 38.41 -6.78 -15.21
N ILE A 741 39.50 -6.03 -15.11
CA ILE A 741 39.54 -4.59 -15.20
C ILE A 741 40.03 -4.12 -16.58
N THR A 742 39.46 -3.00 -17.05
CA THR A 742 39.92 -2.26 -18.22
C THR A 742 40.50 -0.95 -17.70
N LEU A 743 41.75 -0.62 -18.09
CA LEU A 743 42.37 0.64 -17.67
C LEU A 743 42.22 1.68 -18.77
N PHE A 744 41.71 2.87 -18.42
CA PHE A 744 41.51 3.97 -19.38
C PHE A 744 42.59 4.98 -19.10
N VAL A 745 43.58 5.06 -19.98
CA VAL A 745 44.76 5.90 -19.80
C VAL A 745 44.57 7.15 -20.66
N ALA A 746 44.43 8.31 -20.02
CA ALA A 746 44.29 9.57 -20.74
C ALA A 746 45.64 10.29 -20.69
N LEU A 747 46.35 10.35 -21.81
CA LEU A 747 47.69 10.95 -21.81
C LEU A 747 47.68 12.47 -21.70
N SER A 748 48.56 13.01 -20.85
CA SER A 748 48.78 14.45 -20.70
C SER A 748 49.51 14.91 -21.96
N PRO A 749 49.64 16.24 -22.19
CA PRO A 749 50.43 16.70 -23.36
C PRO A 749 51.90 16.22 -23.33
N GLN A 750 52.44 15.91 -22.11
CA GLN A 750 53.79 15.38 -21.95
C GLN A 750 53.86 13.85 -22.16
N GLY A 751 52.75 13.20 -22.51
CA GLY A 751 52.69 11.75 -22.74
C GLY A 751 52.79 10.93 -21.46
N THR A 752 52.19 11.44 -20.37
CA THR A 752 52.22 10.77 -19.08
C THR A 752 50.83 10.62 -18.48
N ALA A 753 50.70 9.68 -17.55
CA ALA A 753 49.49 9.45 -16.79
C ALA A 753 49.72 8.58 -15.57
N GLN A 754 48.88 8.74 -14.56
CA GLN A 754 48.93 7.89 -13.38
C GLN A 754 47.55 7.73 -12.75
N GLY A 755 47.39 6.64 -12.01
CA GLY A 755 46.18 6.37 -11.26
C GLY A 755 46.33 5.21 -10.32
N GLU A 756 45.48 5.13 -9.30
CA GLU A 756 45.53 4.03 -8.33
C GLU A 756 44.28 3.16 -8.43
N LEU A 757 44.35 2.00 -7.80
CA LEU A 757 43.25 1.06 -7.73
C LEU A 757 43.30 0.32 -6.40
N PHE A 758 42.22 0.41 -5.60
CA PHE A 758 42.06 -0.30 -4.34
C PHE A 758 41.11 -1.47 -4.59
N LEU A 759 41.47 -2.66 -4.09
CA LEU A 759 40.62 -3.86 -4.15
C LEU A 759 40.67 -4.58 -2.83
N ASP A 760 39.55 -5.17 -2.41
CA ASP A 760 39.49 -6.03 -1.24
C ASP A 760 38.31 -6.98 -1.46
N ASP A 761 37.83 -7.66 -0.42
CA ASP A 761 36.70 -8.57 -0.54
C ASP A 761 35.34 -7.86 -0.76
N GLY A 762 35.29 -6.53 -0.62
CA GLY A 762 34.09 -5.75 -0.89
C GLY A 762 33.20 -5.49 0.30
N HIS A 763 33.42 -6.11 1.47
CA HIS A 763 32.46 -5.95 2.57
C HIS A 763 32.92 -6.16 4.01
N THR A 764 34.16 -6.60 4.28
CA THR A 764 34.59 -6.82 5.68
C THR A 764 35.67 -5.83 6.10
N PHE A 765 36.07 -5.93 7.38
CA PHE A 765 37.20 -5.18 7.90
C PHE A 765 38.53 -5.91 7.68
N ASN A 766 38.57 -6.99 6.85
CA ASN A 766 39.82 -7.72 6.61
C ASN A 766 40.94 -6.87 6.04
N TYR A 767 40.62 -5.82 5.27
CA TYR A 767 41.67 -4.91 4.76
C TYR A 767 42.47 -4.28 5.91
N GLN A 768 41.84 -4.05 7.06
CA GLN A 768 42.48 -3.42 8.20
C GLN A 768 42.99 -4.44 9.25
N THR A 769 42.23 -5.51 9.53
CA THR A 769 42.62 -6.50 10.54
C THR A 769 43.61 -7.55 10.02
N ARG A 770 43.59 -7.85 8.71
CA ARG A 770 44.46 -8.84 8.11
C ARG A 770 45.31 -8.30 6.97
N HIS A 771 45.20 -6.99 6.64
CA HIS A 771 45.90 -6.38 5.49
C HIS A 771 45.61 -7.15 4.23
N GLU A 772 44.35 -7.61 4.09
CA GLU A 772 43.90 -8.34 2.90
C GLU A 772 43.23 -7.33 1.93
N PHE A 773 44.08 -6.74 1.10
CA PHE A 773 43.67 -5.80 0.07
C PHE A 773 44.81 -5.61 -0.90
N LEU A 774 44.55 -4.90 -1.99
CA LEU A 774 45.57 -4.47 -2.94
C LEU A 774 45.41 -2.99 -3.13
N LEU A 775 46.52 -2.27 -3.18
CA LEU A 775 46.53 -0.87 -3.60
C LEU A 775 47.60 -0.78 -4.68
N ARG A 776 47.18 -0.70 -5.95
CA ARG A 776 48.08 -0.63 -7.11
C ARG A 776 48.25 0.77 -7.59
N ARG A 777 49.41 1.05 -8.19
CA ARG A 777 49.69 2.31 -8.87
C ARG A 777 49.96 1.95 -10.31
N PHE A 778 49.24 2.60 -11.25
CA PHE A 778 49.45 2.45 -12.69
C PHE A 778 50.11 3.74 -13.14
N SER A 779 51.19 3.65 -13.92
CA SER A 779 51.91 4.85 -14.35
C SER A 779 52.36 4.70 -15.77
N PHE A 780 52.18 5.76 -16.58
CA PHE A 780 52.54 5.78 -17.97
C PHE A 780 53.51 6.92 -18.19
N SER A 781 54.62 6.65 -18.88
CA SER A 781 55.59 7.67 -19.28
C SER A 781 56.45 7.10 -20.37
N GLY A 782 56.85 7.92 -21.34
CA GLY A 782 57.77 7.50 -22.38
C GLY A 782 57.63 6.11 -23.02
N SER A 783 56.44 5.81 -23.50
CA SER A 783 56.00 4.63 -24.25
C SER A 783 55.80 3.34 -23.39
N THR A 784 55.79 3.46 -22.06
CA THR A 784 55.64 2.33 -21.15
C THR A 784 54.60 2.57 -20.06
N LEU A 785 53.74 1.57 -19.89
CA LEU A 785 52.71 1.53 -18.83
C LEU A 785 53.21 0.51 -17.80
N VAL A 786 53.26 0.91 -16.52
CA VAL A 786 53.75 0.07 -15.44
C VAL A 786 52.74 -0.07 -14.30
N SER A 787 52.59 -1.30 -13.78
CA SER A 787 51.83 -1.57 -12.58
C SER A 787 52.81 -1.89 -11.46
N SER A 788 52.72 -1.17 -10.33
CA SER A 788 53.53 -1.38 -9.15
C SER A 788 52.68 -1.29 -7.88
N SER A 789 53.19 -1.75 -6.74
CA SER A 789 52.43 -1.67 -5.51
C SER A 789 52.51 -0.24 -4.94
N ALA A 790 51.35 0.33 -4.53
CA ALA A 790 51.28 1.62 -3.86
C ALA A 790 51.26 1.40 -2.34
N ASP A 791 51.09 0.13 -1.87
CA ASP A 791 51.14 -0.21 -0.44
C ASP A 791 51.52 -1.69 -0.32
N PRO A 792 52.82 -1.98 -0.14
CA PRO A 792 53.27 -3.38 -0.08
C PRO A 792 52.75 -4.23 1.08
N LYS A 793 52.15 -3.62 2.12
CA LYS A 793 51.54 -4.37 3.23
C LYS A 793 50.30 -5.15 2.79
N GLY A 794 49.60 -4.67 1.75
CA GLY A 794 48.40 -5.29 1.28
C GLY A 794 48.61 -6.43 0.31
N HIS A 795 48.11 -7.62 0.67
CA HIS A 795 48.15 -8.82 -0.17
CA HIS A 795 48.15 -8.83 -0.16
C HIS A 795 46.72 -9.33 -0.28
N LEU A 796 46.32 -9.83 -1.45
CA LEU A 796 44.97 -10.34 -1.68
C LEU A 796 44.98 -11.45 -2.70
N GLU A 797 44.35 -12.59 -2.36
CA GLU A 797 44.19 -13.67 -3.32
C GLU A 797 42.95 -13.27 -4.11
N THR A 798 43.10 -13.05 -5.41
CA THR A 798 42.01 -12.62 -6.25
C THR A 798 42.16 -13.18 -7.65
N PRO A 799 41.04 -13.51 -8.33
CA PRO A 799 41.12 -13.90 -9.75
C PRO A 799 41.14 -12.69 -10.70
N ILE A 800 41.00 -11.45 -10.20
CA ILE A 800 40.95 -10.25 -11.04
C ILE A 800 42.22 -10.12 -11.89
N TRP A 801 42.02 -9.90 -13.20
CA TRP A 801 43.08 -9.73 -14.17
C TRP A 801 42.80 -8.48 -15.04
N ILE A 802 43.81 -8.02 -15.79
CA ILE A 802 43.69 -6.87 -16.69
C ILE A 802 43.28 -7.40 -18.06
N GLU A 803 42.04 -7.16 -18.50
CA GLU A 803 41.61 -7.66 -19.80
C GLU A 803 41.84 -6.72 -20.93
N ARG A 804 42.08 -5.43 -20.65
CA ARG A 804 42.17 -4.46 -21.73
C ARG A 804 42.76 -3.15 -21.23
N VAL A 805 43.45 -2.42 -22.14
CA VAL A 805 43.97 -1.08 -21.86
C VAL A 805 43.52 -0.20 -23.02
N VAL A 806 42.94 0.95 -22.71
CA VAL A 806 42.47 1.92 -23.71
C VAL A 806 43.32 3.16 -23.48
N ILE A 807 44.13 3.55 -24.47
CA ILE A 807 45.00 4.72 -24.32
C ILE A 807 44.52 5.81 -25.25
N MET A 808 44.13 6.96 -24.69
CA MET A 808 43.67 8.13 -25.43
C MET A 808 44.85 9.09 -25.57
N GLY A 809 45.07 9.54 -26.81
CA GLY A 809 46.17 10.43 -27.16
C GLY A 809 47.43 9.72 -27.59
N ALA A 810 47.32 8.48 -28.06
CA ALA A 810 48.47 7.67 -28.45
C ALA A 810 48.52 7.48 -29.96
N GLY A 811 49.75 7.44 -30.49
CA GLY A 811 50.00 7.14 -31.89
C GLY A 811 49.97 5.64 -32.10
N LYS A 812 50.03 5.18 -33.36
CA LYS A 812 50.01 3.75 -33.65
C LYS A 812 51.39 3.13 -33.43
N PRO A 813 51.50 2.12 -32.54
CA PRO A 813 52.80 1.47 -32.36
C PRO A 813 53.04 0.43 -33.43
N ALA A 814 54.28 -0.06 -33.53
CA ALA A 814 54.61 -1.15 -34.43
C ALA A 814 54.44 -2.49 -33.65
N ALA A 815 54.72 -2.47 -32.34
CA ALA A 815 54.60 -3.67 -31.50
C ALA A 815 54.28 -3.29 -30.07
N VAL A 816 53.64 -4.21 -29.35
CA VAL A 816 53.25 -4.01 -27.95
C VAL A 816 53.78 -5.21 -27.17
N VAL A 817 54.64 -4.97 -26.20
CA VAL A 817 55.29 -6.02 -25.43
C VAL A 817 54.92 -5.94 -23.96
N LEU A 818 54.51 -7.09 -23.36
CA LEU A 818 54.21 -7.16 -21.94
C LEU A 818 55.26 -7.99 -21.21
N GLN A 819 55.79 -7.45 -20.13
CA GLN A 819 56.72 -8.14 -19.27
C GLN A 819 56.13 -8.25 -17.88
N THR A 820 56.19 -9.44 -17.27
CA THR A 820 55.74 -9.64 -15.90
C THR A 820 56.61 -10.68 -15.24
N LYS A 821 56.99 -10.46 -13.96
CA LYS A 821 57.84 -11.40 -13.23
C LYS A 821 57.19 -12.78 -13.18
N GLY A 822 57.96 -13.81 -13.52
CA GLY A 822 57.46 -15.18 -13.51
C GLY A 822 56.95 -15.68 -14.83
N SER A 823 57.00 -14.84 -15.88
CA SER A 823 56.53 -15.20 -17.22
C SER A 823 57.50 -14.73 -18.28
N PRO A 824 57.50 -15.40 -19.45
CA PRO A 824 58.28 -14.91 -20.57
C PRO A 824 57.58 -13.68 -21.15
N GLU A 825 58.32 -12.93 -21.94
CA GLU A 825 57.84 -11.76 -22.64
C GLU A 825 56.72 -12.12 -23.61
N SER A 826 55.66 -11.28 -23.64
CA SER A 826 54.45 -11.49 -24.40
C SER A 826 54.28 -10.38 -25.45
N ARG A 827 53.69 -10.71 -26.60
CA ARG A 827 53.32 -9.76 -27.64
C ARG A 827 51.81 -9.63 -27.65
N LEU A 828 51.27 -8.40 -27.54
CA LEU A 828 49.81 -8.16 -27.57
C LEU A 828 49.34 -7.63 -28.91
N SER A 829 48.14 -8.03 -29.31
CA SER A 829 47.47 -7.50 -30.48
C SER A 829 46.85 -6.14 -30.07
N PHE A 830 46.60 -5.27 -31.05
CA PHE A 830 46.03 -3.96 -30.75
C PHE A 830 45.24 -3.41 -31.91
N GLN A 831 44.39 -2.43 -31.61
CA GLN A 831 43.59 -1.71 -32.58
C GLN A 831 43.81 -0.24 -32.36
N HIS A 832 43.90 0.52 -33.45
CA HIS A 832 44.14 1.94 -33.34
C HIS A 832 43.26 2.75 -34.27
N ASP A 833 42.63 3.82 -33.76
CA ASP A 833 41.79 4.72 -34.53
C ASP A 833 42.64 5.97 -34.78
N PRO A 834 43.07 6.23 -36.05
CA PRO A 834 43.91 7.42 -36.30
C PRO A 834 43.18 8.77 -36.17
N GLU A 835 41.85 8.78 -36.32
CA GLU A 835 41.04 9.98 -36.17
C GLU A 835 41.07 10.51 -34.73
N THR A 836 40.87 9.61 -33.75
CA THR A 836 40.84 9.95 -32.32
C THR A 836 42.15 9.69 -31.57
N SER A 837 43.11 8.98 -32.19
CA SER A 837 44.35 8.62 -31.52
C SER A 837 44.04 7.76 -30.26
N VAL A 838 43.15 6.76 -30.44
CA VAL A 838 42.78 5.82 -29.39
C VAL A 838 43.38 4.49 -29.76
N LEU A 839 44.15 3.92 -28.84
CA LEU A 839 44.83 2.64 -28.97
C LEU A 839 44.21 1.69 -27.97
N ILE A 840 43.79 0.52 -28.44
CA ILE A 840 43.19 -0.50 -27.57
C ILE A 840 44.15 -1.69 -27.57
N LEU A 841 44.63 -2.09 -26.38
CA LEU A 841 45.51 -3.23 -26.20
C LEU A 841 44.69 -4.45 -25.77
N ARG A 842 44.72 -5.48 -26.60
CA ARG A 842 43.96 -6.69 -26.38
C ARG A 842 44.52 -7.60 -25.31
N LYS A 843 43.66 -7.98 -24.35
CA LYS A 843 43.91 -9.03 -23.40
C LYS A 843 45.32 -9.15 -22.82
N PRO A 844 45.77 -8.16 -22.06
CA PRO A 844 47.06 -8.31 -21.38
C PRO A 844 47.16 -9.64 -20.59
N GLY A 845 46.07 -10.05 -19.93
CA GLY A 845 45.98 -11.36 -19.27
C GLY A 845 46.71 -11.53 -17.96
N VAL A 846 47.16 -10.45 -17.37
CA VAL A 846 47.97 -10.47 -16.17
C VAL A 846 47.14 -10.22 -14.93
N SER A 847 47.53 -10.84 -13.81
CA SER A 847 46.86 -10.65 -12.54
C SER A 847 47.03 -9.20 -12.09
N VAL A 848 45.97 -8.64 -11.49
CA VAL A 848 46.03 -7.29 -10.93
C VAL A 848 46.97 -7.22 -9.71
N ALA A 849 47.26 -8.37 -9.06
CA ALA A 849 48.13 -8.44 -7.90
C ALA A 849 49.63 -8.43 -8.30
N SER A 850 49.94 -8.58 -9.61
CA SER A 850 51.32 -8.64 -10.09
C SER A 850 51.87 -7.35 -10.62
N ASP A 851 53.20 -7.18 -10.47
CA ASP A 851 53.90 -6.08 -11.13
C ASP A 851 54.03 -6.47 -12.61
N TRP A 852 53.85 -5.48 -13.51
CA TRP A 852 53.98 -5.70 -14.95
C TRP A 852 54.27 -4.41 -15.68
N SER A 853 54.71 -4.51 -16.90
CA SER A 853 55.01 -3.37 -17.75
C SER A 853 54.59 -3.71 -19.17
N ILE A 854 54.02 -2.72 -19.87
CA ILE A 854 53.67 -2.86 -21.27
C ILE A 854 54.46 -1.78 -22.00
N HIS A 855 55.22 -2.14 -23.05
CA HIS A 855 56.01 -1.18 -23.84
C HIS A 855 55.44 -1.08 -25.22
N LEU A 856 55.26 0.16 -25.69
CA LEU A 856 54.76 0.41 -27.02
C LEU A 856 55.96 0.75 -27.88
N ARG A 857 56.27 -0.10 -28.87
CA ARG A 857 57.38 0.06 -29.84
C ARG A 857 58.71 -0.18 -29.12
N LYS B 1 41.54 -22.85 -41.71
CA LYS B 1 41.22 -23.12 -40.31
C LYS B 1 40.56 -22.01 -39.46
N PRO B 2 40.57 -20.68 -39.74
CA PRO B 2 40.11 -19.78 -38.69
C PRO B 2 38.59 -19.62 -38.53
N PHE B 3 38.20 -18.95 -37.45
CA PHE B 3 36.81 -18.68 -37.15
C PHE B 3 36.43 -17.33 -37.72
N THR B 4 35.25 -17.22 -38.33
CA THR B 4 34.76 -15.94 -38.81
C THR B 4 33.52 -15.63 -38.01
N CYS B 5 33.47 -14.42 -37.41
CA CYS B 5 32.34 -13.91 -36.64
C CYS B 5 31.08 -14.09 -37.47
N LEU B 6 29.95 -14.49 -36.85
CA LEU B 6 28.69 -14.66 -37.62
C LEU B 6 28.24 -13.35 -38.33
N ASP B 7 28.70 -12.16 -37.87
CA ASP B 7 28.41 -10.87 -38.51
C ASP B 7 29.46 -10.46 -39.58
N GLY B 8 30.49 -11.29 -39.84
CA GLY B 8 31.56 -11.01 -40.78
C GLY B 8 32.52 -9.90 -40.40
N THR B 9 32.53 -9.44 -39.14
CA THR B 9 33.39 -8.32 -38.72
C THR B 9 34.85 -8.66 -38.50
N ALA B 10 35.18 -9.93 -38.24
CA ALA B 10 36.58 -10.30 -38.07
C ALA B 10 36.76 -11.79 -38.30
N THR B 11 38.02 -12.19 -38.51
CA THR B 11 38.44 -13.57 -38.66
C THR B 11 39.54 -13.72 -37.66
N ILE B 12 39.41 -14.71 -36.78
CA ILE B 12 40.34 -14.93 -35.69
C ILE B 12 40.67 -16.39 -35.62
N PRO B 13 41.83 -16.76 -35.04
CA PRO B 13 42.07 -18.18 -34.88
C PRO B 13 41.10 -18.72 -33.84
N PHE B 14 40.86 -20.00 -33.90
CA PHE B 14 40.04 -20.76 -33.00
C PHE B 14 40.46 -20.55 -31.52
N ASP B 15 41.77 -20.24 -31.28
CA ASP B 15 42.26 -19.98 -29.91
C ASP B 15 41.65 -18.72 -29.31
N GLN B 16 41.01 -17.84 -30.12
CA GLN B 16 40.34 -16.65 -29.63
C GLN B 16 38.82 -16.89 -29.49
N VAL B 17 38.37 -18.15 -29.65
CA VAL B 17 37.00 -18.57 -29.44
C VAL B 17 36.92 -19.07 -27.98
N ASN B 18 35.96 -18.55 -27.21
CA ASN B 18 35.83 -18.85 -25.78
C ASN B 18 37.15 -18.66 -25.04
N ASP B 19 37.85 -17.56 -25.35
CA ASP B 19 39.10 -17.27 -24.68
C ASP B 19 38.88 -16.18 -23.60
N ASP B 20 37.63 -15.86 -23.27
CA ASP B 20 37.28 -14.90 -22.24
C ASP B 20 37.72 -13.45 -22.57
N TYR B 21 37.72 -13.11 -23.86
CA TYR B 21 37.95 -11.76 -24.36
C TYR B 21 37.06 -11.61 -25.59
N CYS B 22 36.31 -10.51 -25.67
CA CYS B 22 35.39 -10.30 -26.79
C CYS B 22 36.05 -9.78 -28.07
N ASP B 23 36.04 -10.61 -29.13
CA ASP B 23 36.62 -10.25 -30.43
C ASP B 23 35.61 -9.98 -31.56
N CYS B 24 34.33 -10.37 -31.40
CA CYS B 24 33.29 -10.17 -32.42
C CYS B 24 32.28 -9.16 -31.94
N LYS B 25 31.87 -8.22 -32.83
CA LYS B 25 30.86 -7.20 -32.47
C LYS B 25 29.51 -7.83 -32.11
N ASP B 26 29.20 -9.01 -32.68
CA ASP B 26 27.97 -9.73 -32.35
C ASP B 26 28.09 -10.69 -31.15
N GLY B 27 29.30 -10.83 -30.57
CA GLY B 27 29.55 -11.73 -29.45
C GLY B 27 29.67 -13.20 -29.78
N SER B 28 29.70 -13.55 -31.07
CA SER B 28 29.68 -14.95 -31.52
C SER B 28 30.95 -15.76 -31.21
N ASP B 29 32.06 -15.10 -30.88
CA ASP B 29 33.28 -15.83 -30.50
C ASP B 29 33.27 -16.28 -29.04
N GLU B 30 32.32 -15.76 -28.20
CA GLU B 30 32.28 -16.11 -26.79
C GLU B 30 30.94 -16.66 -26.31
N PRO B 31 30.44 -17.75 -26.95
CA PRO B 31 29.16 -18.30 -26.52
C PRO B 31 29.15 -18.93 -25.14
N GLY B 32 30.32 -19.32 -24.66
CA GLY B 32 30.45 -20.01 -23.39
C GLY B 32 30.97 -19.21 -22.22
N THR B 33 31.25 -17.90 -22.39
CA THR B 33 31.81 -17.06 -21.34
C THR B 33 30.95 -15.80 -21.16
N ALA B 34 31.34 -14.94 -20.21
CA ALA B 34 30.71 -13.65 -19.92
C ALA B 34 31.46 -12.49 -20.57
N ALA B 35 32.30 -12.76 -21.58
CA ALA B 35 33.18 -11.72 -22.10
C ALA B 35 32.54 -10.69 -23.00
N CYS B 36 31.48 -11.06 -23.75
CA CYS B 36 30.85 -10.12 -24.69
C CYS B 36 29.59 -9.46 -24.09
N PRO B 37 29.44 -8.13 -24.30
CA PRO B 37 28.28 -7.42 -23.74
C PRO B 37 26.94 -7.77 -24.38
N ASN B 38 26.93 -8.34 -25.58
CA ASN B 38 25.71 -8.66 -26.30
C ASN B 38 25.62 -10.13 -26.70
N GLY B 39 26.37 -10.98 -26.02
CA GLY B 39 26.35 -12.40 -26.30
C GLY B 39 25.19 -13.10 -25.65
N SER B 40 25.06 -14.40 -25.93
CA SER B 40 24.04 -15.25 -25.33
C SER B 40 24.66 -16.57 -24.97
N PHE B 41 24.16 -17.17 -23.90
CA PHE B 41 24.58 -18.47 -23.44
C PHE B 41 23.37 -19.37 -23.59
N HIS B 42 23.56 -20.55 -24.13
CA HIS B 42 22.50 -21.53 -24.34
C HIS B 42 22.37 -22.50 -23.17
N CYS B 43 21.19 -22.54 -22.51
CA CYS B 43 20.83 -23.49 -21.46
C CYS B 43 20.27 -24.69 -22.19
N THR B 44 21.02 -25.77 -22.28
CA THR B 44 20.53 -26.96 -23.01
C THR B 44 19.31 -27.59 -22.31
N ASN B 45 19.27 -27.54 -20.96
CA ASN B 45 18.17 -28.06 -20.14
C ASN B 45 17.65 -29.39 -20.66
N THR B 46 18.56 -30.37 -20.78
CA THR B 46 18.29 -31.71 -21.31
C THR B 46 17.05 -32.31 -20.64
N GLY B 47 16.05 -32.69 -21.43
CA GLY B 47 14.80 -33.22 -20.90
C GLY B 47 13.73 -32.16 -20.66
N TYR B 48 13.98 -30.90 -21.06
CA TYR B 48 13.00 -29.81 -20.86
C TYR B 48 13.22 -28.72 -21.92
N LYS B 49 12.47 -27.60 -21.82
CA LYS B 49 12.61 -26.52 -22.80
C LYS B 49 13.95 -25.76 -22.69
N PRO B 50 14.73 -25.65 -23.79
CA PRO B 50 15.98 -24.89 -23.71
C PRO B 50 15.70 -23.38 -23.67
N LEU B 51 16.62 -22.62 -23.08
CA LEU B 51 16.53 -21.18 -22.88
C LEU B 51 17.87 -20.54 -23.24
N TYR B 52 17.87 -19.30 -23.67
CA TYR B 52 19.08 -18.53 -23.88
C TYR B 52 19.08 -17.43 -22.83
N ILE B 53 20.25 -17.11 -22.27
CA ILE B 53 20.37 -16.03 -21.28
C ILE B 53 21.41 -15.05 -21.77
N LEU B 54 21.49 -13.89 -21.12
CA LEU B 54 22.52 -12.90 -21.42
C LEU B 54 23.89 -13.49 -21.05
N SER B 55 24.93 -13.19 -21.83
CA SER B 55 26.30 -13.62 -21.49
C SER B 55 26.75 -13.09 -20.11
N SER B 56 26.26 -11.87 -19.69
CA SER B 56 26.66 -11.29 -18.39
C SER B 56 26.15 -12.12 -17.24
N ARG B 57 25.28 -13.15 -17.51
CA ARG B 57 24.76 -14.06 -16.50
C ARG B 57 25.47 -15.40 -16.44
N VAL B 58 26.59 -15.53 -17.19
CA VAL B 58 27.40 -16.74 -17.12
C VAL B 58 28.44 -16.48 -16.02
N ASN B 59 28.46 -17.36 -15.02
CA ASN B 59 29.36 -17.25 -13.88
C ASN B 59 29.20 -15.96 -13.09
N ASP B 60 27.97 -15.52 -12.90
CA ASP B 60 27.67 -14.35 -12.09
C ASP B 60 27.33 -14.73 -10.64
N GLY B 61 27.36 -16.03 -10.33
CA GLY B 61 27.00 -16.58 -9.03
C GLY B 61 25.51 -16.79 -8.80
N VAL B 62 24.69 -16.53 -9.83
CA VAL B 62 23.24 -16.67 -9.76
C VAL B 62 22.84 -17.82 -10.69
N CYS B 63 21.94 -18.69 -10.22
CA CYS B 63 21.47 -19.82 -11.03
C CYS B 63 20.41 -19.36 -12.04
N ASP B 64 20.79 -19.18 -13.32
CA ASP B 64 19.87 -18.74 -14.40
C ASP B 64 19.27 -19.88 -15.21
N CYS B 65 20.04 -20.92 -15.52
CA CYS B 65 19.54 -22.07 -16.28
C CYS B 65 18.93 -23.06 -15.29
N CYS B 66 17.81 -23.73 -15.61
CA CYS B 66 17.32 -24.77 -14.67
C CYS B 66 18.31 -25.94 -14.52
N ASP B 67 19.16 -26.18 -15.55
CA ASP B 67 20.20 -27.22 -15.49
C ASP B 67 21.49 -26.79 -14.77
N GLY B 68 21.61 -25.51 -14.44
CA GLY B 68 22.75 -24.97 -13.71
C GLY B 68 24.06 -24.83 -14.48
N THR B 69 24.03 -25.03 -15.82
CA THR B 69 25.23 -25.00 -16.65
C THR B 69 25.85 -23.62 -16.83
N ASP B 70 25.10 -22.53 -16.53
CA ASP B 70 25.64 -21.17 -16.61
C ASP B 70 26.65 -20.88 -15.50
N GLU B 71 26.62 -21.67 -14.40
CA GLU B 71 27.52 -21.51 -13.28
C GLU B 71 28.48 -22.69 -13.24
N TYR B 72 29.64 -22.55 -13.89
CA TYR B 72 30.61 -23.63 -13.97
C TYR B 72 31.97 -23.28 -13.32
N ASN B 73 32.25 -22.00 -13.00
CA ASN B 73 33.50 -21.59 -12.34
C ASN B 73 33.29 -20.37 -11.44
N SER B 74 32.15 -20.25 -10.80
CA SER B 74 31.85 -19.08 -9.99
C SER B 74 31.89 -19.30 -8.47
N GLY B 75 31.85 -20.55 -8.02
CA GLY B 75 31.71 -20.83 -6.61
C GLY B 75 30.28 -21.16 -6.21
N THR B 76 29.27 -20.73 -7.01
CA THR B 76 27.89 -21.10 -6.74
C THR B 76 27.71 -22.45 -7.43
N VAL B 77 27.25 -23.46 -6.68
CA VAL B 77 26.95 -24.79 -7.22
C VAL B 77 25.46 -24.83 -7.36
N CYS B 78 24.97 -24.86 -8.59
CA CYS B 78 23.56 -24.87 -8.91
C CYS B 78 23.04 -26.29 -9.01
N GLU B 79 21.83 -26.51 -8.49
CA GLU B 79 21.17 -27.81 -8.53
C GLU B 79 20.29 -27.82 -9.77
N ASN B 80 20.06 -29.01 -10.35
CA ASN B 80 19.18 -29.13 -11.51
C ASN B 80 17.74 -29.01 -11.01
N THR B 81 16.99 -28.00 -11.49
CA THR B 81 15.61 -27.75 -11.08
C THR B 81 14.67 -27.80 -12.28
N CYS B 82 15.06 -28.47 -13.38
CA CYS B 82 14.19 -28.47 -14.56
C CYS B 82 12.88 -29.27 -14.35
N ARG B 83 12.93 -30.34 -13.52
CA ARG B 83 11.84 -31.26 -13.18
C ARG B 83 11.47 -32.14 -14.36
N VAL C 1 -7.11 -24.43 -6.58
CA VAL C 1 -7.43 -25.07 -5.30
C VAL C 1 -6.56 -26.28 -5.01
N ASP C 2 -6.11 -26.41 -3.73
CA ASP C 2 -5.35 -27.56 -3.23
C ASP C 2 -6.37 -28.49 -2.57
N ARG C 3 -6.90 -29.44 -3.35
CA ARG C 3 -7.93 -30.36 -2.88
C ARG C 3 -7.46 -31.29 -1.75
N SER C 4 -6.14 -31.41 -1.54
CA SER C 4 -5.63 -32.22 -0.43
C SER C 4 -5.87 -31.56 0.92
N ASN C 5 -6.12 -30.23 0.97
CA ASN C 5 -6.40 -29.49 2.20
C ASN C 5 -7.84 -29.69 2.70
N PHE C 6 -8.73 -30.26 1.88
CA PHE C 6 -10.15 -30.42 2.19
C PHE C 6 -10.56 -31.87 2.09
N LYS C 7 -11.33 -32.34 3.07
CA LYS C 7 -11.78 -33.73 3.11
C LYS C 7 -12.80 -34.09 2.05
N THR C 8 -12.61 -35.25 1.45
CA THR C 8 -13.60 -35.88 0.58
C THR C 8 -14.46 -36.71 1.54
N CYS C 9 -15.58 -37.25 1.09
CA CYS C 9 -16.44 -38.05 1.95
C CYS C 9 -15.69 -39.22 2.60
N ASP C 10 -14.81 -39.90 1.86
CA ASP C 10 -14.03 -41.01 2.41
C ASP C 10 -13.07 -40.57 3.54
N GLU C 11 -12.65 -39.29 3.55
CA GLU C 11 -11.76 -38.73 4.58
C GLU C 11 -12.48 -38.17 5.81
N SER C 12 -13.83 -38.11 5.77
CA SER C 12 -14.66 -37.67 6.88
C SER C 12 -15.29 -38.97 7.40
N SER C 13 -14.83 -39.49 8.55
CA SER C 13 -15.31 -40.79 9.01
C SER C 13 -16.81 -40.95 9.09
N PHE C 14 -17.55 -39.91 9.58
CA PHE C 14 -19.01 -40.02 9.65
C PHE C 14 -19.65 -40.16 8.28
N CYS C 15 -19.08 -39.43 7.29
CA CYS C 15 -19.64 -39.49 5.95
C CYS C 15 -19.42 -40.89 5.39
N LYS C 16 -18.21 -41.41 5.55
CA LYS C 16 -17.89 -42.74 5.08
C LYS C 16 -18.78 -43.81 5.73
N ARG C 17 -19.01 -43.71 7.06
CA ARG C 17 -19.86 -44.67 7.77
C ARG C 17 -21.26 -44.61 7.26
N GLN C 18 -21.79 -43.41 7.19
CA GLN C 18 -23.18 -43.27 6.77
C GLN C 18 -23.37 -43.63 5.31
N ARG C 19 -22.49 -43.14 4.41
CA ARG C 19 -22.61 -43.43 2.98
C ARG C 19 -22.44 -44.94 2.63
N SER C 20 -21.74 -45.72 3.49
CA SER C 20 -21.61 -47.16 3.29
C SER C 20 -22.94 -47.91 3.45
N ILE C 21 -23.93 -47.30 4.09
CA ILE C 21 -25.26 -47.90 4.20
C ILE C 21 -25.92 -47.74 2.84
N ARG C 22 -26.31 -48.85 2.23
CA ARG C 22 -26.93 -48.84 0.91
C ARG C 22 -28.41 -49.23 1.03
N PRO C 23 -29.24 -48.90 0.02
CA PRO C 23 -30.69 -49.17 0.13
C PRO C 23 -31.04 -50.59 0.54
N GLY C 24 -32.06 -50.73 1.37
CA GLY C 24 -32.49 -52.01 1.89
C GLY C 24 -33.61 -51.87 2.87
N LEU C 25 -33.87 -52.94 3.63
CA LEU C 25 -34.92 -52.97 4.64
C LEU C 25 -34.37 -52.26 5.88
N SER C 26 -35.07 -51.22 6.35
CA SER C 26 -34.60 -50.46 7.49
C SER C 26 -34.66 -51.29 8.76
N PRO C 27 -33.63 -51.26 9.63
CA PRO C 27 -33.76 -51.94 10.93
C PRO C 27 -34.64 -51.17 11.92
N TYR C 28 -35.08 -49.95 11.57
CA TYR C 28 -35.95 -49.14 12.45
C TYR C 28 -37.40 -49.54 12.29
N ARG C 29 -38.11 -49.62 13.43
CA ARG C 29 -39.53 -49.99 13.53
C ARG C 29 -40.23 -49.09 14.57
N ALA C 30 -41.42 -48.53 14.24
CA ALA C 30 -42.18 -47.70 15.19
C ALA C 30 -42.95 -48.67 16.11
N LEU C 31 -42.96 -48.37 17.41
CA LEU C 31 -43.67 -49.17 18.41
C LEU C 31 -45.02 -48.47 18.59
N LEU C 32 -46.02 -48.92 17.80
CA LEU C 32 -47.37 -48.33 17.74
C LEU C 32 -48.14 -48.31 19.09
N ASP C 33 -47.75 -49.14 20.09
CA ASP C 33 -48.33 -49.10 21.44
C ASP C 33 -47.90 -47.82 22.20
N THR C 34 -46.73 -47.24 21.85
CA THR C 34 -46.19 -46.03 22.48
C THR C 34 -46.70 -44.73 21.83
N LEU C 35 -47.52 -44.84 20.77
CA LEU C 35 -48.04 -43.68 20.07
C LEU C 35 -48.89 -42.81 20.98
N GLN C 36 -48.61 -41.50 21.00
CA GLN C 36 -49.37 -40.51 21.74
C GLN C 36 -49.72 -39.38 20.80
N LEU C 37 -50.97 -38.95 20.80
CA LEU C 37 -51.42 -37.88 19.93
C LEU C 37 -52.03 -36.73 20.75
N GLY C 38 -51.51 -35.53 20.54
CA GLY C 38 -51.98 -34.30 21.16
C GLY C 38 -52.40 -33.31 20.09
N PRO C 39 -52.89 -32.13 20.50
CA PRO C 39 -53.29 -31.12 19.49
C PRO C 39 -52.13 -30.54 18.64
N ASP C 40 -50.90 -30.52 19.20
CA ASP C 40 -49.71 -29.97 18.52
C ASP C 40 -48.79 -31.00 17.87
N ALA C 41 -48.78 -32.26 18.36
CA ALA C 41 -47.87 -33.27 17.83
C ALA C 41 -48.35 -34.68 18.05
N LEU C 42 -47.76 -35.59 17.29
CA LEU C 42 -47.87 -37.02 17.46
C LEU C 42 -46.47 -37.45 17.87
N THR C 43 -46.33 -38.29 18.91
CA THR C 43 -45.02 -38.83 19.32
C THR C 43 -45.11 -40.33 19.34
N VAL C 44 -44.03 -41.01 19.00
CA VAL C 44 -43.98 -42.46 19.00
C VAL C 44 -42.54 -42.90 19.14
N HIS C 45 -42.31 -44.00 19.82
CA HIS C 45 -40.97 -44.52 19.98
C HIS C 45 -40.59 -45.35 18.75
N LEU C 46 -39.33 -45.28 18.33
CA LEU C 46 -38.76 -46.08 17.25
C LEU C 46 -37.69 -46.93 17.90
N ILE C 47 -37.47 -48.13 17.39
CA ILE C 47 -36.40 -48.99 17.92
C ILE C 47 -35.55 -49.54 16.78
N HIS C 48 -34.22 -49.63 16.99
CA HIS C 48 -33.31 -50.27 16.03
C HIS C 48 -33.40 -51.77 16.40
N GLU C 49 -33.81 -52.63 15.46
CA GLU C 49 -34.07 -54.04 15.78
C GLU C 49 -32.81 -54.91 16.04
N VAL C 50 -31.57 -54.39 15.84
CA VAL C 50 -30.35 -55.12 16.24
C VAL C 50 -29.80 -54.55 17.57
N THR C 51 -29.56 -53.24 17.65
CA THR C 51 -28.95 -52.64 18.84
C THR C 51 -29.96 -52.40 19.97
N LYS C 52 -31.26 -52.37 19.66
CA LYS C 52 -32.34 -52.13 20.62
C LYS C 52 -32.35 -50.68 21.15
N VAL C 53 -31.64 -49.75 20.48
CA VAL C 53 -31.61 -48.32 20.84
C VAL C 53 -33.00 -47.75 20.58
N LEU C 54 -33.51 -46.95 21.52
CA LEU C 54 -34.82 -46.32 21.41
C LEU C 54 -34.69 -44.84 21.06
N LEU C 55 -35.47 -44.42 20.08
CA LEU C 55 -35.51 -43.05 19.62
C LEU C 55 -36.94 -42.59 19.77
N VAL C 56 -37.14 -41.28 19.72
CA VAL C 56 -38.46 -40.69 19.79
C VAL C 56 -38.67 -39.88 18.52
N LEU C 57 -39.78 -40.15 17.81
CA LEU C 57 -40.23 -39.39 16.66
C LEU C 57 -41.29 -38.39 17.14
N GLU C 58 -41.12 -37.09 16.86
CA GLU C 58 -42.12 -36.06 17.11
C GLU C 58 -42.54 -35.58 15.73
N LEU C 59 -43.76 -35.93 15.33
CA LEU C 59 -44.33 -35.64 14.03
C LEU C 59 -45.38 -34.56 14.17
N GLN C 60 -45.28 -33.50 13.35
CA GLN C 60 -46.23 -32.39 13.46
C GLN C 60 -46.71 -31.90 12.15
N GLY C 61 -48.01 -31.67 12.08
CA GLY C 61 -48.65 -30.98 10.98
C GLY C 61 -48.48 -29.51 11.32
N LEU C 62 -48.25 -28.67 10.33
CA LEU C 62 -48.09 -27.24 10.57
C LEU C 62 -49.00 -26.46 9.66
N GLN C 63 -49.33 -25.24 10.09
CA GLN C 63 -50.11 -24.33 9.26
C GLN C 63 -49.26 -24.00 8.03
N LYS C 64 -49.94 -23.62 6.94
CA LYS C 64 -49.33 -23.24 5.66
C LYS C 64 -48.70 -24.46 4.95
N ASN C 65 -49.34 -25.62 5.01
CA ASN C 65 -48.90 -26.81 4.26
C ASN C 65 -47.47 -27.28 4.55
N MET C 66 -47.12 -27.43 5.81
CA MET C 66 -45.84 -27.97 6.20
C MET C 66 -45.99 -29.11 7.16
N THR C 67 -44.91 -29.87 7.28
CA THR C 67 -44.81 -30.94 8.25
C THR C 67 -43.43 -30.86 8.84
N ARG C 68 -43.33 -31.07 10.16
CA ARG C 68 -42.04 -31.11 10.84
C ARG C 68 -41.83 -32.51 11.40
N ILE C 69 -40.63 -33.03 11.21
CA ILE C 69 -40.20 -34.32 11.72
C ILE C 69 -38.98 -34.09 12.56
N ARG C 70 -39.02 -34.52 13.82
CA ARG C 70 -37.88 -34.45 14.73
C ARG C 70 -37.66 -35.83 15.33
N ILE C 71 -36.40 -36.34 15.28
CA ILE C 71 -36.03 -37.61 15.86
C ILE C 71 -34.84 -37.39 16.78
N ASP C 72 -34.91 -37.90 18.01
CA ASP C 72 -33.84 -37.78 19.00
C ASP C 72 -33.83 -39.08 19.80
N GLU C 73 -32.75 -39.32 20.54
CA GLU C 73 -32.65 -40.49 21.42
C GLU C 73 -33.69 -40.37 22.54
N LEU C 74 -34.29 -41.50 22.96
CA LEU C 74 -35.26 -41.47 24.05
C LEU C 74 -34.56 -41.20 25.40
N GLU C 75 -33.40 -41.85 25.64
CA GLU C 75 -32.65 -41.70 26.89
C GLU C 75 -31.17 -41.44 26.57
N PRO C 76 -30.83 -40.21 26.16
CA PRO C 76 -29.44 -39.94 25.79
C PRO C 76 -28.50 -39.80 26.98
N ARG C 77 -27.22 -40.07 26.72
CA ARG C 77 -26.13 -39.93 27.69
C ARG C 77 -25.91 -38.42 27.97
N ARG C 78 -26.07 -37.56 26.93
CA ARG C 78 -25.95 -36.10 27.02
C ARG C 78 -26.95 -35.48 26.04
N PRO C 79 -27.38 -34.20 26.23
CA PRO C 79 -28.32 -33.62 25.26
C PRO C 79 -27.67 -33.40 23.89
N ARG C 80 -28.44 -33.65 22.83
CA ARG C 80 -27.97 -33.41 21.47
C ARG C 80 -28.30 -31.97 21.10
N TYR C 81 -27.48 -31.38 20.23
CA TYR C 81 -27.69 -29.99 19.78
C TYR C 81 -28.97 -29.83 18.97
N ARG C 82 -29.67 -28.71 19.20
CA ARG C 82 -30.86 -28.28 18.48
C ARG C 82 -30.57 -26.81 18.07
N VAL C 83 -30.69 -26.50 16.79
CA VAL C 83 -30.24 -25.20 16.28
C VAL C 83 -31.04 -24.02 16.84
N PRO C 84 -30.37 -23.09 17.55
CA PRO C 84 -31.08 -21.89 18.03
C PRO C 84 -30.98 -20.70 17.08
N ASP C 85 -31.82 -19.69 17.31
CA ASP C 85 -31.81 -18.37 16.67
C ASP C 85 -32.02 -18.31 15.15
N VAL C 86 -32.29 -19.45 14.50
CA VAL C 86 -32.52 -19.48 13.05
C VAL C 86 -34.01 -19.33 12.81
N LEU C 87 -34.83 -20.10 13.53
CA LEU C 87 -36.29 -20.00 13.45
C LEU C 87 -36.76 -18.68 14.11
N VAL C 88 -37.60 -17.91 13.41
CA VAL C 88 -38.09 -16.59 13.88
C VAL C 88 -39.28 -16.70 14.84
N ALA C 89 -39.93 -17.85 14.87
CA ALA C 89 -41.07 -18.09 15.75
C ALA C 89 -41.25 -19.57 15.95
N ASP C 90 -42.09 -19.93 16.92
CA ASP C 90 -42.45 -21.33 17.10
C ASP C 90 -43.53 -21.52 16.03
N PRO C 91 -43.29 -22.30 14.96
CA PRO C 91 -44.30 -22.40 13.90
C PRO C 91 -45.70 -22.84 14.36
N PRO C 92 -46.77 -22.11 13.96
CA PRO C 92 -48.14 -22.55 14.30
C PRO C 92 -48.47 -23.94 13.76
N THR C 93 -49.00 -24.80 14.63
CA THR C 93 -49.30 -26.19 14.28
C THR C 93 -50.71 -26.38 13.71
N ALA C 94 -50.92 -27.54 13.11
CA ALA C 94 -52.19 -28.00 12.58
C ALA C 94 -52.43 -29.38 13.23
N ARG C 95 -53.69 -29.65 13.62
CA ARG C 95 -54.10 -30.86 14.35
C ARG C 95 -54.08 -32.15 13.52
N LEU C 96 -53.37 -33.22 13.98
CA LEU C 96 -53.36 -34.52 13.29
C LEU C 96 -54.49 -35.37 13.90
N SER C 97 -55.33 -35.96 13.05
CA SER C 97 -56.44 -36.85 13.45
C SER C 97 -56.23 -38.22 12.85
N VAL C 98 -56.43 -39.28 13.62
CA VAL C 98 -56.30 -40.64 13.10
C VAL C 98 -57.54 -40.93 12.23
N SER C 99 -57.34 -41.13 10.90
CA SER C 99 -58.42 -41.48 9.97
C SER C 99 -58.37 -42.94 9.51
N GLY C 100 -57.35 -43.67 9.95
CA GLY C 100 -57.18 -45.09 9.62
C GLY C 100 -56.12 -45.72 10.49
N ARG C 101 -56.28 -47.02 10.76
CA ARG C 101 -55.43 -47.77 11.68
C ARG C 101 -55.46 -49.28 11.34
N ASP C 102 -54.33 -49.93 11.59
CA ASP C 102 -54.16 -51.37 11.42
C ASP C 102 -52.91 -51.81 12.22
N ASP C 103 -52.59 -53.10 12.25
CA ASP C 103 -51.46 -53.57 13.07
C ASP C 103 -50.11 -53.01 12.65
N ASN C 104 -49.97 -52.57 11.39
CA ASN C 104 -48.69 -52.03 10.91
C ASN C 104 -48.78 -50.60 10.35
N SER C 105 -49.93 -49.91 10.46
CA SER C 105 -50.05 -48.58 9.88
C SER C 105 -51.00 -47.66 10.61
N VAL C 106 -50.76 -46.33 10.51
CA VAL C 106 -51.65 -45.28 11.04
C VAL C 106 -51.74 -44.22 9.96
N GLU C 107 -52.96 -43.83 9.58
CA GLU C 107 -53.20 -42.77 8.60
C GLU C 107 -53.68 -41.57 9.38
N LEU C 108 -53.03 -40.41 9.16
CA LEU C 108 -53.35 -39.19 9.88
C LEU C 108 -53.80 -38.14 8.90
N THR C 109 -54.82 -37.38 9.26
CA THR C 109 -55.33 -36.29 8.45
C THR C 109 -54.85 -35.02 9.11
N VAL C 110 -54.39 -34.05 8.30
CA VAL C 110 -53.91 -32.77 8.79
C VAL C 110 -55.10 -31.84 8.77
N ALA C 111 -55.49 -31.29 9.94
CA ALA C 111 -56.64 -30.40 10.08
C ALA C 111 -57.89 -31.08 9.44
N GLU C 112 -58.60 -30.41 8.49
CA GLU C 112 -59.77 -30.99 7.82
C GLU C 112 -59.41 -31.48 6.40
N GLY C 113 -58.14 -31.82 6.17
CA GLY C 113 -57.67 -32.27 4.86
C GLY C 113 -57.31 -31.07 3.99
N PRO C 114 -56.79 -31.32 2.76
CA PRO C 114 -56.60 -32.62 2.09
C PRO C 114 -55.31 -33.35 2.39
N TYR C 115 -54.40 -32.78 3.19
CA TYR C 115 -53.12 -33.43 3.45
C TYR C 115 -53.27 -34.56 4.44
N LYS C 116 -52.53 -35.65 4.18
CA LYS C 116 -52.53 -36.83 5.01
C LYS C 116 -51.13 -37.35 5.16
N ILE C 117 -50.87 -38.02 6.28
CA ILE C 117 -49.59 -38.65 6.57
C ILE C 117 -49.84 -40.11 6.91
N ILE C 118 -49.14 -41.03 6.25
CA ILE C 118 -49.23 -42.45 6.58
C ILE C 118 -47.95 -42.84 7.29
N LEU C 119 -48.08 -43.30 8.53
CA LEU C 119 -46.97 -43.84 9.31
C LEU C 119 -47.02 -45.37 9.21
N THR C 120 -45.99 -46.00 8.63
CA THR C 120 -45.88 -47.46 8.58
C THR C 120 -44.93 -47.84 9.71
N ALA C 121 -45.32 -48.81 10.53
CA ALA C 121 -44.50 -49.24 11.67
C ALA C 121 -43.27 -50.05 11.29
N GLN C 122 -43.44 -51.10 10.47
CA GLN C 122 -42.33 -51.99 10.14
C GLN C 122 -42.25 -52.28 8.64
N PRO C 123 -41.15 -51.88 7.97
CA PRO C 123 -40.07 -51.00 8.45
C PRO C 123 -40.62 -49.58 8.60
N PHE C 124 -40.02 -48.78 9.49
CA PHE C 124 -40.45 -47.40 9.72
C PHE C 124 -40.43 -46.58 8.41
N ARG C 125 -41.56 -45.93 8.10
CA ARG C 125 -41.70 -45.11 6.91
C ARG C 125 -42.77 -44.04 7.14
N LEU C 126 -42.64 -42.90 6.48
CA LEU C 126 -43.67 -41.86 6.47
C LEU C 126 -43.95 -41.53 5.04
N ASP C 127 -45.23 -41.42 4.68
CA ASP C 127 -45.68 -41.04 3.35
C ASP C 127 -46.53 -39.80 3.51
N LEU C 128 -46.26 -38.76 2.71
CA LEU C 128 -47.01 -37.50 2.77
C LEU C 128 -47.79 -37.40 1.49
N LEU C 129 -49.13 -37.24 1.59
CA LEU C 129 -50.00 -37.14 0.43
C LEU C 129 -50.89 -35.93 0.50
N GLU C 130 -51.41 -35.51 -0.67
CA GLU C 130 -52.46 -34.52 -0.79
C GLU C 130 -53.56 -35.36 -1.42
N ASP C 131 -54.62 -35.66 -0.66
CA ASP C 131 -55.71 -36.52 -1.12
C ASP C 131 -55.12 -37.90 -1.50
N ARG C 132 -55.16 -38.32 -2.78
CA ARG C 132 -54.63 -39.60 -3.22
C ARG C 132 -53.27 -39.48 -3.91
N SER C 133 -52.74 -38.27 -4.04
CA SER C 133 -51.47 -38.05 -4.68
C SER C 133 -50.37 -38.12 -3.63
N LEU C 134 -49.39 -38.99 -3.84
CA LEU C 134 -48.22 -39.15 -2.98
C LEU C 134 -47.20 -38.06 -3.34
N LEU C 135 -46.84 -37.21 -2.37
CA LEU C 135 -45.88 -36.12 -2.57
C LEU C 135 -44.45 -36.52 -2.26
N LEU C 136 -44.27 -37.19 -1.11
CA LEU C 136 -42.95 -37.54 -0.63
C LEU C 136 -43.01 -38.71 0.35
N SER C 137 -41.94 -39.50 0.38
CA SER C 137 -41.79 -40.59 1.33
C SER C 137 -40.50 -40.35 2.09
N VAL C 138 -40.47 -40.79 3.33
CA VAL C 138 -39.35 -40.64 4.24
C VAL C 138 -38.90 -42.05 4.63
N ASN C 139 -37.61 -42.33 4.50
CA ASN C 139 -37.01 -43.62 4.79
C ASN C 139 -37.47 -44.72 3.80
N ALA C 140 -37.85 -44.35 2.58
CA ALA C 140 -38.29 -45.31 1.57
C ALA C 140 -37.18 -46.29 1.16
N ARG C 141 -35.91 -45.82 1.12
CA ARG C 141 -34.76 -46.66 0.76
C ARG C 141 -34.08 -47.24 2.00
N GLY C 142 -34.67 -47.06 3.18
CA GLY C 142 -34.14 -47.57 4.45
C GLY C 142 -32.77 -47.06 4.81
N LEU C 143 -32.48 -45.79 4.49
CA LEU C 143 -31.16 -45.17 4.76
C LEU C 143 -31.12 -44.37 6.06
N MET C 144 -32.23 -44.35 6.85
CA MET C 144 -32.19 -43.71 8.15
C MET C 144 -31.05 -44.32 8.98
N ALA C 145 -30.27 -43.47 9.65
CA ALA C 145 -29.16 -43.93 10.47
C ALA C 145 -28.97 -42.94 11.59
N PHE C 146 -29.08 -43.41 12.82
CA PHE C 146 -28.95 -42.55 13.99
C PHE C 146 -27.92 -43.19 14.90
N GLU C 147 -26.69 -42.68 14.88
CA GLU C 147 -25.65 -43.23 15.71
C GLU C 147 -25.87 -42.73 17.13
N HIS C 148 -26.45 -43.55 18.00
CA HIS C 148 -26.71 -43.16 19.39
C HIS C 148 -25.38 -42.94 20.12
N GLN C 149 -25.29 -41.99 21.03
CA GLN C 149 -24.04 -41.80 21.78
C GLN C 149 -23.67 -43.03 22.67
N ARG C 150 -22.37 -43.35 22.64
CA ARG C 150 -21.68 -44.42 23.34
C ARG C 150 -20.87 -43.77 24.46
N ALA C 151 -20.42 -44.55 25.47
CA ALA C 151 -19.69 -44.03 26.62
C ALA C 151 -18.36 -43.32 26.29
N GLU C 154 -15.38 -48.16 12.79
CA GLU C 154 -14.20 -48.61 13.52
C GLU C 154 -13.04 -47.61 13.33
N PRO C 155 -12.33 -47.54 12.17
CA PRO C 155 -11.28 -46.50 12.02
C PRO C 155 -11.85 -45.07 11.97
N GLY C 156 -11.31 -44.21 12.81
CA GLY C 156 -11.70 -42.81 12.89
C GLY C 156 -13.09 -42.55 13.47
N ALA C 157 -13.70 -43.53 14.19
CA ALA C 157 -15.00 -43.31 14.84
C ALA C 157 -14.77 -42.52 16.14
N TRP C 158 -13.59 -42.70 16.78
CA TRP C 158 -13.19 -41.99 18.01
C TRP C 158 -12.08 -40.98 17.61
N GLU C 159 -10.88 -40.91 18.28
CA GLU C 159 -9.89 -39.91 17.81
C GLU C 159 -9.54 -40.16 16.33
N GLU C 160 -9.45 -39.06 15.57
CA GLU C 160 -9.25 -39.07 14.12
C GLU C 160 -8.24 -38.00 13.80
N THR C 161 -7.41 -38.21 12.78
CA THR C 161 -6.45 -37.20 12.34
C THR C 161 -6.67 -36.87 10.87
N PHE C 162 -6.52 -35.59 10.55
CA PHE C 162 -6.59 -35.09 9.18
C PHE C 162 -5.33 -34.25 9.04
N LYS C 163 -4.40 -34.72 8.20
CA LYS C 163 -3.09 -34.09 8.03
C LYS C 163 -2.33 -34.21 9.37
N THR C 164 -2.03 -33.09 10.05
CA THR C 164 -1.36 -33.12 11.34
C THR C 164 -2.33 -32.78 12.48
N HIS C 165 -3.64 -32.59 12.17
CA HIS C 165 -4.62 -32.17 13.16
C HIS C 165 -5.40 -33.34 13.71
N SER C 166 -5.30 -33.54 15.02
CA SER C 166 -5.99 -34.63 15.71
C SER C 166 -7.28 -34.11 16.33
N ASP C 167 -8.39 -34.73 15.99
CA ASP C 167 -9.67 -34.46 16.60
C ASP C 167 -9.76 -35.50 17.72
N SER C 168 -9.87 -35.06 18.99
CA SER C 168 -9.97 -35.96 20.15
C SER C 168 -11.30 -36.74 20.20
N LYS C 169 -12.35 -36.21 19.53
CA LYS C 169 -13.68 -36.79 19.42
C LYS C 169 -14.16 -37.41 20.71
N PRO C 170 -14.36 -36.58 21.77
CA PRO C 170 -14.74 -37.15 23.06
C PRO C 170 -16.04 -37.93 23.10
N TYR C 171 -16.99 -37.60 22.22
CA TYR C 171 -18.30 -38.26 22.22
C TYR C 171 -18.43 -39.36 21.18
N GLY C 172 -17.38 -39.61 20.40
CA GLY C 172 -17.35 -40.66 19.39
C GLY C 172 -18.34 -40.51 18.26
N PRO C 173 -18.78 -41.64 17.67
CA PRO C 173 -19.75 -41.58 16.56
C PRO C 173 -21.18 -41.16 16.95
N THR C 174 -21.67 -40.02 16.39
CA THR C 174 -23.01 -39.51 16.73
C THR C 174 -23.76 -38.98 15.50
N SER C 175 -23.39 -39.41 14.29
CA SER C 175 -24.01 -38.86 13.09
C SER C 175 -25.44 -39.34 12.91
N VAL C 176 -26.21 -38.51 12.20
CA VAL C 176 -27.61 -38.75 11.92
C VAL C 176 -27.82 -38.57 10.44
N GLY C 177 -28.75 -39.32 9.88
CA GLY C 177 -29.04 -39.21 8.47
C GLY C 177 -30.36 -39.82 8.13
N LEU C 178 -30.97 -39.33 7.05
CA LEU C 178 -32.29 -39.77 6.63
C LEU C 178 -32.47 -39.48 5.15
N ASP C 179 -33.26 -40.33 4.45
CA ASP C 179 -33.54 -40.18 3.03
C ASP C 179 -34.98 -39.80 2.74
N PHE C 180 -35.17 -39.19 1.57
CA PHE C 180 -36.46 -38.72 1.07
C PHE C 180 -36.62 -39.13 -0.36
N SER C 181 -37.84 -39.41 -0.73
CA SER C 181 -38.16 -39.77 -2.10
C SER C 181 -39.17 -38.80 -2.62
N LEU C 182 -38.92 -38.28 -3.81
CA LEU C 182 -39.74 -37.26 -4.44
C LEU C 182 -40.28 -37.78 -5.79
N PRO C 183 -41.36 -38.59 -5.76
CA PRO C 183 -41.93 -39.10 -7.03
C PRO C 183 -42.40 -37.98 -7.94
N GLY C 184 -42.09 -38.10 -9.22
CA GLY C 184 -42.43 -37.13 -10.24
C GLY C 184 -41.44 -35.99 -10.38
N MET C 185 -40.42 -35.91 -9.50
CA MET C 185 -39.42 -34.84 -9.53
C MET C 185 -38.15 -35.33 -10.15
N GLU C 186 -37.62 -34.55 -11.09
CA GLU C 186 -36.34 -34.88 -11.69
C GLU C 186 -35.42 -33.66 -11.76
N HIS C 187 -35.83 -32.49 -11.11
CA HIS C 187 -35.03 -31.27 -11.04
C HIS C 187 -35.03 -30.79 -9.61
N VAL C 188 -33.82 -30.64 -9.02
CA VAL C 188 -33.67 -30.12 -7.65
C VAL C 188 -32.61 -29.03 -7.64
N TYR C 189 -32.76 -28.09 -6.70
CA TYR C 189 -31.95 -26.88 -6.60
C TYR C 189 -31.64 -26.53 -5.15
N GLY C 190 -30.71 -25.61 -4.95
CA GLY C 190 -30.42 -25.04 -3.66
C GLY C 190 -29.15 -25.55 -3.04
N ILE C 191 -29.22 -25.83 -1.74
CA ILE C 191 -28.11 -26.20 -0.90
C ILE C 191 -26.84 -25.41 -1.27
N PRO C 192 -26.88 -24.05 -1.34
CA PRO C 192 -25.62 -23.31 -1.52
C PRO C 192 -24.74 -23.45 -0.29
N GLU C 193 -23.43 -23.20 -0.37
CA GLU C 193 -22.73 -22.56 -1.48
C GLU C 193 -21.77 -23.50 -2.17
N HIS C 194 -21.98 -23.66 -3.48
CA HIS C 194 -21.11 -24.45 -4.37
C HIS C 194 -20.91 -23.68 -5.64
N ALA C 195 -19.70 -23.76 -6.23
CA ALA C 195 -19.42 -23.14 -7.53
C ALA C 195 -19.83 -24.19 -8.55
N ASP C 196 -21.14 -24.28 -8.78
CA ASP C 196 -21.72 -25.32 -9.61
C ASP C 196 -23.02 -24.84 -10.26
N SER C 197 -23.60 -25.73 -11.05
CA SER C 197 -24.83 -25.50 -11.78
C SER C 197 -26.03 -25.28 -10.87
N LEU C 198 -26.97 -24.47 -11.34
CA LEU C 198 -28.22 -24.18 -10.67
C LEU C 198 -29.02 -25.48 -10.45
N ARG C 199 -29.24 -26.27 -11.51
CA ARG C 199 -29.90 -27.57 -11.37
C ARG C 199 -28.84 -28.47 -10.79
N LEU C 200 -29.11 -29.08 -9.64
CA LEU C 200 -28.13 -29.92 -8.97
C LEU C 200 -27.91 -31.22 -9.69
N LYS C 201 -26.68 -31.73 -9.62
CA LYS C 201 -26.30 -32.96 -10.27
C LYS C 201 -26.51 -34.16 -9.36
N VAL C 202 -26.70 -35.32 -9.99
CA VAL C 202 -26.78 -36.60 -9.29
C VAL C 202 -25.36 -36.85 -8.78
N THR C 203 -25.25 -37.38 -7.57
CA THR C 203 -23.98 -37.51 -6.89
C THR C 203 -23.51 -38.98 -6.77
N GLU C 204 -24.33 -39.91 -7.29
CA GLU C 204 -24.16 -41.38 -7.33
C GLU C 204 -22.74 -41.89 -7.61
N GLY C 205 -22.16 -41.45 -8.71
CA GLY C 205 -20.81 -41.91 -9.06
C GLY C 205 -19.65 -41.06 -8.58
N GLY C 206 -19.91 -40.07 -7.72
CA GLY C 206 -18.89 -39.16 -7.23
C GLY C 206 -19.06 -38.78 -5.80
N GLU C 207 -18.81 -37.51 -5.48
CA GLU C 207 -18.90 -36.98 -4.13
C GLU C 207 -20.28 -36.46 -3.84
N PRO C 208 -20.80 -36.55 -2.60
CA PRO C 208 -22.02 -35.82 -2.26
C PRO C 208 -21.76 -34.31 -2.22
N TYR C 209 -22.80 -33.51 -2.21
CA TYR C 209 -22.63 -32.07 -1.99
C TYR C 209 -22.29 -31.86 -0.51
N ARG C 210 -21.35 -30.99 -0.21
CA ARG C 210 -20.93 -30.74 1.16
C ARG C 210 -21.33 -29.36 1.65
N LEU C 211 -21.85 -29.28 2.87
CA LEU C 211 -22.26 -28.03 3.51
C LEU C 211 -21.44 -27.88 4.76
N TYR C 212 -20.35 -27.12 4.66
CA TYR C 212 -19.43 -26.87 5.76
C TYR C 212 -18.72 -25.55 5.43
N ASN C 213 -19.02 -24.48 6.15
CA ASN C 213 -18.45 -23.16 5.85
C ASN C 213 -16.94 -23.17 5.90
N LEU C 214 -16.29 -23.03 4.72
CA LEU C 214 -14.86 -23.14 4.59
C LEU C 214 -14.28 -22.03 3.72
N ASP C 215 -13.05 -21.60 4.04
CA ASP C 215 -12.31 -20.59 3.28
C ASP C 215 -11.44 -21.40 2.28
N VAL C 216 -11.87 -21.44 1.00
CA VAL C 216 -11.23 -22.24 -0.06
C VAL C 216 -10.48 -21.30 -1.00
N PHE C 217 -9.13 -21.25 -0.85
CA PHE C 217 -8.24 -20.39 -1.64
C PHE C 217 -8.22 -20.84 -3.09
N GLN C 218 -8.50 -19.88 -4.02
CA GLN C 218 -8.55 -20.10 -5.47
C GLN C 218 -9.50 -21.26 -5.82
N TYR C 219 -10.73 -21.14 -5.35
CA TYR C 219 -11.72 -22.18 -5.59
C TYR C 219 -11.98 -22.34 -7.09
N GLU C 220 -12.28 -23.57 -7.48
CA GLU C 220 -12.53 -23.97 -8.85
C GLU C 220 -13.98 -24.19 -9.13
N LEU C 221 -14.33 -24.30 -10.42
CA LEU C 221 -15.72 -24.40 -10.84
C LEU C 221 -16.21 -25.80 -11.16
N ASN C 222 -17.54 -25.94 -11.12
CA ASN C 222 -18.28 -27.15 -11.42
C ASN C 222 -17.85 -28.34 -10.61
N ASN C 223 -17.90 -28.17 -9.30
CA ASN C 223 -17.60 -29.26 -8.37
C ASN C 223 -18.40 -29.06 -7.05
N PRO C 224 -18.55 -30.16 -6.27
CA PRO C 224 -19.39 -30.11 -5.07
C PRO C 224 -18.67 -29.76 -3.75
N MET C 225 -17.43 -29.22 -3.82
CA MET C 225 -16.69 -28.83 -2.64
C MET C 225 -17.41 -27.73 -1.88
N ALA C 226 -17.41 -27.81 -0.55
CA ALA C 226 -18.05 -26.82 0.30
C ALA C 226 -17.34 -25.48 0.19
N LEU C 227 -18.12 -24.39 0.01
CA LEU C 227 -17.57 -23.03 0.01
C LEU C 227 -17.92 -22.31 1.34
N TYR C 228 -18.00 -21.00 1.34
CA TYR C 228 -18.01 -20.19 2.55
C TYR C 228 -19.29 -20.22 3.36
N GLY C 229 -20.41 -20.47 2.73
CA GLY C 229 -21.72 -20.50 3.37
C GLY C 229 -22.47 -21.79 3.09
N SER C 230 -23.50 -22.04 3.91
CA SER C 230 -24.30 -23.28 3.88
C SER C 230 -25.73 -22.97 4.18
N VAL C 231 -26.65 -23.23 3.26
CA VAL C 231 -28.08 -23.08 3.51
C VAL C 231 -28.70 -24.45 3.25
N PRO C 232 -29.05 -25.23 4.31
CA PRO C 232 -29.52 -26.60 4.10
C PRO C 232 -30.97 -26.68 3.69
N VAL C 233 -31.27 -26.14 2.50
CA VAL C 233 -32.62 -26.06 1.94
C VAL C 233 -32.53 -26.54 0.51
N LEU C 234 -33.39 -27.48 0.12
CA LEU C 234 -33.43 -28.04 -1.21
C LEU C 234 -34.82 -27.86 -1.76
N LEU C 235 -34.92 -27.33 -2.98
CA LEU C 235 -36.19 -27.17 -3.69
C LEU C 235 -36.28 -28.21 -4.78
N ALA C 236 -37.49 -28.70 -5.04
CA ALA C 236 -37.78 -29.65 -6.11
C ALA C 236 -38.88 -29.10 -6.96
N HIS C 237 -38.68 -29.07 -8.28
CA HIS C 237 -39.65 -28.51 -9.22
C HIS C 237 -40.05 -29.53 -10.31
N SER C 238 -41.35 -29.58 -10.61
CA SER C 238 -41.88 -30.29 -11.76
C SER C 238 -42.96 -29.41 -12.36
N PHE C 239 -43.49 -29.86 -13.50
CA PHE C 239 -44.60 -29.21 -14.18
C PHE C 239 -45.80 -29.14 -13.23
N HIS C 240 -46.01 -30.19 -12.40
CA HIS C 240 -47.18 -30.30 -11.53
C HIS C 240 -47.07 -29.68 -10.15
N ARG C 241 -45.86 -29.64 -9.55
CA ARG C 241 -45.75 -29.17 -8.18
C ARG C 241 -44.36 -28.73 -7.82
N ASP C 242 -44.28 -27.98 -6.72
CA ASP C 242 -43.06 -27.57 -6.07
C ASP C 242 -43.07 -28.04 -4.63
N LEU C 243 -41.90 -28.46 -4.16
CA LEU C 243 -41.70 -28.94 -2.80
C LEU C 243 -40.38 -28.39 -2.28
N GLY C 244 -40.25 -28.29 -0.97
CA GLY C 244 -39.01 -27.88 -0.33
C GLY C 244 -38.68 -28.73 0.89
N ILE C 245 -37.39 -28.95 1.15
CA ILE C 245 -36.91 -29.70 2.30
C ILE C 245 -35.92 -28.79 3.00
N PHE C 246 -36.16 -28.48 4.29
CA PHE C 246 -35.26 -27.65 5.11
C PHE C 246 -34.75 -28.53 6.26
N TRP C 247 -33.46 -28.91 6.19
CA TRP C 247 -32.81 -29.78 7.15
C TRP C 247 -32.09 -28.89 8.19
N LEU C 248 -32.78 -28.62 9.33
CA LEU C 248 -32.25 -27.72 10.34
C LEU C 248 -31.20 -28.39 11.21
N ASN C 249 -29.96 -28.33 10.76
CA ASN C 249 -28.81 -28.90 11.44
C ASN C 249 -27.62 -27.99 11.13
N ALA C 250 -26.84 -27.62 12.15
CA ALA C 250 -25.70 -26.69 12.02
C ALA C 250 -24.33 -27.40 11.93
N ALA C 251 -24.32 -28.75 11.95
CA ALA C 251 -23.10 -29.53 11.82
C ALA C 251 -22.76 -29.80 10.35
N GLU C 252 -21.52 -30.24 10.09
CA GLU C 252 -21.07 -30.63 8.75
C GLU C 252 -22.10 -31.58 8.18
N THR C 253 -22.59 -31.27 6.99
CA THR C 253 -23.64 -32.03 6.35
C THR C 253 -23.27 -32.38 4.90
N TRP C 254 -23.55 -33.62 4.51
CA TRP C 254 -23.33 -34.12 3.17
C TRP C 254 -24.66 -34.48 2.60
N VAL C 255 -24.89 -34.14 1.32
CA VAL C 255 -26.15 -34.39 0.66
C VAL C 255 -25.95 -35.23 -0.59
N ASP C 256 -26.60 -36.41 -0.65
CA ASP C 256 -26.54 -37.30 -1.82
C ASP C 256 -27.83 -37.17 -2.60
N ILE C 257 -27.73 -37.06 -3.93
CA ILE C 257 -28.86 -36.89 -4.84
C ILE C 257 -28.80 -38.03 -5.87
N SER C 258 -29.95 -38.72 -6.02
CA SER C 258 -30.07 -39.89 -6.90
C SER C 258 -31.33 -39.75 -7.74
N SER C 259 -31.31 -40.16 -9.02
CA SER C 259 -32.48 -40.08 -9.91
C SER C 259 -32.75 -41.46 -10.48
N ASN C 260 -34.04 -41.77 -10.74
CA ASN C 260 -34.56 -43.08 -11.16
C ASN C 260 -35.49 -42.91 -12.36
N PRO C 262 -39.96 -42.11 -12.69
CA PRO C 262 -39.51 -40.70 -12.59
C PRO C 262 -39.58 -40.25 -11.13
N GLN C 263 -38.43 -40.31 -10.42
CA GLN C 263 -38.31 -40.02 -8.99
C GLN C 263 -36.90 -39.52 -8.65
N THR C 264 -36.81 -38.66 -7.63
CA THR C 264 -35.52 -38.20 -7.15
C THR C 264 -35.46 -38.56 -5.68
N ASP C 265 -34.30 -39.02 -5.26
CA ASP C 265 -34.10 -39.35 -3.87
C ASP C 265 -32.99 -38.48 -3.32
N ILE C 266 -33.18 -37.96 -2.09
CA ILE C 266 -32.24 -37.07 -1.41
C ILE C 266 -31.92 -37.66 -0.09
N ARG C 267 -30.63 -37.68 0.26
CA ARG C 267 -30.18 -38.18 1.53
C ARG C 267 -29.34 -37.12 2.21
N TRP C 268 -29.65 -36.81 3.47
CA TRP C 268 -28.90 -35.84 4.28
C TRP C 268 -28.16 -36.59 5.35
N MET C 269 -26.87 -36.27 5.57
CA MET C 269 -26.03 -36.96 6.56
C MET C 269 -25.30 -35.89 7.32
N SER C 270 -25.59 -35.74 8.64
CA SER C 270 -24.99 -34.70 9.49
C SER C 270 -24.14 -35.29 10.60
N GLU C 271 -23.06 -34.59 11.01
CA GLU C 271 -22.13 -35.13 12.00
C GLU C 271 -22.70 -35.33 13.40
N SER C 272 -23.59 -34.44 13.83
CA SER C 272 -24.13 -34.44 15.18
C SER C 272 -25.51 -33.77 15.19
N GLY C 273 -26.03 -33.49 16.37
CA GLY C 273 -27.36 -32.90 16.53
C GLY C 273 -28.47 -33.92 16.36
N ILE C 274 -29.69 -33.45 16.20
CA ILE C 274 -30.86 -34.30 16.02
C ILE C 274 -31.26 -34.27 14.56
N ILE C 275 -32.26 -35.08 14.21
CA ILE C 275 -32.89 -35.00 12.92
C ILE C 275 -33.99 -34.00 13.15
N ASP C 276 -33.96 -32.85 12.45
CA ASP C 276 -35.01 -31.82 12.52
C ASP C 276 -35.20 -31.36 11.08
N VAL C 277 -36.33 -31.71 10.48
CA VAL C 277 -36.57 -31.42 9.08
C VAL C 277 -37.97 -30.88 8.84
N PHE C 278 -38.07 -29.85 8.00
CA PHE C 278 -39.34 -29.27 7.60
C PHE C 278 -39.60 -29.64 6.14
N LEU C 279 -40.80 -30.13 5.88
CA LEU C 279 -41.25 -30.49 4.54
C LEU C 279 -42.24 -29.43 4.17
N MET C 280 -41.92 -28.68 3.13
CA MET C 280 -42.68 -27.52 2.67
C MET C 280 -43.38 -28.01 1.42
N LEU C 281 -44.71 -28.19 1.51
CA LEU C 281 -45.45 -28.91 0.47
C LEU C 281 -46.04 -28.05 -0.63
N GLY C 282 -45.71 -26.77 -0.66
CA GLY C 282 -46.16 -25.92 -1.74
C GLY C 282 -47.66 -25.74 -1.75
N PRO C 283 -48.37 -25.99 -2.86
CA PRO C 283 -47.96 -26.60 -4.13
C PRO C 283 -47.17 -25.76 -5.15
N SER C 284 -47.24 -24.41 -5.10
CA SER C 284 -46.51 -23.57 -6.04
C SER C 284 -45.16 -23.20 -5.45
N VAL C 285 -44.23 -22.72 -6.28
CA VAL C 285 -42.92 -22.32 -5.76
C VAL C 285 -43.06 -21.10 -4.85
N PHE C 286 -44.00 -20.20 -5.14
CA PHE C 286 -44.28 -19.05 -4.29
C PHE C 286 -44.81 -19.46 -2.94
N ASP C 287 -45.59 -20.57 -2.89
CA ASP C 287 -46.08 -21.12 -1.63
C ASP C 287 -44.88 -21.63 -0.83
N VAL C 288 -43.91 -22.29 -1.51
CA VAL C 288 -42.69 -22.77 -0.84
C VAL C 288 -41.87 -21.57 -0.29
N PHE C 289 -41.76 -20.47 -1.07
CA PHE C 289 -41.05 -19.30 -0.57
C PHE C 289 -41.70 -18.74 0.70
N ARG C 290 -43.05 -18.62 0.71
CA ARG C 290 -43.77 -18.11 1.85
C ARG C 290 -43.61 -19.03 3.06
N GLN C 291 -43.67 -20.33 2.83
CA GLN C 291 -43.49 -21.35 3.85
C GLN C 291 -42.13 -21.22 4.52
N TYR C 292 -41.06 -21.19 3.73
CA TYR C 292 -39.71 -21.04 4.27
C TYR C 292 -39.52 -19.69 4.99
N ALA C 293 -40.09 -18.61 4.44
CA ALA C 293 -40.01 -17.28 5.05
C ALA C 293 -40.73 -17.24 6.41
N SER C 294 -41.81 -18.03 6.56
CA SER C 294 -42.53 -18.13 7.84
C SER C 294 -41.63 -18.73 8.90
N LEU C 295 -40.69 -19.60 8.49
CA LEU C 295 -39.78 -20.24 9.43
C LEU C 295 -38.56 -19.40 9.76
N THR C 296 -37.84 -18.89 8.76
CA THR C 296 -36.56 -18.20 8.99
C THR C 296 -36.54 -16.69 8.74
N GLY C 297 -37.69 -16.11 8.39
CA GLY C 297 -37.80 -14.68 8.14
C GLY C 297 -37.54 -14.29 6.71
N THR C 298 -37.57 -13.00 6.44
CA THR C 298 -37.41 -12.45 5.10
C THR C 298 -36.18 -11.56 5.03
N GLN C 299 -35.82 -11.23 3.80
CA GLN C 299 -34.71 -10.35 3.50
C GLN C 299 -34.87 -8.98 4.22
N ALA C 300 -33.84 -8.58 4.97
CA ALA C 300 -33.83 -7.25 5.58
C ALA C 300 -33.90 -6.21 4.45
N LEU C 301 -34.70 -5.15 4.63
CA LEU C 301 -34.83 -4.12 3.60
C LEU C 301 -33.54 -3.30 3.54
N PRO C 302 -32.76 -3.41 2.43
CA PRO C 302 -31.49 -2.69 2.39
C PRO C 302 -31.71 -1.20 2.41
N PRO C 303 -30.84 -0.42 3.07
CA PRO C 303 -30.89 1.04 2.86
C PRO C 303 -30.63 1.27 1.36
N LEU C 304 -31.25 2.27 0.81
CA LEU C 304 -31.19 2.51 -0.62
C LEU C 304 -29.75 2.63 -1.18
N PHE C 305 -28.86 3.29 -0.45
CA PHE C 305 -27.48 3.48 -0.93
C PHE C 305 -26.76 2.16 -1.21
N SER C 306 -27.09 1.10 -0.45
CA SER C 306 -26.42 -0.20 -0.58
C SER C 306 -26.78 -0.93 -1.86
N LEU C 307 -27.83 -0.47 -2.55
CA LEU C 307 -28.27 -0.99 -3.84
C LEU C 307 -27.62 -0.22 -4.98
N GLY C 308 -26.83 0.82 -4.68
CA GLY C 308 -26.03 1.52 -5.66
C GLY C 308 -24.74 0.76 -5.97
N TYR C 309 -23.75 1.46 -6.50
CA TYR C 309 -22.47 0.85 -6.89
C TYR C 309 -21.46 1.08 -5.80
N HIS C 310 -20.70 0.01 -5.48
CA HIS C 310 -19.67 -0.01 -4.45
C HIS C 310 -18.30 -0.21 -5.10
N GLN C 311 -17.34 0.66 -4.75
CA GLN C 311 -15.98 0.59 -5.26
C GLN C 311 -15.05 0.11 -4.13
N SER C 312 -14.37 -1.01 -4.37
CA SER C 312 -13.47 -1.58 -3.41
C SER C 312 -12.21 -2.13 -4.08
N ARG C 313 -11.20 -2.35 -3.23
CA ARG C 313 -10.02 -3.14 -3.51
C ARG C 313 -9.28 -3.38 -2.20
N TRP C 314 -8.37 -4.34 -2.22
CA TRP C 314 -7.44 -4.61 -1.16
C TRP C 314 -6.16 -3.98 -1.70
N ASN C 315 -5.75 -2.75 -1.36
CA ASN C 315 -6.37 -1.79 -0.49
C ASN C 315 -6.16 -0.41 -1.07
N TYR C 316 -7.05 0.52 -0.74
CA TYR C 316 -6.81 1.93 -1.01
C TYR C 316 -5.70 2.33 0.02
N ARG C 317 -4.70 3.09 -0.43
CA ARG C 317 -3.50 3.41 0.35
C ARG C 317 -3.71 4.20 1.61
N ASP C 318 -4.48 5.24 1.50
CA ASP C 318 -4.58 6.21 2.56
C ASP C 318 -5.77 7.11 2.30
N GLU C 319 -5.98 8.17 3.15
CA GLU C 319 -7.10 9.11 3.00
C GLU C 319 -7.04 9.85 1.66
N ALA C 320 -5.84 10.27 1.25
CA ALA C 320 -5.67 10.95 -0.03
C ALA C 320 -6.11 10.03 -1.18
N ASP C 321 -5.79 8.71 -1.11
CA ASP C 321 -6.19 7.75 -2.16
C ASP C 321 -7.70 7.63 -2.20
N VAL C 322 -8.35 7.55 -1.05
CA VAL C 322 -9.84 7.46 -0.98
C VAL C 322 -10.47 8.71 -1.59
N LEU C 323 -9.97 9.90 -1.22
CA LEU C 323 -10.48 11.14 -1.75
C LEU C 323 -10.20 11.29 -3.24
N GLU C 324 -9.08 10.77 -3.76
CA GLU C 324 -8.79 10.82 -5.19
C GLU C 324 -9.75 9.92 -5.97
N VAL C 325 -10.07 8.75 -5.40
CA VAL C 325 -11.03 7.79 -6.01
C VAL C 325 -12.41 8.45 -6.06
N ASP C 326 -12.82 9.05 -4.95
CA ASP C 326 -14.10 9.80 -4.89
C ASP C 326 -14.17 10.87 -6.00
N GLN C 327 -13.11 11.66 -6.11
CA GLN C 327 -13.04 12.72 -7.10
C GLN C 327 -12.97 12.18 -8.54
N GLY C 328 -12.38 11.01 -8.72
CA GLY C 328 -12.31 10.33 -10.01
C GLY C 328 -13.67 10.00 -10.55
N PHE C 329 -14.58 9.51 -9.69
CA PHE C 329 -15.96 9.20 -10.14
C PHE C 329 -16.65 10.46 -10.65
N ASP C 330 -16.49 11.57 -9.92
CA ASP C 330 -17.08 12.84 -10.31
C ASP C 330 -16.44 13.45 -11.54
N ASP C 331 -15.11 13.38 -11.67
CA ASP C 331 -14.43 13.91 -12.87
C ASP C 331 -14.75 13.13 -14.11
N HIS C 332 -15.14 11.84 -14.00
CA HIS C 332 -15.48 11.00 -15.14
C HIS C 332 -16.98 10.73 -15.24
N ASN C 333 -17.81 11.47 -14.49
CA ASN C 333 -19.27 11.34 -14.52
C ASN C 333 -19.73 9.88 -14.41
N MET C 334 -19.30 9.20 -13.37
CA MET C 334 -19.65 7.82 -13.09
C MET C 334 -20.24 7.79 -11.70
N PRO C 335 -21.48 7.30 -11.52
CA PRO C 335 -22.05 7.29 -10.16
C PRO C 335 -21.45 6.22 -9.28
N CYS C 336 -21.41 6.48 -7.98
CA CYS C 336 -20.88 5.54 -6.99
C CYS C 336 -21.41 5.94 -5.61
N ASP C 337 -21.92 4.99 -4.84
CA ASP C 337 -22.42 5.33 -3.51
C ASP C 337 -21.43 5.10 -2.38
N VAL C 338 -20.58 4.08 -2.49
CA VAL C 338 -19.71 3.69 -1.39
C VAL C 338 -18.28 3.37 -1.83
N ILE C 339 -17.30 3.77 -0.98
CA ILE C 339 -15.91 3.40 -1.15
C ILE C 339 -15.53 2.52 0.05
N TRP C 340 -14.83 1.40 -0.20
CA TRP C 340 -14.54 0.39 0.80
C TRP C 340 -13.08 0.37 1.24
N LEU C 341 -12.85 0.08 2.54
CA LEU C 341 -11.53 0.01 3.18
C LEU C 341 -11.28 -1.39 3.69
N ASP C 342 -10.34 -2.09 3.06
CA ASP C 342 -9.96 -3.46 3.42
C ASP C 342 -8.99 -3.43 4.60
N ILE C 343 -8.45 -4.60 4.96
CA ILE C 343 -7.63 -4.82 6.17
C ILE C 343 -6.43 -3.90 6.38
N GLU C 344 -5.90 -3.29 5.32
CA GLU C 344 -4.75 -2.38 5.50
C GLU C 344 -5.15 -1.02 6.09
N HIS C 345 -6.44 -0.72 6.27
CA HIS C 345 -6.78 0.58 6.88
C HIS C 345 -6.54 0.60 8.39
N ALA C 346 -6.55 -0.58 9.02
CA ALA C 346 -6.42 -0.72 10.47
C ALA C 346 -4.97 -0.63 10.91
N ASP C 347 -4.76 -0.55 12.21
CA ASP C 347 -3.41 -0.58 12.77
C ASP C 347 -2.96 -2.07 12.85
N GLY C 348 -2.20 -2.55 11.89
CA GLY C 348 -1.70 -3.93 11.89
C GLY C 348 -2.75 -5.02 12.08
N LYS C 349 -3.89 -4.88 11.40
CA LYS C 349 -5.01 -5.82 11.45
C LYS C 349 -5.57 -6.00 12.91
N ARG C 350 -5.58 -4.90 13.68
CA ARG C 350 -6.27 -4.81 14.94
C ARG C 350 -7.59 -4.16 14.53
N TYR C 351 -8.71 -4.88 14.52
CA TYR C 351 -9.96 -4.26 14.05
C TYR C 351 -10.48 -3.21 15.03
N PHE C 352 -11.28 -2.29 14.51
CA PHE C 352 -11.79 -1.11 15.23
C PHE C 352 -10.70 -0.03 15.45
N THR C 353 -9.58 -0.10 14.72
CA THR C 353 -8.49 0.89 14.81
C THR C 353 -8.19 1.44 13.43
N TRP C 354 -7.35 2.46 13.39
CA TRP C 354 -6.95 3.10 12.14
C TRP C 354 -5.43 3.23 12.04
N ASP C 355 -4.83 2.94 10.88
CA ASP C 355 -3.39 3.12 10.74
C ASP C 355 -3.09 4.63 10.98
N PRO C 356 -2.17 4.97 11.91
CA PRO C 356 -1.95 6.38 12.26
C PRO C 356 -1.22 7.22 11.24
N THR C 357 -0.61 6.62 10.24
CA THR C 357 0.01 7.37 9.15
C THR C 357 -0.95 7.50 7.96
N ARG C 358 -1.62 6.41 7.56
CA ARG C 358 -2.48 6.34 6.39
C ARG C 358 -3.89 6.91 6.62
N PHE C 359 -4.45 6.69 7.83
CA PHE C 359 -5.75 7.20 8.23
C PHE C 359 -5.67 7.90 9.58
N PRO C 360 -4.93 9.03 9.66
CA PRO C 360 -4.83 9.78 10.93
C PRO C 360 -6.11 10.52 11.35
N GLN C 361 -6.97 10.90 10.40
CA GLN C 361 -8.17 11.72 10.65
C GLN C 361 -9.39 11.10 9.97
N PRO C 362 -9.82 9.89 10.42
CA PRO C 362 -10.96 9.22 9.77
C PRO C 362 -12.25 10.05 9.78
N LEU C 363 -12.53 10.82 10.83
CA LEU C 363 -13.74 11.64 10.87
C LEU C 363 -13.74 12.70 9.78
N ASN C 364 -12.58 13.26 9.46
CA ASN C 364 -12.44 14.25 8.39
C ASN C 364 -12.63 13.59 7.03
N MET C 365 -12.13 12.38 6.85
CA MET C 365 -12.34 11.63 5.60
C MET C 365 -13.86 11.34 5.44
N LEU C 366 -14.50 10.91 6.51
CA LEU C 366 -15.93 10.62 6.47
C LEU C 366 -16.78 11.88 6.23
N GLU C 367 -16.34 13.07 6.74
CA GLU C 367 -17.03 14.36 6.48
C GLU C 367 -16.95 14.70 5.03
N HIS C 368 -15.76 14.55 4.42
CA HIS C 368 -15.62 14.85 3.00
CA HIS C 368 -15.58 14.83 3.01
C HIS C 368 -16.52 13.93 2.19
N LEU C 369 -16.56 12.62 2.51
CA LEU C 369 -17.44 11.73 1.75
C LEU C 369 -18.92 12.13 1.94
N ALA C 370 -19.27 12.53 3.17
CA ALA C 370 -20.64 12.98 3.45
C ALA C 370 -21.00 14.25 2.66
N SER C 371 -20.03 15.14 2.39
CA SER C 371 -20.28 16.35 1.58
C SER C 371 -20.57 16.03 0.13
N LYS C 372 -20.13 14.85 -0.35
CA LYS C 372 -20.40 14.30 -1.69
C LYS C 372 -21.61 13.34 -1.67
N ARG C 373 -22.27 13.17 -0.49
CA ARG C 373 -23.41 12.29 -0.28
C ARG C 373 -23.07 10.83 -0.54
N ARG C 374 -21.86 10.44 -0.08
CA ARG C 374 -21.33 9.09 -0.20
C ARG C 374 -21.04 8.50 1.16
N LYS C 375 -20.88 7.17 1.18
CA LYS C 375 -20.63 6.40 2.38
C LYS C 375 -19.28 5.67 2.23
N LEU C 376 -18.82 5.10 3.32
CA LEU C 376 -17.63 4.28 3.38
C LEU C 376 -17.97 3.00 4.07
N VAL C 377 -17.30 1.90 3.73
CA VAL C 377 -17.46 0.61 4.42
C VAL C 377 -16.09 0.23 4.93
N ALA C 378 -15.96 -0.15 6.19
CA ALA C 378 -14.70 -0.61 6.78
C ALA C 378 -14.83 -2.07 7.14
N ILE C 379 -13.75 -2.85 6.93
CA ILE C 379 -13.72 -4.26 7.27
C ILE C 379 -13.50 -4.45 8.78
N VAL C 380 -14.25 -5.39 9.36
CA VAL C 380 -14.14 -5.81 10.76
C VAL C 380 -14.32 -7.32 10.75
N ASP C 381 -13.24 -8.06 10.97
CA ASP C 381 -13.29 -9.53 10.98
C ASP C 381 -13.40 -10.07 12.42
N PRO C 382 -13.90 -11.32 12.59
CA PRO C 382 -14.03 -11.91 13.94
C PRO C 382 -12.78 -12.62 14.50
N HIS C 383 -11.60 -12.12 14.24
CA HIS C 383 -10.39 -12.69 14.82
C HIS C 383 -9.67 -11.50 15.41
N ILE C 384 -9.19 -11.67 16.63
CA ILE C 384 -8.64 -10.59 17.42
C ILE C 384 -7.17 -10.84 17.69
N LYS C 385 -6.32 -9.90 17.26
CA LYS C 385 -4.87 -10.03 17.49
C LYS C 385 -4.57 -10.27 18.95
N VAL C 386 -3.71 -11.26 19.25
CA VAL C 386 -3.26 -11.54 20.61
C VAL C 386 -2.17 -10.46 20.87
N ASP C 387 -2.54 -9.42 21.60
CA ASP C 387 -1.67 -8.29 21.89
C ASP C 387 -2.15 -7.64 23.20
N SER C 388 -1.28 -7.61 24.20
CA SER C 388 -1.65 -7.02 25.50
C SER C 388 -1.88 -5.51 25.47
N GLY C 389 -1.41 -4.84 24.42
CA GLY C 389 -1.67 -3.42 24.23
C GLY C 389 -2.94 -3.10 23.48
N TYR C 390 -3.66 -4.13 22.99
CA TYR C 390 -4.88 -3.98 22.19
C TYR C 390 -6.10 -4.18 23.11
N ARG C 391 -6.78 -3.10 23.46
CA ARG C 391 -7.96 -3.13 24.35
C ARG C 391 -9.02 -4.15 24.00
N VAL C 392 -9.32 -4.36 22.73
CA VAL C 392 -10.34 -5.33 22.36
C VAL C 392 -9.90 -6.72 22.87
N HIS C 393 -8.63 -7.08 22.63
CA HIS C 393 -8.09 -8.37 23.09
C HIS C 393 -8.12 -8.47 24.60
N GLU C 394 -7.64 -7.42 25.27
CA GLU C 394 -7.62 -7.40 26.73
C GLU C 394 -8.99 -7.56 27.34
N GLU C 395 -10.00 -6.87 26.80
CA GLU C 395 -11.36 -6.99 27.31
C GLU C 395 -11.93 -8.37 27.08
N LEU C 396 -11.79 -8.94 25.88
CA LEU C 396 -12.34 -10.28 25.62
C LEU C 396 -11.64 -11.37 26.43
N ARG C 397 -10.32 -11.23 26.62
CA ARG C 397 -9.54 -12.16 27.40
C ARG C 397 -9.99 -12.08 28.86
N ASN C 398 -10.12 -10.85 29.40
CA ASN C 398 -10.50 -10.61 30.80
C ASN C 398 -11.90 -11.05 31.13
N HIS C 399 -12.83 -11.01 30.18
CA HIS C 399 -14.21 -11.44 30.37
C HIS C 399 -14.47 -12.89 29.94
N GLY C 400 -13.44 -13.65 29.58
CA GLY C 400 -13.57 -15.03 29.15
C GLY C 400 -14.50 -15.25 27.96
N LEU C 401 -14.49 -14.32 27.01
CA LEU C 401 -15.41 -14.39 25.86
C LEU C 401 -14.86 -15.05 24.58
N TYR C 402 -13.67 -15.66 24.66
CA TYR C 402 -13.09 -16.37 23.52
C TYR C 402 -13.49 -17.83 23.49
N VAL C 403 -13.44 -18.42 22.30
CA VAL C 403 -13.63 -19.86 22.11
C VAL C 403 -12.45 -20.53 22.83
N LYS C 404 -12.71 -21.66 23.49
CA LYS C 404 -11.67 -22.40 24.23
C LYS C 404 -11.28 -23.70 23.54
N THR C 405 -10.19 -24.29 24.03
CA THR C 405 -9.70 -25.58 23.56
C THR C 405 -10.29 -26.60 24.59
N ARG C 406 -10.09 -27.90 24.39
CA ARG C 406 -10.55 -28.87 25.40
C ARG C 406 -9.90 -28.64 26.80
N ASP C 407 -8.61 -28.24 26.89
CA ASP C 407 -7.97 -28.01 28.19
C ASP C 407 -8.41 -26.74 28.93
N GLY C 408 -9.25 -25.90 28.32
CA GLY C 408 -9.73 -24.67 28.93
C GLY C 408 -8.94 -23.43 28.56
N SER C 409 -7.94 -23.59 27.66
CA SER C 409 -7.13 -22.45 27.22
C SER C 409 -7.91 -21.65 26.17
N ASP C 410 -7.67 -20.34 26.08
CA ASP C 410 -8.32 -19.51 25.05
C ASP C 410 -7.68 -19.94 23.72
N TYR C 411 -8.51 -20.34 22.74
CA TYR C 411 -8.03 -20.82 21.42
C TYR C 411 -7.24 -19.76 20.68
N GLU C 412 -6.05 -20.14 20.15
CA GLU C 412 -5.20 -19.24 19.38
C GLU C 412 -4.90 -19.87 18.05
N GLY C 413 -4.89 -19.05 17.03
CA GLY C 413 -4.66 -19.50 15.66
C GLY C 413 -3.92 -18.46 14.89
N TRP C 414 -3.57 -18.79 13.67
CA TRP C 414 -2.87 -17.88 12.78
CA TRP C 414 -2.85 -17.89 12.77
C TRP C 414 -3.88 -17.28 11.80
N CYS C 415 -3.91 -15.94 11.70
CA CYS C 415 -4.76 -15.24 10.73
C CYS C 415 -4.10 -13.94 10.34
N TRP C 416 -4.79 -12.97 9.74
CA TRP C 416 -4.15 -11.76 9.22
C TRP C 416 -3.27 -10.98 10.24
N PRO C 417 -3.68 -10.83 11.51
CA PRO C 417 -2.79 -10.14 12.46
C PRO C 417 -1.66 -11.02 13.04
N GLY C 418 -1.47 -12.24 12.52
CA GLY C 418 -0.51 -13.18 13.07
C GLY C 418 -1.26 -14.04 14.05
N SER C 419 -0.82 -14.12 15.33
CA SER C 419 -1.54 -14.88 16.37
C SER C 419 -2.83 -14.16 16.74
N ALA C 420 -3.95 -14.92 16.74
CA ALA C 420 -5.25 -14.34 16.99
C ALA C 420 -6.18 -15.29 17.71
N SER C 421 -7.12 -14.71 18.47
CA SER C 421 -8.14 -15.50 19.19
C SER C 421 -9.48 -15.21 18.59
N TYR C 422 -10.42 -16.12 18.82
CA TYR C 422 -11.71 -16.15 18.18
C TYR C 422 -12.82 -15.94 19.18
N PRO C 423 -13.49 -14.76 19.15
CA PRO C 423 -14.59 -14.53 20.08
C PRO C 423 -15.68 -15.58 19.88
N ASP C 424 -16.32 -16.00 20.99
CA ASP C 424 -17.37 -17.01 20.89
C ASP C 424 -18.68 -16.31 20.58
N PHE C 425 -18.95 -16.10 19.28
CA PHE C 425 -20.18 -15.46 18.85
C PHE C 425 -21.43 -16.26 19.17
N THR C 426 -21.33 -17.56 19.58
CA THR C 426 -22.53 -18.34 19.97
C THR C 426 -23.01 -17.90 21.37
N ASN C 427 -22.14 -17.21 22.14
CA ASN C 427 -22.46 -16.70 23.47
C ASN C 427 -23.22 -15.38 23.32
N PRO C 428 -24.47 -15.29 23.83
CA PRO C 428 -25.24 -14.03 23.69
C PRO C 428 -24.60 -12.78 24.32
N ARG C 429 -23.76 -12.97 25.35
CA ARG C 429 -23.05 -11.86 25.98
C ARG C 429 -21.93 -11.36 25.09
N MET C 430 -21.26 -12.26 24.35
CA MET C 430 -20.21 -11.86 23.39
C MET C 430 -20.88 -11.01 22.27
N ARG C 431 -22.05 -11.44 21.77
CA ARG C 431 -22.77 -10.68 20.76
C ARG C 431 -23.14 -9.29 21.25
N ALA C 432 -23.60 -9.17 22.53
CA ALA C 432 -23.94 -7.88 23.15
C ALA C 432 -22.72 -6.97 23.25
N TRP C 433 -21.59 -7.52 23.65
CA TRP C 433 -20.32 -6.79 23.72
C TRP C 433 -19.93 -6.25 22.33
N TRP C 434 -20.05 -7.12 21.30
CA TRP C 434 -19.70 -6.82 19.93
C TRP C 434 -20.58 -5.69 19.39
N SER C 435 -21.88 -5.77 19.60
CA SER C 435 -22.81 -4.71 19.18
C SER C 435 -22.45 -3.39 19.81
N ASN C 436 -22.11 -3.42 21.09
CA ASN C 436 -21.78 -2.23 21.82
C ASN C 436 -20.47 -1.58 21.34
N MET C 437 -19.47 -2.38 20.79
CA MET C 437 -18.22 -1.84 20.24
C MET C 437 -18.47 -0.87 19.09
N PHE C 438 -19.56 -1.06 18.35
CA PHE C 438 -19.95 -0.17 17.25
C PHE C 438 -20.54 1.19 17.66
N SER C 439 -20.69 1.48 18.96
CA SER C 439 -21.16 2.81 19.36
C SER C 439 -20.12 3.82 18.91
N PHE C 440 -20.54 5.05 18.62
CA PHE C 440 -19.61 6.08 18.18
C PHE C 440 -18.55 6.42 19.23
N ASP C 441 -18.88 6.20 20.51
CA ASP C 441 -17.95 6.43 21.62
C ASP C 441 -16.86 5.34 21.73
N ASN C 442 -17.22 4.07 21.43
CA ASN C 442 -16.27 2.94 21.47
C ASN C 442 -15.46 2.81 20.20
N TYR C 443 -16.10 2.90 19.03
CA TYR C 443 -15.39 2.79 17.75
C TYR C 443 -15.00 4.21 17.35
N GLU C 444 -13.89 4.69 17.93
CA GLU C 444 -13.42 6.05 17.67
C GLU C 444 -13.04 6.21 16.21
N GLY C 445 -13.50 7.29 15.60
CA GLY C 445 -13.27 7.56 14.18
C GLY C 445 -14.40 7.12 13.28
N SER C 446 -15.42 6.41 13.81
CA SER C 446 -16.59 6.02 13.05
C SER C 446 -17.64 7.13 13.06
N ALA C 447 -18.53 7.10 12.07
CA ALA C 447 -19.58 8.08 11.91
C ALA C 447 -20.78 7.42 11.23
N PRO C 448 -21.95 8.09 11.17
CA PRO C 448 -23.14 7.44 10.59
C PRO C 448 -23.06 7.01 9.14
N ASN C 449 -22.11 7.54 8.35
CA ASN C 449 -21.92 7.12 6.96
C ASN C 449 -20.84 6.05 6.82
N LEU C 450 -20.44 5.39 7.94
CA LEU C 450 -19.50 4.29 7.95
C LEU C 450 -20.29 2.99 8.18
N TYR C 451 -20.22 2.05 7.24
CA TYR C 451 -20.90 0.73 7.36
C TYR C 451 -19.82 -0.36 7.41
N VAL C 452 -20.21 -1.64 7.52
CA VAL C 452 -19.28 -2.68 7.87
C VAL C 452 -19.33 -3.89 6.97
N TRP C 453 -18.15 -4.55 6.88
CA TRP C 453 -17.94 -5.75 6.11
C TRP C 453 -17.35 -6.78 7.07
N ASN C 454 -18.00 -7.94 7.22
CA ASN C 454 -17.50 -9.08 8.00
C ASN C 454 -16.97 -10.11 7.05
N ASP C 455 -15.69 -10.36 7.12
CA ASP C 455 -14.99 -11.37 6.32
C ASP C 455 -14.31 -12.37 7.26
N MET C 456 -13.91 -13.54 6.73
CA MET C 456 -13.17 -14.58 7.45
C MET C 456 -14.02 -15.13 8.60
N ASN C 457 -15.36 -15.10 8.46
CA ASN C 457 -16.22 -15.52 9.57
C ASN C 457 -16.76 -16.97 9.46
N GLU C 458 -16.02 -17.86 8.80
CA GLU C 458 -16.38 -19.27 8.68
C GLU C 458 -16.29 -20.00 10.05
N PRO C 459 -15.26 -19.81 10.91
CA PRO C 459 -14.13 -18.87 10.86
C PRO C 459 -12.91 -19.38 10.10
N SER C 460 -12.19 -18.47 9.48
CA SER C 460 -10.95 -18.84 8.78
C SER C 460 -9.81 -18.86 9.83
N VAL C 461 -9.05 -19.96 9.85
CA VAL C 461 -7.92 -20.19 10.77
C VAL C 461 -6.80 -20.74 9.84
N PHE C 462 -5.74 -19.97 9.57
CA PHE C 462 -4.75 -20.36 8.54
C PHE C 462 -4.01 -21.66 8.83
N ASN C 463 -3.80 -21.95 10.10
CA ASN C 463 -3.11 -23.18 10.50
C ASN C 463 -4.07 -24.26 11.03
N GLY C 464 -5.36 -24.12 10.77
CA GLY C 464 -6.33 -25.08 11.27
C GLY C 464 -6.64 -26.17 10.26
N PRO C 465 -7.33 -27.25 10.68
CA PRO C 465 -7.73 -28.29 9.71
C PRO C 465 -8.75 -27.75 8.74
N GLU C 466 -8.47 -27.86 7.43
CA GLU C 466 -9.31 -27.32 6.38
C GLU C 466 -9.43 -25.79 6.51
N VAL C 467 -8.38 -25.15 7.08
CA VAL C 467 -8.30 -23.69 7.25
C VAL C 467 -9.43 -23.17 8.17
N THR C 468 -9.94 -24.01 9.10
CA THR C 468 -10.96 -23.57 10.05
C THR C 468 -10.62 -24.06 11.43
N MET C 469 -11.53 -23.83 12.36
CA MET C 469 -11.32 -24.21 13.76
C MET C 469 -11.40 -25.69 14.01
N LEU C 470 -10.63 -26.15 15.02
CA LEU C 470 -10.67 -27.55 15.42
C LEU C 470 -12.09 -27.94 15.84
N LYS C 471 -12.54 -29.10 15.38
CA LYS C 471 -13.85 -29.64 15.69
C LYS C 471 -14.12 -29.77 17.18
N ASP C 472 -13.08 -30.07 17.99
CA ASP C 472 -13.16 -30.27 19.44
C ASP C 472 -12.92 -28.98 20.25
N ALA C 473 -12.89 -27.80 19.59
CA ALA C 473 -12.88 -26.55 20.36
C ALA C 473 -14.25 -26.46 21.08
N VAL C 474 -14.32 -25.68 22.15
CA VAL C 474 -15.49 -25.61 23.02
C VAL C 474 -16.13 -24.24 23.07
N HIS C 475 -17.43 -24.21 22.89
CA HIS C 475 -18.24 -23.01 22.85
C HIS C 475 -19.21 -22.93 24.04
N TYR C 476 -19.91 -21.79 24.14
CA TYR C 476 -20.94 -21.49 25.11
C TYR C 476 -21.84 -22.71 25.34
N GLY C 477 -22.04 -23.04 26.61
CA GLY C 477 -22.85 -24.18 27.00
C GLY C 477 -22.16 -25.53 26.92
N GLY C 478 -20.88 -25.57 26.59
CA GLY C 478 -20.11 -26.80 26.45
C GLY C 478 -20.22 -27.49 25.11
N TRP C 479 -20.93 -26.89 24.15
CA TRP C 479 -21.07 -27.47 22.81
C TRP C 479 -19.74 -27.42 22.08
N GLU C 480 -19.46 -28.45 21.28
CA GLU C 480 -18.20 -28.50 20.54
C GLU C 480 -18.35 -27.69 19.27
N HIS C 481 -17.21 -27.28 18.71
CA HIS C 481 -17.23 -26.56 17.44
C HIS C 481 -17.94 -27.37 16.35
N ARG C 482 -17.79 -28.71 16.34
CA ARG C 482 -18.50 -29.55 15.36
C ARG C 482 -20.02 -29.39 15.40
N ASP C 483 -20.57 -29.08 16.56
CA ASP C 483 -22.02 -28.96 16.69
C ASP C 483 -22.59 -27.71 16.10
N ILE C 484 -21.81 -26.61 16.15
CA ILE C 484 -22.29 -25.25 15.81
C ILE C 484 -21.67 -24.63 14.57
N HIS C 485 -20.65 -25.25 13.96
CA HIS C 485 -19.85 -24.63 12.92
C HIS C 485 -20.59 -23.72 11.94
N ASN C 486 -21.63 -24.23 11.29
CA ASN C 486 -22.29 -23.49 10.22
C ASN C 486 -23.10 -22.26 10.63
N ILE C 487 -23.32 -22.01 11.95
CA ILE C 487 -24.00 -20.77 12.41
C ILE C 487 -23.01 -19.75 13.02
N TYR C 488 -21.70 -20.07 13.10
CA TYR C 488 -20.74 -19.12 13.65
C TYR C 488 -20.75 -17.80 12.85
N GLY C 489 -20.66 -17.90 11.52
CA GLY C 489 -20.67 -16.73 10.65
C GLY C 489 -21.94 -15.91 10.73
N LEU C 490 -23.08 -16.59 10.75
CA LEU C 490 -24.39 -15.94 10.92
C LEU C 490 -24.43 -15.07 12.20
N TYR C 491 -23.88 -15.58 13.31
CA TYR C 491 -23.85 -14.84 14.58
C TYR C 491 -22.98 -13.60 14.49
N VAL C 492 -21.88 -13.66 13.76
CA VAL C 492 -21.01 -12.50 13.55
C VAL C 492 -21.80 -11.44 12.77
N HIS C 493 -22.50 -11.90 11.73
CA HIS C 493 -23.31 -11.03 10.84
C HIS C 493 -24.42 -10.34 11.64
N MET C 494 -25.14 -11.13 12.43
CA MET C 494 -26.23 -10.68 13.31
C MET C 494 -25.75 -9.66 14.34
N ALA C 495 -24.66 -9.97 15.06
CA ALA C 495 -24.13 -9.05 16.08
C ALA C 495 -23.67 -7.71 15.48
N THR C 496 -23.04 -7.75 14.29
CA THR C 496 -22.61 -6.52 13.59
C THR C 496 -23.83 -5.69 13.16
N ALA C 497 -24.84 -6.33 12.56
CA ALA C 497 -26.06 -5.60 12.14
C ALA C 497 -26.75 -4.94 13.31
N ASP C 498 -26.87 -5.66 14.45
CA ASP C 498 -27.43 -5.09 15.67
C ASP C 498 -26.59 -3.91 16.17
N GLY C 499 -25.27 -3.99 16.05
CA GLY C 499 -24.38 -2.89 16.41
C GLY C 499 -24.66 -1.62 15.65
N LEU C 500 -24.92 -1.73 14.35
CA LEU C 500 -25.22 -0.55 13.53
C LEU C 500 -26.60 0.01 13.79
N ILE C 501 -27.56 -0.85 14.16
CA ILE C 501 -28.89 -0.38 14.52
C ILE C 501 -28.82 0.38 15.87
N GLN C 502 -28.18 -0.23 16.86
CA GLN C 502 -28.12 0.33 18.20
C GLN C 502 -27.31 1.63 18.26
N ARG C 503 -26.23 1.78 17.50
CA ARG C 503 -25.40 3.00 17.58
C ARG C 503 -26.18 4.24 17.21
N SER C 504 -27.24 4.07 16.39
CA SER C 504 -28.14 5.14 15.92
C SER C 504 -29.40 5.33 16.81
N GLY C 505 -29.49 4.59 17.90
CA GLY C 505 -30.65 4.60 18.77
C GLY C 505 -31.82 3.87 18.17
N GLY C 506 -31.57 2.88 17.34
CA GLY C 506 -32.61 2.05 16.72
C GLY C 506 -33.29 2.63 15.50
N ILE C 507 -32.80 3.73 14.97
CA ILE C 507 -33.45 4.44 13.87
C ILE C 507 -32.96 4.03 12.48
N GLU C 508 -31.64 3.88 12.31
CA GLU C 508 -31.02 3.61 11.02
C GLU C 508 -30.99 2.12 10.66
N ARG C 509 -31.30 1.79 9.40
CA ARG C 509 -31.22 0.41 8.91
C ARG C 509 -29.75 0.09 8.68
N PRO C 510 -29.32 -1.12 9.05
CA PRO C 510 -27.90 -1.48 8.88
C PRO C 510 -27.50 -1.82 7.43
N PHE C 511 -26.21 -1.84 7.17
CA PHE C 511 -25.65 -2.42 5.96
C PHE C 511 -24.42 -3.19 6.41
N VAL C 512 -24.50 -4.53 6.30
CA VAL C 512 -23.41 -5.43 6.63
C VAL C 512 -23.30 -6.50 5.54
N LEU C 513 -22.10 -6.65 4.97
CA LEU C 513 -21.78 -7.70 4.02
C LEU C 513 -21.07 -8.81 4.79
N SER C 514 -21.47 -10.08 4.58
CA SER C 514 -20.86 -11.22 5.23
C SER C 514 -20.41 -12.27 4.22
N ARG C 515 -19.27 -12.95 4.49
CA ARG C 515 -18.84 -14.03 3.62
C ARG C 515 -19.54 -15.36 3.97
N ALA C 516 -19.51 -15.73 5.27
CA ALA C 516 -20.16 -16.94 5.76
C ALA C 516 -21.61 -16.67 6.09
N PHE C 517 -22.43 -17.72 5.97
CA PHE C 517 -23.85 -17.59 6.15
C PHE C 517 -24.52 -18.94 6.35
N PHE C 518 -25.79 -18.87 6.78
CA PHE C 518 -26.65 -20.03 7.04
C PHE C 518 -28.08 -19.60 6.81
N SER C 519 -29.03 -20.55 6.96
CA SER C 519 -30.46 -20.24 6.94
C SER C 519 -30.68 -19.10 7.98
N GLY C 520 -31.42 -18.07 7.59
CA GLY C 520 -31.68 -16.92 8.44
C GLY C 520 -30.76 -15.73 8.18
N SER C 521 -29.63 -15.94 7.46
CA SER C 521 -28.69 -14.83 7.18
C SER C 521 -29.31 -13.69 6.37
N GLN C 522 -30.40 -13.97 5.63
CA GLN C 522 -31.11 -12.92 4.86
C GLN C 522 -31.61 -11.77 5.77
N ARG C 523 -31.83 -12.06 7.06
CA ARG C 523 -32.31 -11.06 8.01
C ARG C 523 -31.26 -10.02 8.40
N PHE C 524 -29.96 -10.23 8.05
CA PHE C 524 -28.89 -9.36 8.52
C PHE C 524 -28.16 -8.53 7.48
N GLY C 525 -28.44 -8.70 6.18
CA GLY C 525 -27.75 -7.91 5.17
C GLY C 525 -27.46 -8.65 3.89
N ALA C 526 -26.26 -8.40 3.34
CA ALA C 526 -25.84 -8.95 2.06
C ALA C 526 -24.82 -10.07 2.23
N VAL C 527 -24.66 -10.89 1.19
CA VAL C 527 -23.60 -11.89 1.10
C VAL C 527 -22.98 -11.78 -0.31
N TRP C 528 -21.80 -12.32 -0.50
CA TRP C 528 -21.18 -12.38 -1.81
C TRP C 528 -20.45 -13.71 -1.93
N THR C 529 -20.12 -14.12 -3.17
CA THR C 529 -19.53 -15.43 -3.46
C THR C 529 -18.03 -15.56 -3.18
N GLY C 530 -17.46 -14.65 -2.41
CA GLY C 530 -16.07 -14.74 -1.99
C GLY C 530 -15.01 -14.48 -3.03
N ASP C 531 -13.88 -15.15 -2.88
CA ASP C 531 -12.68 -14.93 -3.69
C ASP C 531 -12.70 -15.68 -5.01
N ASN C 532 -13.40 -15.05 -5.96
CA ASN C 532 -13.49 -15.56 -7.31
C ASN C 532 -12.25 -15.09 -8.10
N THR C 533 -12.21 -15.43 -9.40
CA THR C 533 -11.06 -15.16 -10.25
C THR C 533 -11.49 -14.40 -11.52
N ALA C 534 -10.60 -13.53 -12.01
CA ALA C 534 -10.79 -12.73 -13.19
C ALA C 534 -10.70 -13.57 -14.46
N GLU C 535 -11.73 -14.44 -14.67
CA GLU C 535 -11.86 -15.33 -15.82
C GLU C 535 -13.31 -15.41 -16.27
N TRP C 536 -13.54 -15.65 -17.57
CA TRP C 536 -14.89 -15.69 -18.18
C TRP C 536 -15.80 -16.73 -17.56
N ASP C 537 -15.27 -17.87 -17.14
CA ASP C 537 -16.09 -18.91 -16.52
C ASP C 537 -16.56 -18.52 -15.14
N HIS C 538 -15.81 -17.67 -14.44
CA HIS C 538 -16.22 -17.17 -13.13
C HIS C 538 -17.30 -16.08 -13.33
N LEU C 539 -17.21 -15.29 -14.40
CA LEU C 539 -18.27 -14.34 -14.74
C LEU C 539 -19.58 -15.12 -14.96
N LYS C 540 -19.53 -16.20 -15.76
CA LYS C 540 -20.71 -17.03 -16.02
C LYS C 540 -21.33 -17.61 -14.79
N ILE C 541 -20.51 -18.12 -13.88
CA ILE C 541 -21.00 -18.86 -12.73
C ILE C 541 -21.66 -17.95 -11.65
N SER C 542 -21.48 -16.62 -11.73
CA SER C 542 -22.13 -15.67 -10.83
C SER C 542 -23.66 -15.81 -10.92
N ILE C 543 -24.21 -16.14 -12.11
CA ILE C 543 -25.67 -16.32 -12.26
C ILE C 543 -26.18 -17.56 -11.44
N PRO C 544 -25.78 -18.82 -11.74
CA PRO C 544 -26.29 -19.94 -10.96
C PRO C 544 -25.97 -19.82 -9.46
N MET C 545 -24.83 -19.22 -9.07
CA MET C 545 -24.49 -19.10 -7.65
C MET C 545 -25.47 -18.15 -6.97
N CYS C 546 -25.72 -16.97 -7.52
CA CYS C 546 -26.68 -16.06 -6.90
C CYS C 546 -28.12 -16.51 -7.04
N LEU C 547 -28.47 -17.28 -8.08
CA LEU C 547 -29.81 -17.87 -8.20
C LEU C 547 -30.02 -18.97 -7.16
N SER C 548 -29.02 -19.81 -6.89
CA SER C 548 -29.12 -20.85 -5.87
C SER C 548 -29.36 -20.21 -4.50
N LEU C 549 -28.72 -19.03 -4.24
CA LEU C 549 -28.92 -18.27 -3.01
C LEU C 549 -30.31 -17.61 -2.93
N ALA C 550 -30.75 -17.01 -4.02
CA ALA C 550 -32.08 -16.40 -4.10
C ALA C 550 -33.18 -17.40 -3.81
N LEU C 551 -33.08 -18.63 -4.32
CA LEU C 551 -34.10 -19.65 -4.10
C LEU C 551 -34.27 -20.02 -2.64
N VAL C 552 -33.22 -19.90 -1.85
CA VAL C 552 -33.24 -20.25 -0.42
C VAL C 552 -33.26 -19.00 0.50
N GLY C 553 -33.77 -17.90 -0.01
CA GLY C 553 -34.03 -16.68 0.76
C GLY C 553 -32.98 -15.59 0.79
N LEU C 554 -31.78 -15.85 0.27
CA LEU C 554 -30.67 -14.86 0.35
C LEU C 554 -30.67 -14.06 -0.96
N SER C 555 -31.58 -13.07 -1.02
CA SER C 555 -31.78 -12.23 -2.20
C SER C 555 -30.70 -11.18 -2.43
N PHE C 556 -29.94 -10.78 -1.39
CA PHE C 556 -28.97 -9.71 -1.54
C PHE C 556 -27.56 -10.30 -1.73
N CYS C 557 -27.32 -10.81 -2.95
CA CYS C 557 -26.16 -11.61 -3.39
C CYS C 557 -25.43 -10.93 -4.54
N GLY C 558 -24.15 -11.22 -4.64
CA GLY C 558 -23.35 -10.76 -5.77
C GLY C 558 -22.00 -11.44 -5.81
N ALA C 559 -21.22 -11.13 -6.83
CA ALA C 559 -19.85 -11.63 -7.01
C ALA C 559 -18.94 -10.44 -7.30
N ASP C 560 -17.66 -10.53 -6.95
CA ASP C 560 -16.74 -9.41 -7.17
C ASP C 560 -16.62 -9.05 -8.64
N VAL C 561 -16.97 -7.82 -8.97
CA VAL C 561 -16.93 -7.33 -10.34
C VAL C 561 -15.47 -7.18 -10.77
N GLY C 562 -15.11 -7.88 -11.84
CA GLY C 562 -13.76 -7.98 -12.37
C GLY C 562 -13.03 -9.23 -11.92
N GLY C 563 -13.53 -9.91 -10.90
CA GLY C 563 -12.87 -11.07 -10.31
C GLY C 563 -11.87 -10.63 -9.26
N PHE C 564 -11.77 -11.33 -8.15
CA PHE C 564 -10.86 -10.96 -7.06
C PHE C 564 -9.38 -11.24 -7.44
N PHE C 565 -9.10 -12.50 -7.77
CA PHE C 565 -7.74 -12.88 -8.17
C PHE C 565 -7.47 -12.56 -9.63
N LYS C 566 -6.22 -12.14 -9.91
CA LYS C 566 -5.70 -11.90 -11.27
C LYS C 566 -6.23 -10.61 -11.88
N ASN C 567 -5.71 -10.29 -13.08
CA ASN C 567 -6.02 -9.07 -13.82
C ASN C 567 -6.94 -9.37 -15.02
N PRO C 568 -8.19 -8.83 -15.01
CA PRO C 568 -9.09 -9.06 -16.16
C PRO C 568 -8.65 -8.23 -17.36
N GLU C 569 -8.87 -8.74 -18.58
CA GLU C 569 -8.65 -7.91 -19.77
C GLU C 569 -9.80 -6.85 -19.76
N PRO C 570 -9.61 -5.66 -20.37
CA PRO C 570 -10.71 -4.64 -20.36
C PRO C 570 -12.08 -5.13 -20.84
N GLU C 571 -12.14 -5.97 -21.86
CA GLU C 571 -13.41 -6.50 -22.36
C GLU C 571 -14.12 -7.31 -21.27
N LEU C 572 -13.35 -8.15 -20.54
CA LEU C 572 -13.94 -8.93 -19.44
C LEU C 572 -14.42 -8.00 -18.32
N LEU C 573 -13.65 -6.93 -17.97
CA LEU C 573 -14.08 -5.98 -16.96
C LEU C 573 -15.39 -5.30 -17.36
N VAL C 574 -15.54 -4.90 -18.63
CA VAL C 574 -16.79 -4.30 -19.14
C VAL C 574 -17.95 -5.28 -18.99
N ARG C 575 -17.79 -6.52 -19.46
CA ARG C 575 -18.88 -7.49 -19.36
C ARG C 575 -19.21 -7.79 -17.91
N TRP C 576 -18.23 -7.74 -17.03
CA TRP C 576 -18.48 -7.94 -15.62
C TRP C 576 -19.26 -6.78 -14.99
N TYR C 577 -18.99 -5.53 -15.37
CA TYR C 577 -19.79 -4.39 -14.93
C TYR C 577 -21.24 -4.51 -15.37
N GLN C 578 -21.46 -4.99 -16.61
CA GLN C 578 -22.79 -5.15 -17.15
C GLN C 578 -23.57 -6.23 -16.42
N MET C 579 -22.93 -7.37 -16.11
CA MET C 579 -23.52 -8.49 -15.36
C MET C 579 -23.84 -7.99 -13.93
N GLY C 580 -22.85 -7.38 -13.29
CA GLY C 580 -22.98 -6.87 -11.93
C GLY C 580 -24.05 -5.81 -11.79
N ALA C 581 -24.22 -4.98 -12.83
CA ALA C 581 -25.23 -3.92 -12.84
C ALA C 581 -26.64 -4.48 -12.75
N TYR C 582 -26.86 -5.76 -13.12
CA TYR C 582 -28.16 -6.42 -13.06
C TYR C 582 -28.23 -7.54 -11.98
N GLN C 583 -27.30 -7.52 -11.01
CA GLN C 583 -27.27 -8.44 -9.88
C GLN C 583 -27.48 -7.64 -8.58
N PRO C 584 -28.08 -8.26 -7.53
CA PRO C 584 -28.49 -7.47 -6.37
C PRO C 584 -27.39 -6.70 -5.62
N PHE C 585 -26.25 -7.35 -5.28
CA PHE C 585 -25.14 -6.68 -4.61
C PHE C 585 -24.05 -6.39 -5.66
N PHE C 586 -23.78 -5.10 -5.91
CA PHE C 586 -22.92 -4.64 -7.00
C PHE C 586 -21.66 -3.97 -6.51
N ARG C 587 -20.58 -4.74 -6.48
CA ARG C 587 -19.33 -4.23 -5.95
C ARG C 587 -18.16 -4.78 -6.70
N ALA C 588 -17.26 -3.86 -7.12
CA ALA C 588 -15.97 -4.17 -7.75
C ALA C 588 -14.99 -4.33 -6.63
N HIS C 589 -14.23 -5.41 -6.63
CA HIS C 589 -13.21 -5.67 -5.60
C HIS C 589 -12.06 -6.46 -6.26
N ALA C 590 -10.87 -6.38 -5.69
CA ALA C 590 -9.65 -6.92 -6.29
C ALA C 590 -8.62 -7.26 -5.22
N HIS C 591 -7.82 -8.28 -5.49
CA HIS C 591 -6.76 -8.75 -4.61
C HIS C 591 -5.57 -7.79 -4.53
N LEU C 592 -4.82 -7.89 -3.43
CA LEU C 592 -3.63 -7.07 -3.14
C LEU C 592 -2.61 -6.92 -4.27
N ASP C 593 -2.36 -7.99 -5.00
CA ASP C 593 -1.31 -8.00 -6.02
C ASP C 593 -1.80 -7.68 -7.43
N THR C 594 -3.06 -7.23 -7.59
CA THR C 594 -3.62 -6.90 -8.88
C THR C 594 -3.33 -5.45 -9.21
N GLY C 595 -3.37 -5.14 -10.51
CA GLY C 595 -3.24 -3.77 -10.94
C GLY C 595 -4.52 -3.03 -10.59
N ARG C 596 -4.43 -1.70 -10.47
CA ARG C 596 -5.58 -0.85 -10.19
C ARG C 596 -6.60 -0.95 -11.30
N ARG C 597 -7.89 -1.02 -10.97
CA ARG C 597 -8.90 -1.15 -12.03
C ARG C 597 -10.13 -0.27 -11.79
N GLU C 598 -9.90 0.96 -11.30
CA GLU C 598 -10.97 1.95 -11.21
C GLU C 598 -11.37 2.19 -12.67
N PRO C 599 -12.68 2.33 -12.94
CA PRO C 599 -13.16 2.26 -14.33
C PRO C 599 -12.67 3.36 -15.27
N TRP C 600 -12.25 4.50 -14.76
CA TRP C 600 -11.68 5.56 -15.59
C TRP C 600 -10.22 5.32 -15.99
N LEU C 601 -9.58 4.21 -15.58
CA LEU C 601 -8.19 3.92 -15.99
C LEU C 601 -8.13 3.18 -17.34
N LEU C 602 -9.29 2.81 -17.89
CA LEU C 602 -9.39 2.11 -19.17
C LEU C 602 -9.53 3.09 -20.29
N ALA C 603 -9.37 2.60 -21.50
CA ALA C 603 -9.53 3.42 -22.70
C ALA C 603 -11.01 3.87 -22.82
N SER C 604 -11.23 5.05 -23.38
CA SER C 604 -12.55 5.67 -23.56
C SER C 604 -13.70 4.74 -23.99
N GLN C 605 -13.49 3.81 -24.95
CA GLN C 605 -14.58 2.89 -25.38
C GLN C 605 -15.11 2.04 -24.20
N TYR C 606 -14.19 1.58 -23.34
CA TYR C 606 -14.49 0.74 -22.18
C TYR C 606 -15.10 1.58 -21.09
N GLN C 607 -14.55 2.77 -20.83
CA GLN C 607 -15.13 3.67 -19.84
C GLN C 607 -16.60 3.94 -20.19
N ASP C 608 -16.87 4.26 -21.45
CA ASP C 608 -18.20 4.62 -21.90
C ASP C 608 -19.22 3.48 -21.73
N ALA C 609 -18.80 2.22 -22.03
CA ALA C 609 -19.68 1.06 -21.83
C ALA C 609 -19.91 0.87 -20.32
N ILE C 610 -18.89 1.10 -19.46
CA ILE C 610 -19.04 0.98 -18.01
C ILE C 610 -19.96 2.07 -17.47
N ARG C 611 -19.78 3.32 -17.90
CA ARG C 611 -20.65 4.42 -17.49
C ARG C 611 -22.12 4.11 -17.87
N ASP C 612 -22.35 3.57 -19.07
CA ASP C 612 -23.69 3.15 -19.53
C ASP C 612 -24.30 2.13 -18.56
N ALA C 613 -23.54 1.10 -18.19
CA ALA C 613 -24.02 0.08 -17.26
C ALA C 613 -24.37 0.70 -15.88
N LEU C 614 -23.54 1.64 -15.38
CA LEU C 614 -23.78 2.32 -14.11
C LEU C 614 -25.05 3.18 -14.19
N PHE C 615 -25.21 3.91 -15.28
CA PHE C 615 -26.41 4.71 -15.49
C PHE C 615 -27.68 3.81 -15.53
N GLN C 616 -27.61 2.63 -16.16
CA GLN C 616 -28.76 1.71 -16.18
C GLN C 616 -29.17 1.28 -14.79
N ARG C 617 -28.20 0.90 -14.00
CA ARG C 617 -28.41 0.49 -12.61
C ARG C 617 -29.02 1.61 -11.76
N TYR C 618 -28.42 2.82 -11.82
CA TYR C 618 -28.91 3.95 -11.03
C TYR C 618 -30.35 4.32 -11.43
N SER C 619 -30.64 4.33 -12.73
CA SER C 619 -32.00 4.63 -13.18
C SER C 619 -33.03 3.61 -12.74
N LEU C 620 -32.61 2.34 -12.58
CA LEU C 620 -33.52 1.29 -12.10
C LEU C 620 -33.62 1.21 -10.57
N LEU C 621 -33.00 2.09 -9.80
CA LEU C 621 -33.07 1.98 -8.35
C LEU C 621 -34.50 1.92 -7.77
N PRO C 622 -35.49 2.72 -8.28
CA PRO C 622 -36.86 2.60 -7.75
C PRO C 622 -37.45 1.19 -7.94
N PHE C 623 -37.11 0.52 -9.05
CA PHE C 623 -37.53 -0.84 -9.34
C PHE C 623 -36.85 -1.82 -8.40
N TRP C 624 -35.53 -1.74 -8.26
CA TRP C 624 -34.76 -2.58 -7.33
C TRP C 624 -35.27 -2.47 -5.90
N TYR C 625 -35.49 -1.23 -5.45
CA TYR C 625 -35.98 -0.94 -4.09
C TYR C 625 -37.36 -1.58 -3.85
N THR C 626 -38.24 -1.48 -4.83
CA THR C 626 -39.56 -2.10 -4.79
C THR C 626 -39.45 -3.64 -4.75
N LEU C 627 -38.57 -4.24 -5.55
CA LEU C 627 -38.38 -5.72 -5.50
C LEU C 627 -37.89 -6.14 -4.13
N PHE C 628 -36.98 -5.34 -3.53
CA PHE C 628 -36.48 -5.67 -2.19
C PHE C 628 -37.59 -5.49 -1.13
N TYR C 629 -38.48 -4.49 -1.31
CA TYR C 629 -39.61 -4.33 -0.40
C TYR C 629 -40.52 -5.55 -0.51
N GLN C 630 -40.78 -6.04 -1.72
CA GLN C 630 -41.57 -7.27 -1.90
C GLN C 630 -40.87 -8.51 -1.32
N ALA C 631 -39.52 -8.56 -1.36
CA ALA C 631 -38.78 -9.65 -0.72
C ALA C 631 -38.93 -9.56 0.79
N HIS C 632 -38.84 -8.34 1.34
CA HIS C 632 -38.93 -8.09 2.76
C HIS C 632 -40.32 -8.43 3.30
N LYS C 633 -41.37 -8.11 2.54
CA LYS C 633 -42.75 -8.36 2.96
C LYS C 633 -43.25 -9.76 2.72
N GLU C 634 -42.89 -10.38 1.59
CA GLU C 634 -43.40 -11.69 1.20
C GLU C 634 -42.40 -12.85 1.23
N GLY C 635 -41.09 -12.56 1.18
CA GLY C 635 -40.07 -13.60 1.10
C GLY C 635 -39.85 -14.14 -0.30
N PHE C 636 -40.26 -13.36 -1.32
CA PHE C 636 -40.07 -13.72 -2.73
C PHE C 636 -38.72 -13.22 -3.22
N PRO C 637 -38.01 -14.07 -4.01
CA PRO C 637 -36.67 -13.68 -4.46
C PRO C 637 -36.66 -12.49 -5.41
N VAL C 638 -35.59 -11.69 -5.36
CA VAL C 638 -35.43 -10.53 -6.24
C VAL C 638 -34.98 -11.03 -7.64
N MET C 639 -33.85 -11.74 -7.67
CA MET C 639 -33.26 -12.36 -8.86
C MET C 639 -33.86 -13.75 -8.94
N ARG C 640 -34.46 -14.11 -10.08
CA ARG C 640 -35.18 -15.38 -10.20
C ARG C 640 -34.81 -16.22 -11.41
N PRO C 641 -34.79 -17.55 -11.26
CA PRO C 641 -34.67 -18.41 -12.45
C PRO C 641 -35.92 -18.26 -13.31
N LEU C 642 -35.81 -18.50 -14.62
CA LEU C 642 -36.98 -18.42 -15.50
C LEU C 642 -38.09 -19.41 -15.12
N TRP C 643 -37.75 -20.61 -14.62
CA TRP C 643 -38.76 -21.61 -14.23
C TRP C 643 -39.66 -21.15 -13.09
N VAL C 644 -39.23 -20.17 -12.25
CA VAL C 644 -40.13 -19.68 -11.19
C VAL C 644 -41.30 -18.89 -11.82
N GLN C 645 -41.03 -18.18 -12.91
CA GLN C 645 -42.03 -17.42 -13.65
C GLN C 645 -42.77 -18.27 -14.68
N TYR C 646 -42.14 -19.34 -15.20
CA TYR C 646 -42.72 -20.25 -16.23
C TYR C 646 -42.61 -21.67 -15.73
N PRO C 647 -43.36 -22.00 -14.67
CA PRO C 647 -43.23 -23.35 -14.07
C PRO C 647 -43.66 -24.53 -14.95
N GLU C 648 -44.48 -24.31 -15.96
CA GLU C 648 -44.91 -25.40 -16.84
C GLU C 648 -44.05 -25.49 -18.12
N ASP C 649 -43.06 -24.57 -18.31
CA ASP C 649 -42.19 -24.62 -19.46
C ASP C 649 -40.95 -25.41 -19.09
N MET C 650 -40.96 -26.72 -19.43
CA MET C 650 -39.88 -27.64 -19.14
C MET C 650 -38.53 -27.22 -19.72
N SER C 651 -38.52 -26.44 -20.80
CA SER C 651 -37.26 -25.98 -21.39
C SER C 651 -36.55 -24.93 -20.52
N THR C 652 -37.24 -24.34 -19.52
CA THR C 652 -36.60 -23.35 -18.63
C THR C 652 -35.95 -23.96 -17.36
N PHE C 653 -36.18 -25.25 -17.08
CA PHE C 653 -35.84 -25.83 -15.80
C PHE C 653 -34.37 -25.84 -15.46
N SER C 654 -33.48 -25.84 -16.44
CA SER C 654 -32.03 -25.83 -16.19
C SER C 654 -31.30 -24.54 -16.65
N ILE C 655 -32.03 -23.54 -17.14
CA ILE C 655 -31.42 -22.31 -17.65
C ILE C 655 -30.67 -21.57 -16.55
N GLU C 656 -29.42 -21.22 -16.81
CA GLU C 656 -28.59 -20.45 -15.87
C GLU C 656 -27.67 -19.41 -16.57
N ASP C 657 -27.95 -19.07 -17.86
CA ASP C 657 -27.23 -18.00 -18.58
C ASP C 657 -28.14 -16.80 -18.74
N GLN C 658 -29.33 -16.87 -18.12
CA GLN C 658 -30.38 -15.86 -18.18
C GLN C 658 -31.10 -15.85 -16.83
N PHE C 659 -31.74 -14.75 -16.50
CA PHE C 659 -32.53 -14.69 -15.27
C PHE C 659 -33.53 -13.55 -15.35
N MET C 660 -34.46 -13.54 -14.41
CA MET C 660 -35.42 -12.46 -14.32
C MET C 660 -35.25 -11.66 -13.04
N LEU C 661 -35.63 -10.40 -13.10
CA LEU C 661 -35.70 -9.50 -11.95
C LEU C 661 -37.21 -9.29 -11.77
N GLY C 662 -37.74 -9.85 -10.69
CA GLY C 662 -39.17 -9.83 -10.45
C GLY C 662 -39.88 -10.57 -11.58
N ASP C 663 -41.02 -10.06 -12.01
CA ASP C 663 -41.77 -10.60 -13.14
C ASP C 663 -41.62 -9.68 -14.36
N ALA C 664 -40.82 -8.60 -14.28
CA ALA C 664 -40.80 -7.59 -15.31
C ALA C 664 -39.61 -7.59 -16.25
N LEU C 665 -38.38 -7.89 -15.81
CA LEU C 665 -37.23 -7.80 -16.69
C LEU C 665 -36.55 -9.16 -16.84
N LEU C 666 -36.14 -9.52 -18.09
CA LEU C 666 -35.41 -10.75 -18.39
C LEU C 666 -34.03 -10.29 -18.89
N ILE C 667 -32.94 -10.81 -18.27
CA ILE C 667 -31.59 -10.34 -18.55
C ILE C 667 -30.74 -11.51 -19.05
N HIS C 668 -29.99 -11.30 -20.18
CA HIS C 668 -29.07 -12.30 -20.76
C HIS C 668 -27.75 -11.59 -20.97
N PRO C 669 -26.92 -11.42 -19.93
CA PRO C 669 -25.64 -10.69 -20.11
C PRO C 669 -24.67 -11.42 -21.05
N VAL C 670 -23.85 -10.66 -21.76
CA VAL C 670 -22.86 -11.27 -22.67
C VAL C 670 -21.77 -11.82 -21.76
N SER C 671 -21.38 -13.09 -21.94
CA SER C 671 -20.37 -13.69 -21.07
C SER C 671 -19.30 -14.51 -21.81
N ASP C 672 -18.93 -14.12 -23.03
CA ASP C 672 -17.86 -14.75 -23.81
C ASP C 672 -17.07 -13.67 -24.50
N ALA C 673 -15.75 -13.81 -24.53
CA ALA C 673 -14.88 -12.83 -25.24
C ALA C 673 -15.17 -12.90 -26.73
N GLY C 674 -15.20 -11.74 -27.40
CA GLY C 674 -15.46 -11.67 -28.84
C GLY C 674 -16.83 -12.13 -29.32
N ALA C 675 -17.84 -12.09 -28.43
CA ALA C 675 -19.20 -12.47 -28.80
C ALA C 675 -19.77 -11.41 -29.70
N HIS C 676 -20.46 -11.83 -30.78
CA HIS C 676 -21.16 -10.90 -31.67
C HIS C 676 -22.64 -11.06 -31.56
N GLY C 677 -23.11 -12.07 -30.83
CA GLY C 677 -24.53 -12.24 -30.58
C GLY C 677 -24.75 -13.21 -29.44
N VAL C 678 -26.00 -13.24 -28.94
CA VAL C 678 -26.43 -14.12 -27.86
C VAL C 678 -27.75 -14.80 -28.27
N GLN C 679 -27.94 -16.07 -27.92
CA GLN C 679 -29.21 -16.83 -28.09
C GLN C 679 -30.08 -16.58 -26.82
N VAL C 680 -31.14 -15.77 -26.93
CA VAL C 680 -31.99 -15.44 -25.78
C VAL C 680 -33.26 -16.20 -25.86
N TYR C 681 -33.57 -16.99 -24.84
CA TYR C 681 -34.87 -17.68 -24.79
C TYR C 681 -35.92 -16.77 -24.14
N LEU C 682 -36.95 -16.38 -24.91
CA LEU C 682 -38.05 -15.53 -24.45
C LEU C 682 -39.25 -16.44 -24.29
N PRO C 683 -39.59 -16.82 -23.05
CA PRO C 683 -40.68 -17.78 -22.84
C PRO C 683 -42.06 -17.18 -22.85
N GLY C 684 -43.06 -18.03 -22.76
CA GLY C 684 -44.44 -17.63 -22.59
C GLY C 684 -45.36 -17.74 -23.79
N GLN C 685 -46.34 -18.64 -23.73
CA GLN C 685 -47.38 -18.75 -24.75
C GLN C 685 -48.23 -17.46 -24.62
N GLU C 686 -48.49 -16.75 -25.73
CA GLU C 686 -49.26 -15.49 -25.68
C GLU C 686 -48.59 -14.36 -24.84
N GLU C 687 -47.26 -14.41 -24.66
CA GLU C 687 -46.50 -13.39 -23.94
C GLU C 687 -45.77 -12.56 -24.98
N VAL C 688 -45.51 -11.30 -24.66
CA VAL C 688 -44.73 -10.43 -25.51
C VAL C 688 -43.62 -9.81 -24.66
N TRP C 689 -42.50 -9.53 -25.30
CA TRP C 689 -41.30 -9.01 -24.67
C TRP C 689 -40.80 -7.81 -25.46
N TYR C 690 -40.40 -6.76 -24.77
CA TYR C 690 -39.90 -5.57 -25.43
C TYR C 690 -38.42 -5.39 -25.17
N ASP C 691 -37.59 -5.27 -26.24
CA ASP C 691 -36.17 -4.99 -26.12
C ASP C 691 -36.11 -3.57 -25.56
N ILE C 692 -35.55 -3.39 -24.36
CA ILE C 692 -35.63 -2.08 -23.69
C ILE C 692 -34.82 -0.99 -24.38
N GLN C 693 -33.88 -1.32 -25.25
CA GLN C 693 -33.10 -0.31 -25.96
C GLN C 693 -33.75 0.13 -27.27
N SER C 694 -34.18 -0.85 -28.07
CA SER C 694 -34.79 -0.60 -29.38
C SER C 694 -36.30 -0.47 -29.36
N TYR C 695 -36.97 -0.98 -28.32
CA TYR C 695 -38.43 -1.04 -28.20
C TYR C 695 -39.04 -2.06 -29.17
N GLN C 696 -38.24 -2.93 -29.80
CA GLN C 696 -38.77 -3.95 -30.69
C GLN C 696 -39.52 -4.98 -29.83
N LYS C 697 -40.72 -5.35 -30.27
CA LYS C 697 -41.58 -6.31 -29.60
C LYS C 697 -41.31 -7.71 -30.16
N HIS C 698 -41.23 -8.72 -29.28
CA HIS C 698 -40.99 -10.10 -29.63
C HIS C 698 -42.02 -10.99 -28.96
N HIS C 699 -42.60 -11.93 -29.70
CA HIS C 699 -43.59 -12.86 -29.17
C HIS C 699 -42.93 -14.14 -28.66
N GLY C 700 -43.35 -14.58 -27.48
CA GLY C 700 -42.87 -15.84 -26.95
C GLY C 700 -43.76 -16.99 -27.40
N PRO C 701 -43.35 -18.25 -27.22
CA PRO C 701 -42.00 -18.68 -26.82
C PRO C 701 -41.08 -18.74 -28.04
N GLN C 702 -39.85 -18.25 -27.90
CA GLN C 702 -38.87 -18.30 -29.00
C GLN C 702 -37.46 -18.14 -28.49
N THR C 703 -36.49 -18.59 -29.27
CA THR C 703 -35.09 -18.35 -29.04
C THR C 703 -34.72 -17.29 -30.07
N LEU C 704 -34.52 -16.09 -29.62
CA LEU C 704 -34.12 -14.93 -30.40
C LEU C 704 -32.60 -14.86 -30.49
N TYR C 705 -31.99 -14.71 -31.72
CA TYR C 705 -30.53 -14.50 -31.85
C TYR C 705 -30.31 -13.01 -31.92
N LEU C 706 -29.64 -12.50 -30.96
CA LEU C 706 -29.54 -11.09 -30.87
C LEU C 706 -28.14 -10.64 -31.12
N PRO C 707 -27.92 -9.69 -32.06
CA PRO C 707 -26.57 -9.14 -32.18
C PRO C 707 -26.18 -8.27 -31.00
N VAL C 708 -24.90 -8.28 -30.63
CA VAL C 708 -24.39 -7.44 -29.53
C VAL C 708 -23.08 -6.76 -29.91
N THR C 709 -22.85 -5.60 -29.28
CA THR C 709 -21.65 -4.82 -29.33
C THR C 709 -21.12 -4.70 -27.88
N LEU C 710 -19.98 -4.00 -27.66
CA LEU C 710 -19.36 -3.85 -26.34
C LEU C 710 -20.28 -3.20 -25.30
N SER C 711 -21.15 -2.26 -25.73
CA SER C 711 -22.06 -1.54 -24.83
C SER C 711 -23.40 -2.25 -24.65
N SER C 712 -23.64 -3.40 -25.32
CA SER C 712 -24.88 -4.14 -25.19
C SER C 712 -25.04 -4.86 -23.88
N ILE C 713 -26.24 -4.73 -23.29
CA ILE C 713 -26.69 -5.48 -22.11
C ILE C 713 -28.09 -6.02 -22.52
N PRO C 714 -28.19 -7.23 -23.09
CA PRO C 714 -29.52 -7.77 -23.51
C PRO C 714 -30.58 -7.84 -22.39
N VAL C 715 -31.52 -6.89 -22.38
CA VAL C 715 -32.57 -6.77 -21.36
C VAL C 715 -33.90 -6.60 -22.06
N PHE C 716 -34.92 -7.36 -21.64
CA PHE C 716 -36.28 -7.30 -22.18
C PHE C 716 -37.29 -7.06 -21.07
N GLN C 717 -38.28 -6.19 -21.33
CA GLN C 717 -39.38 -5.94 -20.39
C GLN C 717 -40.57 -6.78 -20.81
N ARG C 718 -41.16 -7.49 -19.88
CA ARG C 718 -42.32 -8.34 -20.15
C ARG C 718 -43.58 -7.50 -20.38
N GLY C 719 -44.35 -7.84 -21.39
CA GLY C 719 -45.64 -7.21 -21.61
C GLY C 719 -46.53 -7.47 -20.40
N GLY C 720 -47.27 -6.46 -19.97
CA GLY C 720 -48.10 -6.56 -18.79
C GLY C 720 -47.48 -5.95 -17.56
N THR C 721 -46.33 -5.26 -17.69
CA THR C 721 -45.63 -4.70 -16.52
C THR C 721 -45.36 -3.22 -16.64
N ILE C 722 -45.18 -2.59 -15.50
CA ILE C 722 -44.88 -1.17 -15.40
C ILE C 722 -43.66 -1.05 -14.51
N VAL C 723 -42.57 -0.54 -15.07
CA VAL C 723 -41.29 -0.39 -14.37
C VAL C 723 -41.02 1.09 -14.07
N PRO C 724 -40.81 1.46 -12.80
CA PRO C 724 -40.48 2.87 -12.49
C PRO C 724 -38.95 3.13 -12.58
N ARG C 725 -38.55 4.31 -13.08
CA ARG C 725 -37.13 4.66 -13.17
C ARG C 725 -36.90 6.09 -12.76
N TRP C 726 -35.67 6.42 -12.30
CA TRP C 726 -35.20 7.78 -12.06
C TRP C 726 -34.30 8.08 -13.27
N MET C 727 -34.78 8.83 -14.23
CA MET C 727 -34.00 9.08 -15.47
C MET C 727 -32.93 10.16 -15.31
N ARG C 728 -32.93 10.93 -14.20
CA ARG C 728 -31.93 11.95 -13.92
C ARG C 728 -30.84 11.32 -13.06
N VAL C 729 -29.86 10.70 -13.71
CA VAL C 729 -28.75 10.02 -13.02
C VAL C 729 -27.79 11.06 -12.44
N ARG C 730 -27.57 10.98 -11.13
CA ARG C 730 -26.67 11.87 -10.41
C ARG C 730 -25.51 11.09 -9.82
N ARG C 731 -24.61 11.74 -9.05
CA ARG C 731 -23.39 11.09 -8.53
C ARG C 731 -23.57 9.94 -7.51
N SER C 732 -24.72 9.90 -6.81
CA SER C 732 -25.01 8.87 -5.82
C SER C 732 -26.53 8.79 -5.63
N SER C 733 -26.99 7.71 -5.02
CA SER C 733 -28.42 7.51 -4.78
C SER C 733 -29.03 8.58 -3.85
N ASP C 734 -28.28 9.07 -2.84
CA ASP C 734 -28.83 10.11 -1.94
C ASP C 734 -29.22 11.35 -2.72
N CYS C 735 -28.47 11.68 -3.76
CA CYS C 735 -28.75 12.83 -4.59
C CYS C 735 -30.06 12.67 -5.37
N MET C 736 -30.42 11.43 -5.71
CA MET C 736 -31.55 11.05 -6.55
C MET C 736 -32.83 10.67 -5.85
N LYS C 737 -32.76 10.38 -4.56
CA LYS C 737 -33.88 9.77 -3.87
C LYS C 737 -35.14 10.65 -3.70
N ASP C 738 -35.10 11.95 -4.06
CA ASP C 738 -36.27 12.83 -4.06
C ASP C 738 -36.67 13.29 -5.47
N ASP C 739 -36.11 12.66 -6.52
CA ASP C 739 -36.34 13.06 -7.91
C ASP C 739 -37.57 12.48 -8.53
N PRO C 740 -38.01 13.09 -9.67
CA PRO C 740 -39.20 12.58 -10.34
C PRO C 740 -38.98 11.24 -11.04
N ILE C 741 -40.09 10.50 -11.16
CA ILE C 741 -40.14 9.18 -11.72
C ILE C 741 -40.68 9.19 -13.17
N THR C 742 -40.12 8.28 -14.00
CA THR C 742 -40.62 7.98 -15.32
C THR C 742 -41.19 6.55 -15.25
N LEU C 743 -42.44 6.36 -15.69
CA LEU C 743 -43.06 5.02 -15.69
C LEU C 743 -42.95 4.40 -17.09
N PHE C 744 -42.43 3.16 -17.17
CA PHE C 744 -42.27 2.45 -18.44
C PHE C 744 -43.33 1.40 -18.47
N VAL C 745 -44.35 1.60 -19.29
CA VAL C 745 -45.52 0.74 -19.37
C VAL C 745 -45.37 -0.17 -20.59
N ALA C 746 -45.20 -1.46 -20.38
CA ALA C 746 -45.09 -2.41 -21.48
C ALA C 746 -46.44 -3.12 -21.62
N LEU C 747 -47.20 -2.83 -22.68
CA LEU C 747 -48.53 -3.41 -22.84
C LEU C 747 -48.51 -4.88 -23.23
N SER C 748 -49.36 -5.68 -22.57
CA SER C 748 -49.57 -7.08 -22.91
C SER C 748 -50.35 -7.12 -24.22
N PRO C 749 -50.51 -8.31 -24.86
CA PRO C 749 -51.33 -8.37 -26.08
C PRO C 749 -52.80 -7.97 -25.85
N GLN C 750 -53.29 -8.07 -24.59
CA GLN C 750 -54.63 -7.66 -24.20
C GLN C 750 -54.72 -6.14 -23.90
N GLY C 751 -53.62 -5.38 -24.07
CA GLY C 751 -53.57 -3.94 -23.80
C GLY C 751 -53.63 -3.59 -22.33
N THR C 752 -52.99 -4.41 -21.49
CA THR C 752 -52.96 -4.19 -20.05
C THR C 752 -51.56 -4.23 -19.48
N ALA C 753 -51.40 -3.65 -18.30
CA ALA C 753 -50.16 -3.65 -17.56
C ALA C 753 -50.35 -3.24 -16.12
N GLN C 754 -49.47 -3.71 -15.24
CA GLN C 754 -49.48 -3.29 -13.85
C GLN C 754 -48.08 -3.33 -13.24
N GLY C 755 -47.90 -2.56 -12.20
CA GLY C 755 -46.67 -2.54 -11.45
C GLY C 755 -46.78 -1.74 -10.17
N GLU C 756 -45.90 -2.01 -9.20
CA GLU C 756 -45.90 -1.29 -7.93
C GLU C 756 -44.66 -0.42 -7.77
N LEU C 757 -44.70 0.46 -6.79
CA LEU C 757 -43.61 1.32 -6.43
C LEU C 757 -43.62 1.57 -4.94
N PHE C 758 -42.50 1.24 -4.25
CA PHE C 758 -42.30 1.50 -2.84
C PHE C 758 -41.37 2.69 -2.70
N LEU C 759 -41.71 3.65 -1.83
CA LEU C 759 -40.87 4.80 -1.51
C LEU C 759 -40.88 5.05 -0.01
N ASP C 760 -39.75 5.47 0.53
CA ASP C 760 -39.65 5.89 1.92
C ASP C 760 -38.49 6.88 2.01
N ASP C 761 -37.98 7.17 3.19
CA ASP C 761 -36.83 8.08 3.34
C ASP C 761 -35.49 7.49 2.85
N GLY C 762 -35.44 6.20 2.55
CA GLY C 762 -34.24 5.57 2.00
C GLY C 762 -33.31 4.91 3.00
N HIS C 763 -33.49 5.12 4.31
CA HIS C 763 -32.49 4.60 5.26
C HIS C 763 -32.91 4.32 6.72
N THR C 764 -34.13 4.63 7.15
CA THR C 764 -34.52 4.36 8.55
C THR C 764 -35.60 3.28 8.65
N PHE C 765 -35.95 2.93 9.90
CA PHE C 765 -37.07 2.03 10.17
C PHE C 765 -38.42 2.78 10.25
N ASN C 766 -38.48 4.08 9.83
CA ASN C 766 -39.74 4.84 9.89
C ASN C 766 -40.88 4.21 9.10
N TYR C 767 -40.58 3.48 8.02
CA TYR C 767 -41.63 2.79 7.25
C TYR C 767 -42.40 1.79 8.14
N GLN C 768 -41.74 1.20 9.14
CA GLN C 768 -42.34 0.22 10.00
C GLN C 768 -42.83 0.82 11.35
N THR C 769 -42.07 1.74 11.95
CA THR C 769 -42.43 2.34 13.24
C THR C 769 -43.44 3.49 13.13
N ARG C 770 -43.44 4.21 12.00
CA ARG C 770 -44.33 5.34 11.80
C ARG C 770 -45.22 5.21 10.55
N HIS C 771 -45.12 4.08 9.80
CA HIS C 771 -45.85 3.88 8.55
C HIS C 771 -45.59 5.05 7.59
N GLU C 772 -44.33 5.54 7.58
CA GLU C 772 -43.91 6.62 6.70
C GLU C 772 -43.28 6.02 5.45
N PHE C 773 -44.13 5.74 4.47
CA PHE C 773 -43.76 5.17 3.21
C PHE C 773 -44.92 5.30 2.29
N LEU C 774 -44.71 5.03 0.98
CA LEU C 774 -45.77 4.93 -0.02
C LEU C 774 -45.63 3.61 -0.71
N LEU C 775 -46.73 2.94 -0.97
CA LEU C 775 -46.75 1.76 -1.83
C LEU C 775 -47.86 2.02 -2.85
N ARG C 776 -47.47 2.38 -4.09
CA ARG C 776 -48.39 2.72 -5.17
C ARG C 776 -48.60 1.57 -6.11
N ARG C 777 -49.78 1.45 -6.69
CA ARG C 777 -50.08 0.47 -7.73
C ARG C 777 -50.42 1.29 -8.97
N PHE C 778 -49.75 0.99 -10.09
CA PHE C 778 -50.00 1.60 -11.39
C PHE C 778 -50.67 0.52 -12.21
N SER C 779 -51.78 0.85 -12.88
CA SER C 779 -52.50 -0.14 -13.65
C SER C 779 -53.00 0.46 -14.94
N PHE C 780 -52.84 -0.27 -16.05
CA PHE C 780 -53.24 0.17 -17.36
C PHE C 780 -54.22 -0.86 -17.92
N SER C 781 -55.35 -0.38 -18.46
CA SER C 781 -56.34 -1.24 -19.12
C SER C 781 -57.25 -0.35 -19.93
N GLY C 782 -57.71 -0.82 -21.07
CA GLY C 782 -58.64 -0.07 -21.90
C GLY C 782 -58.30 1.39 -22.05
N SER C 783 -57.10 1.63 -22.56
CA SER C 783 -56.61 2.98 -22.86
C SER C 783 -56.62 3.98 -21.67
N THR C 784 -56.53 3.50 -20.40
CA THR C 784 -56.46 4.38 -19.24
C THR C 784 -55.39 3.87 -18.24
N LEU C 785 -54.51 4.77 -17.74
CA LEU C 785 -53.46 4.48 -16.77
C LEU C 785 -53.92 5.06 -15.43
N VAL C 786 -53.87 4.25 -14.35
CA VAL C 786 -54.35 4.66 -13.04
C VAL C 786 -53.30 4.48 -11.95
N SER C 787 -53.15 5.48 -11.08
CA SER C 787 -52.35 5.34 -9.88
C SER C 787 -53.31 5.25 -8.72
N SER C 788 -53.17 4.21 -7.88
CA SER C 788 -53.95 4.02 -6.66
C SER C 788 -53.03 3.52 -5.52
N SER C 789 -53.51 3.57 -4.28
CA SER C 789 -52.71 3.08 -3.16
C SER C 789 -52.77 1.55 -3.10
N ALA C 790 -51.61 0.89 -2.94
CA ALA C 790 -51.51 -0.56 -2.74
C ALA C 790 -51.44 -0.86 -1.25
N ASP C 791 -51.25 0.18 -0.38
CA ASP C 791 -51.25 0.03 1.09
C ASP C 791 -51.63 1.38 1.71
N PRO C 792 -52.93 1.56 2.03
CA PRO C 792 -53.36 2.87 2.56
C PRO C 792 -52.82 3.28 3.94
N LYS C 793 -52.19 2.36 4.67
CA LYS C 793 -51.57 2.69 5.96
C LYS C 793 -50.33 3.60 5.74
N GLY C 794 -49.74 3.54 4.55
CA GLY C 794 -48.59 4.33 4.19
C GLY C 794 -48.86 5.75 3.76
N HIS C 795 -48.24 6.70 4.46
CA HIS C 795 -48.34 8.14 4.15
CA HIS C 795 -48.34 8.13 4.15
C HIS C 795 -46.91 8.72 4.16
N LEU C 796 -46.58 9.59 3.20
CA LEU C 796 -45.25 10.15 3.14
C LEU C 796 -45.25 11.52 2.54
N GLU C 797 -44.60 12.46 3.19
CA GLU C 797 -44.44 13.78 2.62
C GLU C 797 -43.22 13.66 1.71
N THR C 798 -43.40 13.87 0.41
CA THR C 798 -42.33 13.76 -0.56
C THR C 798 -42.51 14.73 -1.69
N PRO C 799 -41.41 15.28 -2.24
CA PRO C 799 -41.53 16.11 -3.43
C PRO C 799 -41.60 15.29 -4.75
N ILE C 800 -41.44 13.96 -4.70
CA ILE C 800 -41.41 13.12 -5.89
C ILE C 800 -42.70 13.28 -6.69
N TRP C 801 -42.53 13.49 -8.00
CA TRP C 801 -43.63 13.64 -8.95
C TRP C 801 -43.39 12.78 -10.17
N ILE C 802 -44.43 12.61 -11.00
CA ILE C 802 -44.29 11.85 -12.25
C ILE C 802 -43.90 12.86 -13.31
N GLU C 803 -42.74 12.68 -13.91
CA GLU C 803 -42.35 13.58 -14.99
C GLU C 803 -42.62 13.06 -16.35
N ARG C 804 -42.85 11.76 -16.51
CA ARG C 804 -42.98 11.18 -17.85
C ARG C 804 -43.56 9.78 -17.80
N VAL C 805 -44.27 9.37 -18.87
CA VAL C 805 -44.80 8.02 -19.04
C VAL C 805 -44.41 7.57 -20.42
N VAL C 806 -43.81 6.38 -20.53
CA VAL C 806 -43.38 5.81 -21.80
C VAL C 806 -44.22 4.54 -21.98
N ILE C 807 -45.06 4.48 -23.02
CA ILE C 807 -45.92 3.33 -23.25
C ILE C 807 -45.47 2.60 -24.50
N MET C 808 -45.06 1.34 -24.34
CA MET C 808 -44.62 0.48 -25.44
C MET C 808 -45.79 -0.39 -25.86
N GLY C 809 -46.07 -0.41 -27.17
CA GLY C 809 -47.17 -1.15 -27.77
C GLY C 809 -48.44 -0.35 -27.89
N ALA C 810 -48.35 0.98 -27.92
CA ALA C 810 -49.51 1.86 -28.00
C ALA C 810 -49.62 2.54 -29.35
N GLY C 811 -50.86 2.73 -29.79
CA GLY C 811 -51.17 3.45 -31.01
C GLY C 811 -51.15 4.95 -30.72
N LYS C 812 -51.27 5.80 -31.76
CA LYS C 812 -51.28 7.24 -31.55
C LYS C 812 -52.66 7.71 -31.06
N PRO C 813 -52.78 8.33 -29.87
CA PRO C 813 -54.09 8.85 -29.44
C PRO C 813 -54.41 10.22 -30.08
N ALA C 814 -55.68 10.63 -30.06
CA ALA C 814 -56.06 11.94 -30.55
C ALA C 814 -55.89 12.96 -29.43
N ALA C 815 -56.07 12.52 -28.20
CA ALA C 815 -55.95 13.41 -27.06
C ALA C 815 -55.47 12.66 -25.84
N VAL C 816 -54.79 13.37 -24.94
CA VAL C 816 -54.39 12.81 -23.66
C VAL C 816 -54.90 13.73 -22.56
N VAL C 817 -55.73 13.19 -21.67
CA VAL C 817 -56.30 14.00 -20.58
C VAL C 817 -55.90 13.42 -19.23
N LEU C 818 -55.53 14.30 -18.31
CA LEU C 818 -55.09 13.97 -16.97
C LEU C 818 -56.14 14.40 -15.97
N GLN C 819 -56.44 13.56 -14.99
CA GLN C 819 -57.33 13.95 -13.90
C GLN C 819 -56.82 13.42 -12.57
N THR C 820 -56.81 14.28 -11.56
CA THR C 820 -56.35 14.01 -10.20
C THR C 820 -57.17 14.77 -9.20
N LYS C 821 -57.50 14.13 -8.05
CA LYS C 821 -58.33 14.74 -7.02
C LYS C 821 -57.69 16.03 -6.53
N GLY C 822 -58.47 17.09 -6.47
CA GLY C 822 -58.00 18.40 -6.02
C GLY C 822 -57.54 19.32 -7.12
N SER C 823 -57.62 18.88 -8.38
CA SER C 823 -57.22 19.67 -9.56
C SER C 823 -58.23 19.54 -10.68
N PRO C 824 -58.28 20.56 -11.56
CA PRO C 824 -59.14 20.44 -12.74
C PRO C 824 -58.46 19.50 -13.73
N GLU C 825 -59.24 19.01 -14.66
CA GLU C 825 -58.79 18.14 -15.73
C GLU C 825 -57.85 18.93 -16.66
N SER C 826 -56.66 18.37 -17.00
CA SER C 826 -55.75 19.06 -17.92
C SER C 826 -55.41 18.18 -19.13
N ARG C 827 -54.84 18.83 -20.15
CA ARG C 827 -54.45 18.15 -21.36
C ARG C 827 -52.92 17.99 -21.33
N LEU C 828 -52.40 16.91 -21.94
CA LEU C 828 -50.97 16.60 -21.94
C LEU C 828 -50.39 16.51 -23.35
N SER C 829 -49.19 17.07 -23.60
CA SER C 829 -48.53 16.97 -24.89
C SER C 829 -47.91 15.56 -24.98
N PHE C 830 -47.75 15.06 -26.20
CA PHE C 830 -47.21 13.72 -26.41
C PHE C 830 -46.47 13.59 -27.71
N GLN C 831 -45.65 12.55 -27.80
CA GLN C 831 -44.85 12.22 -28.96
C GLN C 831 -45.10 10.75 -29.21
N HIS C 832 -45.17 10.33 -30.49
CA HIS C 832 -45.41 8.94 -30.84
C HIS C 832 -44.56 8.50 -32.03
N ASP C 833 -43.90 7.34 -31.91
CA ASP C 833 -43.09 6.76 -32.97
C ASP C 833 -43.93 5.65 -33.60
N PRO C 834 -44.40 5.81 -34.85
CA PRO C 834 -45.24 4.76 -35.46
C PRO C 834 -44.50 3.47 -35.81
N GLU C 835 -43.18 3.54 -35.99
CA GLU C 835 -42.35 2.36 -36.29
C GLU C 835 -42.33 1.38 -35.09
N THR C 836 -42.09 1.90 -33.88
CA THR C 836 -42.01 1.11 -32.64
C THR C 836 -43.29 1.08 -31.82
N SER C 837 -44.28 1.94 -32.12
CA SER C 837 -45.51 2.04 -31.34
C SER C 837 -45.16 2.45 -29.87
N VAL C 838 -44.29 3.46 -29.74
CA VAL C 838 -43.89 3.99 -28.46
C VAL C 838 -44.51 5.36 -28.35
N LEU C 839 -45.23 5.58 -27.25
CA LEU C 839 -45.92 6.82 -26.94
C LEU C 839 -45.26 7.41 -25.70
N ILE C 840 -44.86 8.67 -25.76
CA ILE C 840 -44.25 9.36 -24.62
C ILE C 840 -45.22 10.47 -24.22
N LEU C 841 -45.68 10.47 -22.98
CA LEU C 841 -46.57 11.49 -22.42
C LEU C 841 -45.70 12.48 -21.60
N ARG C 842 -45.72 13.74 -22.02
CA ARG C 842 -44.92 14.81 -21.42
C ARG C 842 -45.44 15.31 -20.09
N LYS C 843 -44.57 15.35 -19.09
CA LYS C 843 -44.76 16.04 -17.83
C LYS C 843 -46.18 15.95 -17.20
N PRO C 844 -46.68 14.77 -16.80
CA PRO C 844 -47.94 14.74 -16.04
C PRO C 844 -47.96 15.72 -14.86
N GLY C 845 -46.83 15.89 -14.17
CA GLY C 845 -46.68 16.89 -13.10
C GLY C 845 -47.38 16.61 -11.78
N VAL C 846 -47.83 15.38 -11.60
CA VAL C 846 -48.59 14.98 -10.45
C VAL C 846 -47.71 14.33 -9.39
N SER C 847 -48.06 14.53 -8.11
CA SER C 847 -47.36 13.92 -7.00
C SER C 847 -47.52 12.42 -7.04
N VAL C 848 -46.44 11.70 -6.70
CA VAL C 848 -46.48 10.24 -6.62
C VAL C 848 -47.41 9.76 -5.45
N ALA C 849 -47.65 10.62 -4.47
CA ALA C 849 -48.50 10.31 -3.31
C ALA C 849 -50.00 10.42 -3.65
N SER C 850 -50.37 11.00 -4.81
CA SER C 850 -51.75 11.20 -5.22
C SER C 850 -52.32 10.14 -6.11
N ASP C 851 -53.65 9.93 -5.99
CA ASP C 851 -54.37 9.11 -6.96
C ASP C 851 -54.56 9.95 -8.22
N TRP C 852 -54.41 9.32 -9.40
CA TRP C 852 -54.57 10.01 -10.69
C TRP C 852 -54.90 9.04 -11.79
N SER C 853 -55.39 9.58 -12.94
CA SER C 853 -55.76 8.83 -14.15
C SER C 853 -55.36 9.56 -15.40
N ILE C 854 -54.81 8.85 -16.36
CA ILE C 854 -54.47 9.40 -17.68
C ILE C 854 -55.28 8.60 -18.69
N HIS C 855 -56.12 9.31 -19.51
CA HIS C 855 -56.97 8.70 -20.53
C HIS C 855 -56.49 9.07 -21.90
N LEU C 856 -56.42 8.06 -22.75
CA LEU C 856 -56.02 8.08 -24.19
C LEU C 856 -57.26 7.53 -24.94
N ARG C 857 -58.00 8.20 -25.80
CA ARG C 857 -57.87 9.51 -26.42
C ARG C 857 -58.88 10.48 -25.74
N LYS D 1 -40.13 35.84 -27.34
CA LYS D 1 -41.20 35.09 -26.68
C LYS D 1 -40.93 33.55 -26.85
N PRO D 2 -41.24 32.85 -27.99
CA PRO D 2 -40.90 31.41 -28.07
C PRO D 2 -39.39 31.11 -28.02
N PHE D 3 -39.05 29.88 -27.63
CA PHE D 3 -37.65 29.48 -27.51
C PHE D 3 -37.27 28.52 -28.61
N THR D 4 -36.18 28.79 -29.33
CA THR D 4 -35.68 27.88 -30.36
C THR D 4 -34.41 27.27 -29.81
N CYS D 5 -34.35 25.92 -29.82
CA CYS D 5 -33.18 25.19 -29.33
C CYS D 5 -31.93 25.65 -30.08
N LEU D 6 -30.81 25.85 -29.35
CA LEU D 6 -29.52 26.28 -29.91
C LEU D 6 -29.01 25.32 -31.07
N ASP D 7 -29.55 24.07 -31.16
CA ASP D 7 -29.26 23.13 -32.24
C ASP D 7 -30.25 23.25 -33.45
N GLY D 8 -31.42 23.88 -33.23
CA GLY D 8 -32.45 24.04 -34.25
C GLY D 8 -33.34 22.81 -34.44
N THR D 9 -33.27 21.82 -33.54
CA THR D 9 -34.07 20.60 -33.63
C THR D 9 -35.54 20.82 -33.31
N ALA D 10 -35.88 21.95 -32.67
CA ALA D 10 -37.26 22.29 -32.32
C ALA D 10 -37.37 23.71 -31.80
N THR D 11 -38.62 24.19 -31.74
CA THR D 11 -39.02 25.48 -31.17
C THR D 11 -40.19 25.14 -30.25
N ILE D 12 -40.20 25.74 -29.06
CA ILE D 12 -41.20 25.44 -28.03
C ILE D 12 -41.78 26.72 -27.44
N PRO D 13 -42.94 26.63 -26.75
CA PRO D 13 -43.48 27.84 -26.11
C PRO D 13 -42.58 28.35 -25.00
N PHE D 14 -42.55 29.67 -24.85
CA PHE D 14 -41.80 30.42 -23.84
C PHE D 14 -41.80 29.78 -22.41
N ASP D 15 -42.96 29.20 -21.98
CA ASP D 15 -43.10 28.64 -20.62
C ASP D 15 -42.50 27.21 -20.44
N GLN D 16 -41.89 26.64 -21.50
CA GLN D 16 -41.17 25.37 -21.45
C GLN D 16 -39.65 25.59 -21.24
N VAL D 17 -39.23 26.85 -20.98
CA VAL D 17 -37.87 27.22 -20.63
C VAL D 17 -37.80 27.18 -19.09
N ASN D 18 -36.91 26.35 -18.52
CA ASN D 18 -36.76 26.17 -17.07
C ASN D 18 -38.04 25.72 -16.39
N ASP D 19 -38.73 24.76 -17.01
CA ASP D 19 -39.99 24.22 -16.44
C ASP D 19 -39.74 22.87 -15.77
N ASP D 20 -38.45 22.50 -15.58
CA ASP D 20 -38.07 21.26 -14.96
C ASP D 20 -38.51 20.01 -15.76
N TYR D 21 -38.54 20.13 -17.08
CA TYR D 21 -38.81 19.03 -18.00
C TYR D 21 -37.96 19.30 -19.23
N CYS D 22 -37.22 18.29 -19.72
CA CYS D 22 -36.34 18.47 -20.86
C CYS D 22 -37.04 18.39 -22.22
N ASP D 23 -37.04 19.52 -22.97
CA ASP D 23 -37.71 19.61 -24.28
C ASP D 23 -36.73 19.68 -25.48
N CYS D 24 -35.47 20.11 -25.29
CA CYS D 24 -34.48 20.22 -26.34
C CYS D 24 -33.44 19.08 -26.22
N LYS D 25 -33.02 18.49 -27.37
CA LYS D 25 -32.03 17.39 -27.37
C LYS D 25 -30.64 17.85 -26.93
N ASP D 26 -30.33 19.16 -27.03
CA ASP D 26 -29.06 19.68 -26.54
C ASP D 26 -29.09 20.19 -25.09
N GLY D 27 -30.29 20.24 -24.50
CA GLY D 27 -30.50 20.67 -23.13
C GLY D 27 -30.52 22.16 -22.92
N SER D 28 -30.67 22.92 -24.01
CA SER D 28 -30.64 24.38 -24.01
C SER D 28 -31.88 25.08 -23.42
N ASP D 29 -33.03 24.36 -23.26
CA ASP D 29 -34.24 24.96 -22.65
C ASP D 29 -34.25 24.90 -21.14
N GLU D 30 -33.36 24.07 -20.52
CA GLU D 30 -33.28 23.90 -19.07
C GLU D 30 -31.90 24.31 -18.52
N PRO D 31 -31.42 25.57 -18.74
CA PRO D 31 -30.11 25.97 -18.21
C PRO D 31 -30.04 26.15 -16.70
N GLY D 32 -31.19 26.32 -16.05
CA GLY D 32 -31.27 26.57 -14.63
C GLY D 32 -31.73 25.44 -13.76
N THR D 33 -32.03 24.25 -14.34
CA THR D 33 -32.54 23.10 -13.59
C THR D 33 -31.68 21.85 -13.89
N ALA D 34 -32.05 20.73 -13.26
CA ALA D 34 -31.40 19.42 -13.43
C ALA D 34 -32.18 18.53 -14.39
N ALA D 35 -33.05 19.10 -15.24
CA ALA D 35 -33.96 18.28 -16.05
C ALA D 35 -33.35 17.60 -17.24
N CYS D 36 -32.32 18.21 -17.87
CA CYS D 36 -31.72 17.63 -19.08
C CYS D 36 -30.45 16.81 -18.77
N PRO D 37 -30.31 15.63 -19.41
CA PRO D 37 -29.13 14.80 -19.16
C PRO D 37 -27.80 15.35 -19.71
N ASN D 38 -27.85 16.27 -20.67
CA ASN D 38 -26.66 16.83 -21.29
C ASN D 38 -26.60 18.38 -21.19
N GLY D 39 -27.31 18.92 -20.22
CA GLY D 39 -27.31 20.37 -20.03
C GLY D 39 -26.12 20.83 -19.23
N SER D 40 -26.00 22.14 -19.07
CA SER D 40 -24.96 22.76 -18.27
C SER D 40 -25.55 23.90 -17.47
N PHE D 41 -25.00 24.11 -16.29
CA PHE D 41 -25.38 25.19 -15.40
C PHE D 41 -24.16 26.09 -15.28
N HIS D 42 -24.36 27.40 -15.40
CA HIS D 42 -23.28 28.38 -15.33
C HIS D 42 -23.09 28.92 -13.91
N CYS D 43 -21.87 28.72 -13.38
CA CYS D 43 -21.45 29.24 -12.07
C CYS D 43 -20.85 30.58 -12.39
N THR D 44 -21.54 31.66 -12.04
CA THR D 44 -20.99 32.99 -12.34
C THR D 44 -19.69 33.24 -11.52
N ASN D 45 -19.57 32.65 -10.30
CA ASN D 45 -18.39 32.73 -9.43
C ASN D 45 -17.81 34.14 -9.39
N THR D 46 -18.67 35.14 -9.07
CA THR D 46 -18.28 36.56 -9.07
C THR D 46 -17.00 36.76 -8.23
N GLY D 47 -15.96 37.29 -8.86
CA GLY D 47 -14.67 37.50 -8.20
C GLY D 47 -13.72 36.33 -8.31
N TYR D 48 -13.92 35.48 -9.33
CA TYR D 48 -13.14 34.27 -9.56
C TYR D 48 -13.53 33.75 -10.96
N LYS D 49 -12.71 32.90 -11.59
CA LYS D 49 -13.00 32.34 -12.92
C LYS D 49 -14.37 31.64 -12.97
N PRO D 50 -15.25 31.96 -13.96
CA PRO D 50 -16.56 31.25 -14.03
C PRO D 50 -16.36 29.82 -14.51
N LEU D 51 -17.29 28.94 -14.11
CA LEU D 51 -17.24 27.50 -14.37
C LEU D 51 -18.63 27.05 -14.83
N TYR D 52 -18.66 26.00 -15.64
CA TYR D 52 -19.91 25.37 -16.04
C TYR D 52 -19.89 23.99 -15.40
N ILE D 53 -21.03 23.52 -14.92
CA ILE D 53 -21.13 22.19 -14.33
C ILE D 53 -22.19 21.42 -15.06
N LEU D 54 -22.24 20.11 -14.83
CA LEU D 54 -23.29 19.27 -15.41
C LEU D 54 -24.64 19.69 -14.80
N SER D 55 -25.71 19.67 -15.60
CA SER D 55 -27.05 19.94 -15.09
C SER D 55 -27.46 18.98 -13.95
N SER D 56 -26.97 17.71 -13.96
CA SER D 56 -27.30 16.75 -12.90
C SER D 56 -26.76 17.16 -11.56
N ARG D 57 -25.89 18.22 -11.52
CA ARG D 57 -25.32 18.74 -10.27
C ARG D 57 -26.02 20.00 -9.76
N VAL D 58 -27.17 20.36 -10.38
CA VAL D 58 -27.96 21.49 -9.89
C VAL D 58 -28.95 20.86 -8.91
N ASN D 59 -28.94 21.36 -7.67
CA ASN D 59 -29.79 20.88 -6.58
C ASN D 59 -29.63 19.41 -6.27
N ASP D 60 -28.36 18.94 -6.26
CA ASP D 60 -28.04 17.56 -5.89
C ASP D 60 -27.67 17.46 -4.42
N GLY D 61 -27.67 18.59 -3.71
CA GLY D 61 -27.26 18.68 -2.30
C GLY D 61 -25.76 18.81 -2.08
N VAL D 62 -24.98 18.92 -3.16
CA VAL D 62 -23.53 19.04 -3.11
C VAL D 62 -23.16 20.43 -3.64
N CYS D 63 -22.23 21.10 -2.96
CA CYS D 63 -21.79 22.44 -3.37
C CYS D 63 -20.77 22.33 -4.52
N ASP D 64 -21.18 22.57 -5.78
CA ASP D 64 -20.32 22.51 -6.97
C ASP D 64 -19.74 23.85 -7.38
N CYS D 65 -20.52 24.93 -7.31
CA CYS D 65 -20.03 26.26 -7.68
C CYS D 65 -19.38 26.88 -6.43
N CYS D 66 -18.24 27.61 -6.53
CA CYS D 66 -17.72 28.29 -5.32
C CYS D 66 -18.75 29.34 -4.77
N ASP D 67 -19.59 29.95 -5.66
CA ASP D 67 -20.65 30.90 -5.25
C ASP D 67 -21.90 30.25 -4.61
N GLY D 68 -22.02 28.93 -4.73
CA GLY D 68 -23.13 28.17 -4.18
C GLY D 68 -24.46 28.28 -4.89
N THR D 69 -24.48 28.89 -6.11
CA THR D 69 -25.71 29.14 -6.86
C THR D 69 -26.35 27.88 -7.44
N ASP D 70 -25.61 26.77 -7.53
CA ASP D 70 -26.15 25.50 -8.04
C ASP D 70 -27.13 24.86 -7.03
N GLU D 71 -27.05 25.24 -5.76
CA GLU D 71 -27.91 24.72 -4.71
C GLU D 71 -28.84 25.82 -4.23
N TYR D 72 -30.03 25.89 -4.84
CA TYR D 72 -31.00 26.93 -4.53
C TYR D 72 -32.34 26.40 -3.97
N ASN D 73 -32.62 25.10 -4.11
CA ASN D 73 -33.84 24.47 -3.62
C ASN D 73 -33.57 22.99 -3.26
N SER D 74 -32.45 22.71 -2.58
CA SER D 74 -32.10 21.34 -2.20
C SER D 74 -32.08 21.05 -0.70
N GLY D 75 -32.00 22.09 0.13
CA GLY D 75 -31.80 21.91 1.57
C GLY D 75 -30.35 22.10 1.98
N THR D 76 -29.40 21.97 1.04
CA THR D 76 -28.00 22.24 1.35
C THR D 76 -27.82 23.74 1.13
N VAL D 77 -27.32 24.45 2.16
CA VAL D 77 -27.03 25.88 2.07
C VAL D 77 -25.54 25.97 1.90
N CYS D 78 -25.12 26.42 0.72
CA CYS D 78 -23.72 26.53 0.37
C CYS D 78 -23.18 27.90 0.73
N GLU D 79 -21.95 27.94 1.24
CA GLU D 79 -21.28 29.19 1.59
C GLU D 79 -20.48 29.65 0.39
N ASN D 80 -20.22 30.98 0.30
CA ASN D 80 -19.39 31.51 -0.79
C ASN D 80 -17.93 31.25 -0.44
N THR D 81 -17.24 30.48 -1.31
CA THR D 81 -15.84 30.10 -1.09
C THR D 81 -14.93 30.60 -2.21
N CYS D 82 -15.34 31.62 -2.97
CA CYS D 82 -14.51 32.08 -4.09
C CYS D 82 -13.24 32.86 -3.65
N ARG D 83 -13.26 33.45 -2.42
CA ARG D 83 -12.16 34.19 -1.79
C ARG D 83 -11.81 35.49 -2.53
#